data_3FPR
# 
_entry.id   3FPR 
# 
_audit_conform.dict_name       mmcif_pdbx.dic 
_audit_conform.dict_version    5.397 
_audit_conform.dict_location   http://mmcif.pdb.org/dictionaries/ascii/mmcif_pdbx.dic 
# 
loop_
_database_2.database_id 
_database_2.database_code 
_database_2.pdbx_database_accession 
_database_2.pdbx_DOI 
PDB   3FPR         pdb_00003fpr 10.2210/pdb3fpr/pdb 
RCSB  RCSB050889   ?            ?                   
WWPDB D_1000050889 ?            ?                   
# 
loop_
_pdbx_audit_revision_history.ordinal 
_pdbx_audit_revision_history.data_content_type 
_pdbx_audit_revision_history.major_revision 
_pdbx_audit_revision_history.minor_revision 
_pdbx_audit_revision_history.revision_date 
1 'Structure model' 1 0 2010-01-12 
2 'Structure model' 1 1 2011-07-13 
3 'Structure model' 1 2 2024-10-16 
# 
_pdbx_audit_revision_details.ordinal             1 
_pdbx_audit_revision_details.revision_ordinal    1 
_pdbx_audit_revision_details.data_content_type   'Structure model' 
_pdbx_audit_revision_details.provider            repository 
_pdbx_audit_revision_details.type                'Initial release' 
_pdbx_audit_revision_details.description         ? 
_pdbx_audit_revision_details.details             ? 
# 
loop_
_pdbx_audit_revision_group.ordinal 
_pdbx_audit_revision_group.revision_ordinal 
_pdbx_audit_revision_group.data_content_type 
_pdbx_audit_revision_group.group 
1 2 'Structure model' 'Version format compliance' 
2 3 'Structure model' 'Data collection'           
3 3 'Structure model' 'Database references'       
4 3 'Structure model' 'Structure summary'         
# 
loop_
_pdbx_audit_revision_category.ordinal 
_pdbx_audit_revision_category.revision_ordinal 
_pdbx_audit_revision_category.data_content_type 
_pdbx_audit_revision_category.category 
1 3 'Structure model' chem_comp_atom            
2 3 'Structure model' chem_comp_bond            
3 3 'Structure model' database_2                
4 3 'Structure model' pdbx_entry_details        
5 3 'Structure model' pdbx_modification_feature 
6 3 'Structure model' struct_ref_seq_dif        
# 
loop_
_pdbx_audit_revision_item.ordinal 
_pdbx_audit_revision_item.revision_ordinal 
_pdbx_audit_revision_item.data_content_type 
_pdbx_audit_revision_item.item 
1 3 'Structure model' '_database_2.pdbx_DOI'                
2 3 'Structure model' '_database_2.pdbx_database_accession' 
3 3 'Structure model' '_struct_ref_seq_dif.details'         
# 
_pdbx_database_status.status_code                     REL 
_pdbx_database_status.entry_id                        3FPR 
_pdbx_database_status.recvd_initial_deposition_date   2009-01-06 
_pdbx_database_status.deposit_site                    RCSB 
_pdbx_database_status.process_site                    PDBJ 
_pdbx_database_status.status_code_sf                  REL 
_pdbx_database_status.status_code_mr                  ? 
_pdbx_database_status.SG_entry                        ? 
_pdbx_database_status.pdb_format_compatible           Y 
_pdbx_database_status.status_code_cs                  ? 
_pdbx_database_status.status_code_nmr_data            ? 
_pdbx_database_status.methods_development_category    ? 
# 
loop_
_pdbx_database_related.db_name 
_pdbx_database_related.db_id 
_pdbx_database_related.details 
_pdbx_database_related.content_type 
PDB 3FPT 'Uncomplexed Glycosylated Evasin-1' unspecified 
PDB 3FPU 'Complex between Evasin-1 and CCL3' unspecified 
# 
loop_
_audit_author.name 
_audit_author.pdbx_ordinal 
'Dias, J.M.' 1 
'Shaw, J.P.' 2 
# 
loop_
_citation.id 
_citation.title 
_citation.journal_abbrev 
_citation.journal_volume 
_citation.page_first 
_citation.page_last 
_citation.year 
_citation.journal_id_ASTM 
_citation.country 
_citation.journal_id_ISSN 
_citation.journal_id_CSD 
_citation.book_publisher 
_citation.pdbx_database_id_PubMed 
_citation.pdbx_database_id_DOI 
primary 
;Structural basis of chemokine sequestration by a tick chemokine binding protein: the crystal structure of the complex between Evasin-1 and CCL3
;
'Plos One'   4   ?     ?     2009 ?      US 1932-6203 ?    ? 20041127 10.1371/journal.pone.0008514 
1       
'Molecular cloning and characterization of a highly selective chemokine-binding protein from the tick Rhipicephalus sanguineus.' 
J.Biol.Chem. 282 27250 27258 2007 JBCHA3 US 0021-9258 0071 ? 17640866 10.1074/jbc.M704706200       
2       'Ticks produce highly selective chemokine binding proteins with antiinflammatory activity' J.Exp.Med.   205 2019  2031  
2008 JEMEAV US 0022-1007 0774 ? 18678732 10.1084/jem.20072689         
# 
loop_
_citation_author.citation_id 
_citation_author.name 
_citation_author.ordinal 
_citation_author.identifier_ORCID 
primary 'Dias, J.M.'        1  ? 
primary 'Losberger, C.'     2  ? 
primary 'Deruaz, M.'        3  ? 
primary 'Power, C.A.'       4  ? 
primary 'Proudfoot, A.E.I.' 5  ? 
primary 'Shaw, J.P.'        6  ? 
1       'Frauenschuh, A.'   7  ? 
1       'Power, C.A.'       8  ? 
1       'Deruaz, M.'        9  ? 
1       'Ferreira, B.R.'    10 ? 
1       'Silva, J.S.'       11 ? 
1       'Teixeira, M.M.'    12 ? 
1       'Dias, J.M.'        13 ? 
1       'Martin, T.'        14 ? 
1       'Wells, T.N.C.'     15 ? 
1       'Proudfoot, A.E.I.' 16 ? 
2       'Deruaz, M.'        17 ? 
2       'Frauenschuh, A.'   18 ? 
2       'Alessandri, A.L.'  19 ? 
2       'Dias, J.M.'        20 ? 
2       'Coelho, F.M.'      21 ? 
2       'Russo, R.C.'       22 ? 
2       'Ferreira, B.R.'    23 ? 
2       'Graham, G.J.'      24 ? 
2       'Shaw, J.P.'        25 ? 
2       'Wells, T.N.C.'     26 ? 
2       'Teixeira, M.M.'    27 ? 
2       'Power, C.A.'       28 ? 
2       'Proudfoot, A.E.I.' 29 ? 
# 
loop_
_entity.id 
_entity.type 
_entity.src_method 
_entity.pdbx_description 
_entity.formula_weight 
_entity.pdbx_number_of_molecules 
_entity.pdbx_ec 
_entity.pdbx_mutation 
_entity.pdbx_fragment 
_entity.details 
1 polymer man Evasin-1 11306.446 2   ? ? ? ? 
2 water   nat water    18.015    188 ? ? ? ? 
# 
_entity_poly.entity_id                      1 
_entity_poly.type                           'polypeptide(L)' 
_entity_poly.nstd_linkage                   no 
_entity_poly.nstd_monomer                   no 
_entity_poly.pdbx_seq_one_letter_code       
;EDDEDYGDLGGCPFLVAENKTGYPTIVACKQDCNGTTETAPNGTRCFSIGDEGLRRMTANLPYDCPLGQCSNGDCIPKET
YEVCYRRNWRDKKNHHHHHH
;
_entity_poly.pdbx_seq_one_letter_code_can   
;EDDEDYGDLGGCPFLVAENKTGYPTIVACKQDCNGTTETAPNGTRCFSIGDEGLRRMTANLPYDCPLGQCSNGDCIPKET
YEVCYRRNWRDKKNHHHHHH
;
_entity_poly.pdbx_strand_id                 A,D 
_entity_poly.pdbx_target_identifier         ? 
# 
_pdbx_entity_nonpoly.entity_id   2 
_pdbx_entity_nonpoly.name        water 
_pdbx_entity_nonpoly.comp_id     HOH 
# 
loop_
_entity_poly_seq.entity_id 
_entity_poly_seq.num 
_entity_poly_seq.mon_id 
_entity_poly_seq.hetero 
1 1   GLU n 
1 2   ASP n 
1 3   ASP n 
1 4   GLU n 
1 5   ASP n 
1 6   TYR n 
1 7   GLY n 
1 8   ASP n 
1 9   LEU n 
1 10  GLY n 
1 11  GLY n 
1 12  CYS n 
1 13  PRO n 
1 14  PHE n 
1 15  LEU n 
1 16  VAL n 
1 17  ALA n 
1 18  GLU n 
1 19  ASN n 
1 20  LYS n 
1 21  THR n 
1 22  GLY n 
1 23  TYR n 
1 24  PRO n 
1 25  THR n 
1 26  ILE n 
1 27  VAL n 
1 28  ALA n 
1 29  CYS n 
1 30  LYS n 
1 31  GLN n 
1 32  ASP n 
1 33  CYS n 
1 34  ASN n 
1 35  GLY n 
1 36  THR n 
1 37  THR n 
1 38  GLU n 
1 39  THR n 
1 40  ALA n 
1 41  PRO n 
1 42  ASN n 
1 43  GLY n 
1 44  THR n 
1 45  ARG n 
1 46  CYS n 
1 47  PHE n 
1 48  SER n 
1 49  ILE n 
1 50  GLY n 
1 51  ASP n 
1 52  GLU n 
1 53  GLY n 
1 54  LEU n 
1 55  ARG n 
1 56  ARG n 
1 57  MET n 
1 58  THR n 
1 59  ALA n 
1 60  ASN n 
1 61  LEU n 
1 62  PRO n 
1 63  TYR n 
1 64  ASP n 
1 65  CYS n 
1 66  PRO n 
1 67  LEU n 
1 68  GLY n 
1 69  GLN n 
1 70  CYS n 
1 71  SER n 
1 72  ASN n 
1 73  GLY n 
1 74  ASP n 
1 75  CYS n 
1 76  ILE n 
1 77  PRO n 
1 78  LYS n 
1 79  GLU n 
1 80  THR n 
1 81  TYR n 
1 82  GLU n 
1 83  VAL n 
1 84  CYS n 
1 85  TYR n 
1 86  ARG n 
1 87  ARG n 
1 88  ASN n 
1 89  TRP n 
1 90  ARG n 
1 91  ASP n 
1 92  LYS n 
1 93  LYS n 
1 94  ASN n 
1 95  HIS n 
1 96  HIS n 
1 97  HIS n 
1 98  HIS n 
1 99  HIS n 
1 100 HIS n 
# 
_entity_src_gen.entity_id                          1 
_entity_src_gen.pdbx_src_id                        1 
_entity_src_gen.pdbx_alt_source_flag               sample 
_entity_src_gen.pdbx_seq_type                      ? 
_entity_src_gen.pdbx_beg_seq_num                   ? 
_entity_src_gen.pdbx_end_seq_num                   ? 
_entity_src_gen.gene_src_common_name               'Brown dog tick' 
_entity_src_gen.gene_src_genus                     ? 
_entity_src_gen.pdbx_gene_src_gene                 ? 
_entity_src_gen.gene_src_species                   ? 
_entity_src_gen.gene_src_strain                    ? 
_entity_src_gen.gene_src_tissue                    ? 
_entity_src_gen.gene_src_tissue_fraction           ? 
_entity_src_gen.gene_src_details                   ? 
_entity_src_gen.pdbx_gene_src_fragment             ? 
_entity_src_gen.pdbx_gene_src_scientific_name      'Rhipicephalus sanguineus' 
_entity_src_gen.pdbx_gene_src_ncbi_taxonomy_id     34632 
_entity_src_gen.pdbx_gene_src_variant              ? 
_entity_src_gen.pdbx_gene_src_cell_line            ? 
_entity_src_gen.pdbx_gene_src_atcc                 ? 
_entity_src_gen.pdbx_gene_src_organ                ? 
_entity_src_gen.pdbx_gene_src_organelle            ? 
_entity_src_gen.pdbx_gene_src_cell                 ? 
_entity_src_gen.pdbx_gene_src_cellular_location    ? 
_entity_src_gen.host_org_common_name               ? 
_entity_src_gen.pdbx_host_org_scientific_name      'Spodoptera frugiperda' 
_entity_src_gen.pdbx_host_org_ncbi_taxonomy_id     7108 
_entity_src_gen.host_org_genus                     ? 
_entity_src_gen.pdbx_host_org_gene                 ? 
_entity_src_gen.pdbx_host_org_organ                ? 
_entity_src_gen.host_org_species                   ? 
_entity_src_gen.pdbx_host_org_tissue               ? 
_entity_src_gen.pdbx_host_org_tissue_fraction      ? 
_entity_src_gen.pdbx_host_org_strain               Tn5 
_entity_src_gen.pdbx_host_org_variant              ? 
_entity_src_gen.pdbx_host_org_cell_line            ? 
_entity_src_gen.pdbx_host_org_atcc                 ? 
_entity_src_gen.pdbx_host_org_culture_collection   ? 
_entity_src_gen.pdbx_host_org_cell                 ? 
_entity_src_gen.pdbx_host_org_organelle            ? 
_entity_src_gen.pdbx_host_org_cellular_location    ? 
_entity_src_gen.pdbx_host_org_vector_type          baculovirus 
_entity_src_gen.pdbx_host_org_vector               ? 
_entity_src_gen.host_org_details                   ? 
_entity_src_gen.expression_system_id               ? 
_entity_src_gen.plasmid_name                       pFASTBAC 
_entity_src_gen.plasmid_details                    ? 
_entity_src_gen.pdbx_description                   ? 
# 
loop_
_chem_comp.id 
_chem_comp.type 
_chem_comp.mon_nstd_flag 
_chem_comp.name 
_chem_comp.pdbx_synonyms 
_chem_comp.formula 
_chem_comp.formula_weight 
ALA 'L-peptide linking' y ALANINE         ? 'C3 H7 N O2'     89.093  
ARG 'L-peptide linking' y ARGININE        ? 'C6 H15 N4 O2 1' 175.209 
ASN 'L-peptide linking' y ASPARAGINE      ? 'C4 H8 N2 O3'    132.118 
ASP 'L-peptide linking' y 'ASPARTIC ACID' ? 'C4 H7 N O4'     133.103 
CYS 'L-peptide linking' y CYSTEINE        ? 'C3 H7 N O2 S'   121.158 
GLN 'L-peptide linking' y GLUTAMINE       ? 'C5 H10 N2 O3'   146.144 
GLU 'L-peptide linking' y 'GLUTAMIC ACID' ? 'C5 H9 N O4'     147.129 
GLY 'peptide linking'   y GLYCINE         ? 'C2 H5 N O2'     75.067  
HIS 'L-peptide linking' y HISTIDINE       ? 'C6 H10 N3 O2 1' 156.162 
HOH non-polymer         . WATER           ? 'H2 O'           18.015  
ILE 'L-peptide linking' y ISOLEUCINE      ? 'C6 H13 N O2'    131.173 
LEU 'L-peptide linking' y LEUCINE         ? 'C6 H13 N O2'    131.173 
LYS 'L-peptide linking' y LYSINE          ? 'C6 H15 N2 O2 1' 147.195 
MET 'L-peptide linking' y METHIONINE      ? 'C5 H11 N O2 S'  149.211 
PHE 'L-peptide linking' y PHENYLALANINE   ? 'C9 H11 N O2'    165.189 
PRO 'L-peptide linking' y PROLINE         ? 'C5 H9 N O2'     115.130 
SER 'L-peptide linking' y SERINE          ? 'C3 H7 N O3'     105.093 
THR 'L-peptide linking' y THREONINE       ? 'C4 H9 N O3'     119.119 
TRP 'L-peptide linking' y TRYPTOPHAN      ? 'C11 H12 N2 O2'  204.225 
TYR 'L-peptide linking' y TYROSINE        ? 'C9 H11 N O3'    181.189 
VAL 'L-peptide linking' y VALINE          ? 'C5 H11 N O2'    117.146 
# 
loop_
_pdbx_poly_seq_scheme.asym_id 
_pdbx_poly_seq_scheme.entity_id 
_pdbx_poly_seq_scheme.seq_id 
_pdbx_poly_seq_scheme.mon_id 
_pdbx_poly_seq_scheme.ndb_seq_num 
_pdbx_poly_seq_scheme.pdb_seq_num 
_pdbx_poly_seq_scheme.auth_seq_num 
_pdbx_poly_seq_scheme.pdb_mon_id 
_pdbx_poly_seq_scheme.auth_mon_id 
_pdbx_poly_seq_scheme.pdb_strand_id 
_pdbx_poly_seq_scheme.pdb_ins_code 
_pdbx_poly_seq_scheme.hetero 
A 1 1   GLU 1   1   ?  ?   ?   A . n 
A 1 2   ASP 2   2   ?  ?   ?   A . n 
A 1 3   ASP 3   3   ?  ?   ?   A . n 
A 1 4   GLU 4   4   ?  ?   ?   A . n 
A 1 5   ASP 5   5   ?  ?   ?   A . n 
A 1 6   TYR 6   6   ?  ?   ?   A . n 
A 1 7   GLY 7   7   7  GLY GLY A . n 
A 1 8   ASP 8   8   8  ASP ASP A . n 
A 1 9   LEU 9   9   9  LEU LEU A . n 
A 1 10  GLY 10  10  10 GLY GLY A . n 
A 1 11  GLY 11  11  11 GLY GLY A . n 
A 1 12  CYS 12  12  12 CYS CYS A . n 
A 1 13  PRO 13  13  13 PRO PRO A . n 
A 1 14  PHE 14  14  14 PHE PHE A . n 
A 1 15  LEU 15  15  15 LEU LEU A . n 
A 1 16  VAL 16  16  16 VAL VAL A . n 
A 1 17  ALA 17  17  17 ALA ALA A . n 
A 1 18  GLU 18  18  18 GLU GLU A . n 
A 1 19  ASN 19  19  19 ASN ASN A . n 
A 1 20  LYS 20  20  20 LYS LYS A . n 
A 1 21  THR 21  21  21 THR THR A . n 
A 1 22  GLY 22  22  22 GLY GLY A . n 
A 1 23  TYR 23  23  23 TYR TYR A . n 
A 1 24  PRO 24  24  24 PRO PRO A . n 
A 1 25  THR 25  25  25 THR THR A . n 
A 1 26  ILE 26  26  26 ILE ILE A . n 
A 1 27  VAL 27  27  27 VAL VAL A . n 
A 1 28  ALA 28  28  28 ALA ALA A . n 
A 1 29  CYS 29  29  29 CYS CYS A . n 
A 1 30  LYS 30  30  30 LYS LYS A . n 
A 1 31  GLN 31  31  31 GLN GLN A . n 
A 1 32  ASP 32  32  32 ASP ASP A . n 
A 1 33  CYS 33  33  33 CYS CYS A . n 
A 1 34  ASN 34  34  34 ASN ASN A . n 
A 1 35  GLY 35  35  35 GLY GLY A . n 
A 1 36  THR 36  36  36 THR THR A . n 
A 1 37  THR 37  37  37 THR THR A . n 
A 1 38  GLU 38  38  38 GLU GLU A . n 
A 1 39  THR 39  39  39 THR THR A . n 
A 1 40  ALA 40  40  40 ALA ALA A . n 
A 1 41  PRO 41  41  41 PRO PRO A . n 
A 1 42  ASN 42  42  42 ASN ASN A . n 
A 1 43  GLY 43  43  43 GLY GLY A . n 
A 1 44  THR 44  44  44 THR THR A . n 
A 1 45  ARG 45  45  45 ARG ARG A . n 
A 1 46  CYS 46  46  46 CYS CYS A . n 
A 1 47  PHE 47  47  47 PHE PHE A . n 
A 1 48  SER 48  48  48 SER SER A . n 
A 1 49  ILE 49  49  49 ILE ILE A . n 
A 1 50  GLY 50  50  50 GLY GLY A . n 
A 1 51  ASP 51  51  51 ASP ASP A . n 
A 1 52  GLU 52  52  52 GLU ALA A . n 
A 1 53  GLY 53  53  53 GLY GLY A . n 
A 1 54  LEU 54  54  54 LEU LEU A . n 
A 1 55  ARG 55  55  55 ARG ARG A . n 
A 1 56  ARG 56  56  56 ARG ARG A . n 
A 1 57  MET 57  57  57 MET MET A . n 
A 1 58  THR 58  58  58 THR THR A . n 
A 1 59  ALA 59  59  59 ALA ALA A . n 
A 1 60  ASN 60  60  60 ASN ASN A . n 
A 1 61  LEU 61  61  61 LEU LEU A . n 
A 1 62  PRO 62  62  62 PRO PRO A . n 
A 1 63  TYR 63  63  63 TYR TYR A . n 
A 1 64  ASP 64  64  64 ASP ASP A . n 
A 1 65  CYS 65  65  65 CYS CYS A . n 
A 1 66  PRO 66  66  66 PRO PRO A . n 
A 1 67  LEU 67  67  67 LEU LEU A . n 
A 1 68  GLY 68  68  68 GLY GLY A . n 
A 1 69  GLN 69  69  69 GLN GLN A . n 
A 1 70  CYS 70  70  70 CYS CYS A . n 
A 1 71  SER 71  71  71 SER SER A . n 
A 1 72  ASN 72  72  72 ASN ASN A . n 
A 1 73  GLY 73  73  73 GLY GLY A . n 
A 1 74  ASP 74  74  74 ASP ASP A . n 
A 1 75  CYS 75  75  75 CYS CYS A . n 
A 1 76  ILE 76  76  76 ILE ILE A . n 
A 1 77  PRO 77  77  77 PRO PRO A . n 
A 1 78  LYS 78  78  78 LYS LYS A . n 
A 1 79  GLU 79  79  79 GLU GLU A . n 
A 1 80  THR 80  80  80 THR THR A . n 
A 1 81  TYR 81  81  81 TYR TYR A . n 
A 1 82  GLU 82  82  82 GLU GLU A . n 
A 1 83  VAL 83  83  83 VAL VAL A . n 
A 1 84  CYS 84  84  84 CYS CYS A . n 
A 1 85  TYR 85  85  85 TYR TYR A . n 
A 1 86  ARG 86  86  86 ARG ARG A . n 
A 1 87  ARG 87  87  87 ARG ARG A . n 
A 1 88  ASN 88  88  88 ASN ASN A . n 
A 1 89  TRP 89  89  89 TRP TRP A . n 
A 1 90  ARG 90  90  90 ARG ARG A . n 
A 1 91  ASP 91  91  91 ASP ALA A . n 
A 1 92  LYS 92  92  ?  ?   ?   A . n 
A 1 93  LYS 93  93  ?  ?   ?   A . n 
A 1 94  ASN 94  94  ?  ?   ?   A . n 
A 1 95  HIS 95  95  ?  ?   ?   A . n 
A 1 96  HIS 96  96  ?  ?   ?   A . n 
A 1 97  HIS 97  97  ?  ?   ?   A . n 
A 1 98  HIS 98  98  ?  ?   ?   A . n 
A 1 99  HIS 99  99  ?  ?   ?   A . n 
A 1 100 HIS 100 100 ?  ?   ?   A . n 
B 1 1   GLU 1   1   ?  ?   ?   D . n 
B 1 2   ASP 2   2   ?  ?   ?   D . n 
B 1 3   ASP 3   3   ?  ?   ?   D . n 
B 1 4   GLU 4   4   ?  ?   ?   D . n 
B 1 5   ASP 5   5   ?  ?   ?   D . n 
B 1 6   TYR 6   6   ?  ?   ?   D . n 
B 1 7   GLY 7   7   ?  ?   ?   D . n 
B 1 8   ASP 8   8   ?  ?   ?   D . n 
B 1 9   LEU 9   9   ?  ?   ?   D . n 
B 1 10  GLY 10  10  ?  ?   ?   D . n 
B 1 11  GLY 11  11  11 GLY GLY D . n 
B 1 12  CYS 12  12  12 CYS CYS D . n 
B 1 13  PRO 13  13  13 PRO PRO D . n 
B 1 14  PHE 14  14  14 PHE PHE D . n 
B 1 15  LEU 15  15  15 LEU LEU D . n 
B 1 16  VAL 16  16  16 VAL VAL D . n 
B 1 17  ALA 17  17  17 ALA ALA D . n 
B 1 18  GLU 18  18  18 GLU GLU D . n 
B 1 19  ASN 19  19  19 ASN ASN D . n 
B 1 20  LYS 20  20  20 LYS LYS D . n 
B 1 21  THR 21  21  21 THR THR D . n 
B 1 22  GLY 22  22  22 GLY GLY D . n 
B 1 23  TYR 23  23  23 TYR TYR D . n 
B 1 24  PRO 24  24  24 PRO PRO D . n 
B 1 25  THR 25  25  25 THR THR D . n 
B 1 26  ILE 26  26  26 ILE ILE D . n 
B 1 27  VAL 27  27  27 VAL VAL D . n 
B 1 28  ALA 28  28  28 ALA ALA D . n 
B 1 29  CYS 29  29  29 CYS CYS D . n 
B 1 30  LYS 30  30  30 LYS LYS D . n 
B 1 31  GLN 31  31  31 GLN GLN D . n 
B 1 32  ASP 32  32  32 ASP ASP D . n 
B 1 33  CYS 33  33  33 CYS CYS D . n 
B 1 34  ASN 34  34  34 ASN ASN D . n 
B 1 35  GLY 35  35  35 GLY GLY D . n 
B 1 36  THR 36  36  36 THR THR D . n 
B 1 37  THR 37  37  37 THR THR D . n 
B 1 38  GLU 38  38  38 GLU GLU D . n 
B 1 39  THR 39  39  39 THR THR D . n 
B 1 40  ALA 40  40  40 ALA ALA D . n 
B 1 41  PRO 41  41  41 PRO PRO D . n 
B 1 42  ASN 42  42  42 ASN ASN D . n 
B 1 43  GLY 43  43  43 GLY GLY D . n 
B 1 44  THR 44  44  44 THR THR D . n 
B 1 45  ARG 45  45  45 ARG ARG D . n 
B 1 46  CYS 46  46  46 CYS CYS D . n 
B 1 47  PHE 47  47  47 PHE PHE D . n 
B 1 48  SER 48  48  48 SER SER D . n 
B 1 49  ILE 49  49  49 ILE ILE D . n 
B 1 50  GLY 50  50  50 GLY GLY D . n 
B 1 51  ASP 51  51  51 ASP ASP D . n 
B 1 52  GLU 52  52  52 GLU GLU D . n 
B 1 53  GLY 53  53  53 GLY GLY D . n 
B 1 54  LEU 54  54  54 LEU LEU D . n 
B 1 55  ARG 55  55  55 ARG ARG D . n 
B 1 56  ARG 56  56  56 ARG ARG D . n 
B 1 57  MET 57  57  57 MET MET D . n 
B 1 58  THR 58  58  58 THR THR D . n 
B 1 59  ALA 59  59  59 ALA ALA D . n 
B 1 60  ASN 60  60  60 ASN ASN D . n 
B 1 61  LEU 61  61  61 LEU LEU D . n 
B 1 62  PRO 62  62  62 PRO PRO D . n 
B 1 63  TYR 63  63  63 TYR TYR D . n 
B 1 64  ASP 64  64  64 ASP ASP D . n 
B 1 65  CYS 65  65  65 CYS CYS D . n 
B 1 66  PRO 66  66  66 PRO PRO D . n 
B 1 67  LEU 67  67  67 LEU LEU D . n 
B 1 68  GLY 68  68  68 GLY GLY D . n 
B 1 69  GLN 69  69  69 GLN GLN D . n 
B 1 70  CYS 70  70  70 CYS CYS D . n 
B 1 71  SER 71  71  71 SER SER D . n 
B 1 72  ASN 72  72  72 ASN ASN D . n 
B 1 73  GLY 73  73  73 GLY GLY D . n 
B 1 74  ASP 74  74  74 ASP ASP D . n 
B 1 75  CYS 75  75  75 CYS CYS D . n 
B 1 76  ILE 76  76  76 ILE ILE D . n 
B 1 77  PRO 77  77  77 PRO PRO D . n 
B 1 78  LYS 78  78  78 LYS LYS D . n 
B 1 79  GLU 79  79  79 GLU GLU D . n 
B 1 80  THR 80  80  80 THR THR D . n 
B 1 81  TYR 81  81  81 TYR TYR D . n 
B 1 82  GLU 82  82  82 GLU GLU D . n 
B 1 83  VAL 83  83  83 VAL VAL D . n 
B 1 84  CYS 84  84  84 CYS CYS D . n 
B 1 85  TYR 85  85  85 TYR TYR D . n 
B 1 86  ARG 86  86  86 ARG ARG D . n 
B 1 87  ARG 87  87  87 ARG ARG D . n 
B 1 88  ASN 88  88  88 ASN ASN D . n 
B 1 89  TRP 89  89  ?  ?   ?   D . n 
B 1 90  ARG 90  90  ?  ?   ?   D . n 
B 1 91  ASP 91  91  ?  ?   ?   D . n 
B 1 92  LYS 92  92  ?  ?   ?   D . n 
B 1 93  LYS 93  93  ?  ?   ?   D . n 
B 1 94  ASN 94  94  ?  ?   ?   D . n 
B 1 95  HIS 95  95  ?  ?   ?   D . n 
B 1 96  HIS 96  96  ?  ?   ?   D . n 
B 1 97  HIS 97  97  ?  ?   ?   D . n 
B 1 98  HIS 98  98  ?  ?   ?   D . n 
B 1 99  HIS 99  99  ?  ?   ?   D . n 
B 1 100 HIS 100 100 ?  ?   ?   D . n 
# 
loop_
_pdbx_nonpoly_scheme.asym_id 
_pdbx_nonpoly_scheme.entity_id 
_pdbx_nonpoly_scheme.mon_id 
_pdbx_nonpoly_scheme.ndb_seq_num 
_pdbx_nonpoly_scheme.pdb_seq_num 
_pdbx_nonpoly_scheme.auth_seq_num 
_pdbx_nonpoly_scheme.pdb_mon_id 
_pdbx_nonpoly_scheme.auth_mon_id 
_pdbx_nonpoly_scheme.pdb_strand_id 
_pdbx_nonpoly_scheme.pdb_ins_code 
C 2 HOH 1   101 1   HOH HOH A . 
C 2 HOH 2   102 2   HOH HOH A . 
C 2 HOH 3   103 103 HOH HOH A . 
C 2 HOH 4   104 3   HOH HOH A . 
C 2 HOH 5   105 105 HOH HOH A . 
C 2 HOH 6   106 4   HOH HOH A . 
C 2 HOH 7   107 107 HOH HOH A . 
C 2 HOH 8   108 108 HOH HOH A . 
C 2 HOH 9   109 109 HOH HOH A . 
C 2 HOH 10  110 110 HOH HOH A . 
C 2 HOH 11  111 5   HOH HOH A . 
C 2 HOH 12  112 112 HOH HOH A . 
C 2 HOH 13  113 113 HOH HOH A . 
C 2 HOH 14  114 114 HOH HOH A . 
C 2 HOH 15  115 115 HOH HOH A . 
C 2 HOH 16  116 116 HOH HOH A . 
C 2 HOH 17  117 7   HOH HOH A . 
C 2 HOH 18  118 8   HOH HOH A . 
C 2 HOH 19  119 119 HOH HOH A . 
C 2 HOH 20  120 120 HOH HOH A . 
C 2 HOH 21  121 9   HOH HOH A . 
C 2 HOH 22  122 12  HOH HOH A . 
C 2 HOH 23  123 13  HOH HOH A . 
C 2 HOH 24  124 15  HOH HOH A . 
C 2 HOH 25  125 125 HOH HOH A . 
C 2 HOH 26  126 126 HOH HOH A . 
C 2 HOH 27  127 127 HOH HOH A . 
C 2 HOH 28  128 16  HOH HOH A . 
C 2 HOH 29  129 17  HOH HOH A . 
C 2 HOH 30  130 18  HOH HOH A . 
C 2 HOH 31  131 131 HOH HOH A . 
C 2 HOH 32  132 132 HOH HOH A . 
C 2 HOH 33  133 133 HOH HOH A . 
C 2 HOH 34  134 134 HOH HOH A . 
C 2 HOH 35  135 20  HOH HOH A . 
C 2 HOH 36  136 136 HOH HOH A . 
C 2 HOH 37  137 22  HOH HOH A . 
C 2 HOH 38  138 24  HOH HOH A . 
C 2 HOH 39  139 25  HOH HOH A . 
C 2 HOH 40  140 140 HOH HOH A . 
C 2 HOH 41  141 141 HOH HOH A . 
C 2 HOH 42  142 142 HOH HOH A . 
C 2 HOH 43  143 26  HOH HOH A . 
C 2 HOH 44  144 144 HOH HOH A . 
C 2 HOH 45  145 145 HOH HOH A . 
C 2 HOH 46  146 27  HOH HOH A . 
C 2 HOH 47  147 30  HOH HOH A . 
C 2 HOH 48  148 33  HOH HOH A . 
C 2 HOH 49  149 34  HOH HOH A . 
C 2 HOH 50  150 150 HOH HOH A . 
C 2 HOH 51  151 118 HOH HOH A . 
C 2 HOH 52  152 152 HOH HOH A . 
C 2 HOH 53  153 153 HOH HOH A . 
C 2 HOH 54  154 154 HOH HOH A . 
C 2 HOH 55  155 155 HOH HOH A . 
C 2 HOH 56  156 156 HOH HOH A . 
C 2 HOH 57  157 157 HOH HOH A . 
C 2 HOH 58  158 123 HOH HOH A . 
C 2 HOH 59  159 159 HOH HOH A . 
C 2 HOH 60  160 37  HOH HOH A . 
C 2 HOH 61  161 38  HOH HOH A . 
C 2 HOH 62  162 162 HOH HOH A . 
C 2 HOH 63  163 42  HOH HOH A . 
C 2 HOH 64  164 45  HOH HOH A . 
C 2 HOH 65  165 47  HOH HOH A . 
C 2 HOH 66  166 166 HOH HOH A . 
C 2 HOH 67  167 167 HOH HOH A . 
C 2 HOH 68  168 168 HOH HOH A . 
C 2 HOH 69  169 169 HOH HOH A . 
C 2 HOH 70  170 48  HOH HOH A . 
C 2 HOH 71  171 171 HOH HOH A . 
C 2 HOH 72  172 49  HOH HOH A . 
C 2 HOH 73  173 50  HOH HOH A . 
C 2 HOH 74  174 51  HOH HOH A . 
C 2 HOH 75  175 52  HOH HOH A . 
C 2 HOH 76  176 176 HOH HOH A . 
C 2 HOH 77  177 177 HOH HOH A . 
C 2 HOH 78  178 178 HOH HOH A . 
C 2 HOH 79  179 179 HOH HOH A . 
C 2 HOH 80  180 53  HOH HOH A . 
C 2 HOH 81  181 181 HOH HOH A . 
C 2 HOH 82  182 182 HOH HOH A . 
C 2 HOH 83  183 57  HOH HOH A . 
C 2 HOH 84  184 184 HOH HOH A . 
C 2 HOH 85  185 63  HOH HOH A . 
C 2 HOH 86  186 64  HOH HOH A . 
C 2 HOH 87  187 187 HOH HOH A . 
C 2 HOH 88  188 188 HOH HOH A . 
C 2 HOH 89  189 66  HOH HOH A . 
C 2 HOH 90  190 67  HOH HOH A . 
C 2 HOH 91  191 68  HOH HOH A . 
C 2 HOH 92  192 69  HOH HOH A . 
C 2 HOH 93  193 72  HOH HOH A . 
C 2 HOH 94  194 73  HOH HOH A . 
C 2 HOH 95  195 75  HOH HOH A . 
C 2 HOH 96  196 76  HOH HOH A . 
C 2 HOH 97  197 77  HOH HOH A . 
C 2 HOH 98  198 78  HOH HOH A . 
C 2 HOH 99  199 79  HOH HOH A . 
C 2 HOH 100 200 80  HOH HOH A . 
C 2 HOH 101 201 84  HOH HOH A . 
C 2 HOH 102 202 85  HOH HOH A . 
C 2 HOH 103 203 87  HOH HOH A . 
C 2 HOH 104 204 89  HOH HOH A . 
C 2 HOH 105 205 90  HOH HOH A . 
C 2 HOH 106 206 92  HOH HOH A . 
C 2 HOH 107 207 94  HOH HOH A . 
C 2 HOH 108 208 95  HOH HOH A . 
C 2 HOH 109 209 96  HOH HOH A . 
C 2 HOH 110 210 97  HOH HOH A . 
C 2 HOH 111 211 99  HOH HOH A . 
C 2 HOH 112 212 100 HOH HOH A . 
D 2 HOH 1   101 101 HOH HOH D . 
D 2 HOH 2   102 102 HOH HOH D . 
D 2 HOH 3   103 6   HOH HOH D . 
D 2 HOH 4   104 104 HOH HOH D . 
D 2 HOH 5   105 10  HOH HOH D . 
D 2 HOH 6   106 106 HOH HOH D . 
D 2 HOH 7   107 11  HOH HOH D . 
D 2 HOH 8   108 14  HOH HOH D . 
D 2 HOH 9   109 19  HOH HOH D . 
D 2 HOH 10  110 21  HOH HOH D . 
D 2 HOH 11  111 111 HOH HOH D . 
D 2 HOH 12  112 23  HOH HOH D . 
D 2 HOH 13  113 28  HOH HOH D . 
D 2 HOH 14  114 29  HOH HOH D . 
D 2 HOH 15  115 31  HOH HOH D . 
D 2 HOH 16  116 32  HOH HOH D . 
D 2 HOH 17  117 117 HOH HOH D . 
D 2 HOH 18  119 36  HOH HOH D . 
D 2 HOH 19  120 39  HOH HOH D . 
D 2 HOH 20  121 121 HOH HOH D . 
D 2 HOH 21  122 122 HOH HOH D . 
D 2 HOH 22  124 124 HOH HOH D . 
D 2 HOH 23  125 40  HOH HOH D . 
D 2 HOH 24  126 41  HOH HOH D . 
D 2 HOH 25  127 43  HOH HOH D . 
D 2 HOH 26  128 128 HOH HOH D . 
D 2 HOH 27  129 129 HOH HOH D . 
D 2 HOH 28  130 130 HOH HOH D . 
D 2 HOH 29  131 44  HOH HOH D . 
D 2 HOH 30  132 46  HOH HOH D . 
D 2 HOH 31  133 54  HOH HOH D . 
D 2 HOH 32  134 55  HOH HOH D . 
D 2 HOH 33  135 135 HOH HOH D . 
D 2 HOH 34  136 56  HOH HOH D . 
D 2 HOH 35  137 137 HOH HOH D . 
D 2 HOH 36  138 138 HOH HOH D . 
D 2 HOH 37  139 139 HOH HOH D . 
D 2 HOH 38  140 58  HOH HOH D . 
D 2 HOH 39  141 59  HOH HOH D . 
D 2 HOH 40  142 60  HOH HOH D . 
D 2 HOH 41  143 143 HOH HOH D . 
D 2 HOH 42  144 61  HOH HOH D . 
D 2 HOH 43  145 62  HOH HOH D . 
D 2 HOH 44  146 146 HOH HOH D . 
D 2 HOH 45  147 147 HOH HOH D . 
D 2 HOH 46  148 148 HOH HOH D . 
D 2 HOH 47  149 149 HOH HOH D . 
D 2 HOH 48  150 65  HOH HOH D . 
D 2 HOH 49  151 35  HOH HOH D . 
D 2 HOH 50  152 70  HOH HOH D . 
D 2 HOH 51  153 71  HOH HOH D . 
D 2 HOH 52  154 74  HOH HOH D . 
D 2 HOH 53  155 81  HOH HOH D . 
D 2 HOH 54  156 82  HOH HOH D . 
D 2 HOH 55  157 83  HOH HOH D . 
D 2 HOH 56  158 158 HOH HOH D . 
D 2 HOH 57  159 88  HOH HOH D . 
D 2 HOH 58  160 160 HOH HOH D . 
D 2 HOH 59  161 161 HOH HOH D . 
D 2 HOH 60  162 91  HOH HOH D . 
D 2 HOH 61  163 163 HOH HOH D . 
D 2 HOH 62  164 164 HOH HOH D . 
D 2 HOH 63  165 165 HOH HOH D . 
D 2 HOH 64  166 93  HOH HOH D . 
D 2 HOH 65  167 98  HOH HOH D . 
D 2 HOH 66  168 151 HOH HOH D . 
D 2 HOH 67  169 86  HOH HOH D . 
D 2 HOH 68  170 170 HOH HOH D . 
D 2 HOH 69  172 172 HOH HOH D . 
D 2 HOH 70  173 173 HOH HOH D . 
D 2 HOH 71  174 174 HOH HOH D . 
D 2 HOH 72  175 175 HOH HOH D . 
D 2 HOH 73  180 180 HOH HOH D . 
D 2 HOH 74  183 183 HOH HOH D . 
D 2 HOH 75  185 185 HOH HOH D . 
D 2 HOH 76  186 186 HOH HOH D . 
# 
loop_
_pdbx_unobs_or_zero_occ_atoms.id 
_pdbx_unobs_or_zero_occ_atoms.PDB_model_num 
_pdbx_unobs_or_zero_occ_atoms.polymer_flag 
_pdbx_unobs_or_zero_occ_atoms.occupancy_flag 
_pdbx_unobs_or_zero_occ_atoms.auth_asym_id 
_pdbx_unobs_or_zero_occ_atoms.auth_comp_id 
_pdbx_unobs_or_zero_occ_atoms.auth_seq_id 
_pdbx_unobs_or_zero_occ_atoms.PDB_ins_code 
_pdbx_unobs_or_zero_occ_atoms.auth_atom_id 
_pdbx_unobs_or_zero_occ_atoms.label_alt_id 
_pdbx_unobs_or_zero_occ_atoms.label_asym_id 
_pdbx_unobs_or_zero_occ_atoms.label_comp_id 
_pdbx_unobs_or_zero_occ_atoms.label_seq_id 
_pdbx_unobs_or_zero_occ_atoms.label_atom_id 
1 1 Y 1 A GLU 52 ? CG  ? A GLU 52 CG  
2 1 Y 1 A GLU 52 ? CD  ? A GLU 52 CD  
3 1 Y 1 A GLU 52 ? OE1 ? A GLU 52 OE1 
4 1 Y 1 A GLU 52 ? OE2 ? A GLU 52 OE2 
5 1 Y 1 A ASP 91 ? CG  ? A ASP 91 CG  
6 1 Y 1 A ASP 91 ? OD1 ? A ASP 91 OD1 
7 1 Y 1 A ASP 91 ? OD2 ? A ASP 91 OD2 
# 
loop_
_software.name 
_software.classification 
_software.version 
_software.citation_id 
_software.pdbx_ordinal 
HKL-2000  'data collection' .        ? 1 
SHARP     phasing           .        ? 2 
REFMAC    refinement        5.2.0019 ? 3 
DENZO     'data reduction'  .        ? 4 
SCALEPACK 'data scaling'    .        ? 5 
# 
_cell.entry_id           3FPR 
_cell.length_a           39.604 
_cell.length_b           46.165 
_cell.length_c           99.591 
_cell.angle_alpha        90.00 
_cell.angle_beta         90.00 
_cell.angle_gamma        90.00 
_cell.Z_PDB              8 
_cell.pdbx_unique_axis   ? 
_cell.length_a_esd       ? 
_cell.length_b_esd       ? 
_cell.length_c_esd       ? 
_cell.angle_alpha_esd    ? 
_cell.angle_beta_esd     ? 
_cell.angle_gamma_esd    ? 
# 
_symmetry.entry_id                         3FPR 
_symmetry.space_group_name_H-M             'P 21 21 21' 
_symmetry.pdbx_full_space_group_name_H-M   ? 
_symmetry.cell_setting                     ? 
_symmetry.Int_Tables_number                19 
_symmetry.space_group_name_Hall            ? 
# 
_exptl.entry_id          3FPR 
_exptl.method            'X-RAY DIFFRACTION' 
_exptl.crystals_number   1 
# 
_exptl_crystal.id                    1 
_exptl_crystal.density_meas          ? 
_exptl_crystal.density_Matthews      2.01 
_exptl_crystal.density_percent_sol   38.90 
_exptl_crystal.description           ? 
_exptl_crystal.F_000                 ? 
_exptl_crystal.preparation           ? 
# 
_exptl_crystal_grow.crystal_id      1 
_exptl_crystal_grow.method          'VAPOR DIFFUSION, HANGING DROP' 
_exptl_crystal_grow.temp            291 
_exptl_crystal_grow.temp_details    ? 
_exptl_crystal_grow.pH              7.5 
_exptl_crystal_grow.pdbx_details    
'3% (w/v) PEG 4000, 200mM Ammonium Sulfate, 10% (v/v) MPD, pH 7.5, VAPOR DIFFUSION, HANGING DROP, temperature 291K' 
_exptl_crystal_grow.pdbx_pH_range   . 
# 
_diffrn.id                     1 
_diffrn.ambient_temp           100 
_diffrn.ambient_temp_details   ? 
_diffrn.crystal_id             1 
# 
_diffrn_detector.diffrn_id              1 
_diffrn_detector.detector               CCD 
_diffrn_detector.type                   'MAR CCD 165 mm' 
_diffrn_detector.pdbx_collection_date   2005-08-18 
_diffrn_detector.details                ? 
# 
_diffrn_radiation.diffrn_id                        1 
_diffrn_radiation.wavelength_id                    1 
_diffrn_radiation.pdbx_monochromatic_or_laue_m_l   M 
_diffrn_radiation.monochromator                    'SAGITALLY FOCUSED Si(111)' 
_diffrn_radiation.pdbx_diffrn_protocol             'SINGLE WAVELENGTH' 
_diffrn_radiation.pdbx_scattering_type             x-ray 
# 
_diffrn_radiation_wavelength.id           1 
_diffrn_radiation_wavelength.wavelength   1.0 
_diffrn_radiation_wavelength.wt           1.0 
# 
_diffrn_source.diffrn_id                   1 
_diffrn_source.source                      SYNCHROTRON 
_diffrn_source.type                        'SLS BEAMLINE X06SA' 
_diffrn_source.pdbx_synchrotron_site       SLS 
_diffrn_source.pdbx_synchrotron_beamline   X06SA 
_diffrn_source.pdbx_wavelength             ? 
_diffrn_source.pdbx_wavelength_list        1.0 
# 
_reflns.entry_id                     3FPR 
_reflns.observed_criterion_sigma_I   0 
_reflns.observed_criterion_sigma_F   0 
_reflns.d_resolution_low             39.6 
_reflns.d_resolution_high            1.6 
_reflns.number_obs                   23281 
_reflns.number_all                   ? 
_reflns.percent_possible_obs         93.6 
_reflns.pdbx_Rmerge_I_obs            ? 
_reflns.pdbx_Rsym_value              0.065 
_reflns.pdbx_netI_over_sigmaI        15.4 
_reflns.B_iso_Wilson_estimate        ? 
_reflns.pdbx_redundancy              7.4 
_reflns.R_free_details               ? 
_reflns.limit_h_max                  ? 
_reflns.limit_h_min                  ? 
_reflns.limit_k_max                  ? 
_reflns.limit_k_min                  ? 
_reflns.limit_l_max                  ? 
_reflns.limit_l_min                  ? 
_reflns.observed_criterion_F_max     ? 
_reflns.observed_criterion_F_min     ? 
_reflns.pdbx_chi_squared             ? 
_reflns.pdbx_scaling_rejects         ? 
_reflns.pdbx_diffrn_id               1 
_reflns.pdbx_ordinal                 1 
# 
_reflns_shell.d_res_high             1.6 
_reflns_shell.d_res_low              1.8 
_reflns_shell.percent_possible_all   65.3 
_reflns_shell.Rmerge_I_obs           ? 
_reflns_shell.pdbx_Rsym_value        0.341 
_reflns_shell.meanI_over_sigI_obs    3.3 
_reflns_shell.pdbx_redundancy        ? 
_reflns_shell.percent_possible_obs   ? 
_reflns_shell.number_unique_all      ? 
_reflns_shell.number_measured_all    ? 
_reflns_shell.number_measured_obs    ? 
_reflns_shell.number_unique_obs      ? 
_reflns_shell.pdbx_chi_squared       ? 
_reflns_shell.pdbx_diffrn_id         ? 
_reflns_shell.pdbx_ordinal           1 
# 
_refine.entry_id                                 3FPR 
_refine.ls_number_reflns_obs                     21318 
_refine.ls_number_reflns_all                     21318 
_refine.pdbx_ls_sigma_I                          ? 
_refine.pdbx_ls_sigma_F                          0 
_refine.pdbx_data_cutoff_high_absF               ? 
_refine.pdbx_data_cutoff_low_absF                ? 
_refine.pdbx_data_cutoff_high_rms_absF           ? 
_refine.ls_d_res_low                             25.73 
_refine.ls_d_res_high                            1.63 
_refine.ls_percent_reflns_obs                    95.40 
_refine.ls_R_factor_obs                          0.22743 
_refine.ls_R_factor_all                          0.22743 
_refine.ls_R_factor_R_work                       0.22557 
_refine.ls_R_factor_R_free                       0.26511 
_refine.ls_R_factor_R_free_error                 ? 
_refine.ls_R_factor_R_free_error_details         ? 
_refine.ls_percent_reflns_R_free                 5.0 
_refine.ls_number_reflns_R_free                  1127 
_refine.ls_number_parameters                     ? 
_refine.ls_number_restraints                     ? 
_refine.occupancy_min                            ? 
_refine.occupancy_max                            ? 
_refine.correlation_coeff_Fo_to_Fc               0.944 
_refine.correlation_coeff_Fo_to_Fc_free          0.919 
_refine.B_iso_mean                               30.206 
_refine.aniso_B[1][1]                            -0.01 
_refine.aniso_B[2][2]                            0.00 
_refine.aniso_B[3][3]                            0.02 
_refine.aniso_B[1][2]                            0.00 
_refine.aniso_B[1][3]                            0.00 
_refine.aniso_B[2][3]                            0.00 
_refine.solvent_model_details                    MASK 
_refine.solvent_model_param_ksol                 ? 
_refine.solvent_model_param_bsol                 ? 
_refine.pdbx_solvent_vdw_probe_radii             1.20 
_refine.pdbx_solvent_ion_probe_radii             0.80 
_refine.pdbx_solvent_shrinkage_radii             0.80 
_refine.pdbx_ls_cross_valid_method               THROUGHOUT 
_refine.details                                  'HYDROGENS HAVE BEEN ADDED IN THE RIDING POSITIONS' 
_refine.pdbx_starting_model                      ? 
_refine.pdbx_method_to_determine_struct          MIR 
_refine.pdbx_isotropic_thermal_model             ? 
_refine.pdbx_stereochemistry_target_values       'MAXIMUM LIKELIHOOD' 
_refine.pdbx_stereochem_target_val_spec_case     ? 
_refine.pdbx_R_Free_selection_details            RANDOM 
_refine.pdbx_overall_ESU_R                       0.114 
_refine.pdbx_overall_ESU_R_Free                  0.115 
_refine.overall_SU_ML                            0.069 
_refine.overall_SU_B                             1.937 
_refine.ls_redundancy_reflns_obs                 ? 
_refine.B_iso_min                                ? 
_refine.B_iso_max                                ? 
_refine.overall_SU_R_Cruickshank_DPI             ? 
_refine.overall_SU_R_free                        ? 
_refine.ls_wR_factor_R_free                      ? 
_refine.ls_wR_factor_R_work                      ? 
_refine.overall_FOM_free_R_set                   ? 
_refine.overall_FOM_work_R_set                   ? 
_refine.pdbx_refine_id                           'X-RAY DIFFRACTION' 
_refine.pdbx_overall_phase_error                 ? 
_refine.pdbx_diffrn_id                           1 
_refine.pdbx_TLS_residual_ADP_flag               ? 
_refine.pdbx_overall_SU_R_free_Cruickshank_DPI   ? 
_refine.pdbx_overall_SU_R_Blow_DPI               ? 
_refine.pdbx_overall_SU_R_free_Blow_DPI          ? 
# 
_refine_hist.pdbx_refine_id                   'X-RAY DIFFRACTION' 
_refine_hist.cycle_id                         LAST 
_refine_hist.pdbx_number_atoms_protein        1230 
_refine_hist.pdbx_number_atoms_nucleic_acid   0 
_refine_hist.pdbx_number_atoms_ligand         0 
_refine_hist.number_atoms_solvent             188 
_refine_hist.number_atoms_total               1418 
_refine_hist.d_res_high                       1.63 
_refine_hist.d_res_low                        25.73 
# 
loop_
_refine_ls_restr.type 
_refine_ls_restr.dev_ideal 
_refine_ls_restr.dev_ideal_target 
_refine_ls_restr.weight 
_refine_ls_restr.number 
_refine_ls_restr.pdbx_refine_id 
_refine_ls_restr.pdbx_restraint_function 
r_bond_refined_d         0.011  0.022  ? 1263 'X-RAY DIFFRACTION' ? 
r_angle_refined_deg      1.397  1.971  ? 1719 'X-RAY DIFFRACTION' ? 
r_dihedral_angle_1_deg   6.105  5.000  ? 161  'X-RAY DIFFRACTION' ? 
r_dihedral_angle_2_deg   29.906 23.966 ? 58   'X-RAY DIFFRACTION' ? 
r_dihedral_angle_3_deg   14.378 15.000 ? 195  'X-RAY DIFFRACTION' ? 
r_dihedral_angle_4_deg   17.264 15.000 ? 11   'X-RAY DIFFRACTION' ? 
r_chiral_restr           0.102  0.200  ? 182  'X-RAY DIFFRACTION' ? 
r_gen_planes_refined     0.005  0.020  ? 989  'X-RAY DIFFRACTION' ? 
r_nbd_refined            0.203  0.200  ? 554  'X-RAY DIFFRACTION' ? 
r_nbtor_refined          0.312  0.200  ? 870  'X-RAY DIFFRACTION' ? 
r_xyhbond_nbd_refined    0.138  0.200  ? 136  'X-RAY DIFFRACTION' ? 
r_symmetry_vdw_refined   0.191  0.200  ? 41   'X-RAY DIFFRACTION' ? 
r_symmetry_hbond_refined 0.177  0.200  ? 16   'X-RAY DIFFRACTION' ? 
r_mcbond_it              1.158  1.500  ? 826  'X-RAY DIFFRACTION' ? 
r_mcangle_it             2.011  2.000  ? 1300 'X-RAY DIFFRACTION' ? 
r_scbond_it              2.887  3.000  ? 490  'X-RAY DIFFRACTION' ? 
r_scangle_it             4.516  4.500  ? 419  'X-RAY DIFFRACTION' ? 
# 
_refine_ls_shell.pdbx_total_number_of_bins_used   20 
_refine_ls_shell.d_res_high                       1.630 
_refine_ls_shell.d_res_low                        1.672 
_refine_ls_shell.number_reflns_R_work             1162 
_refine_ls_shell.R_factor_R_work                  0.266 
_refine_ls_shell.percent_reflns_obs               72.55 
_refine_ls_shell.R_factor_R_free                  0.308 
_refine_ls_shell.R_factor_R_free_error            ? 
_refine_ls_shell.percent_reflns_R_free            ? 
_refine_ls_shell.number_reflns_R_free             75 
_refine_ls_shell.number_reflns_all                ? 
_refine_ls_shell.R_factor_all                     ? 
_refine_ls_shell.number_reflns_obs                ? 
_refine_ls_shell.redundancy_reflns_obs            ? 
_refine_ls_shell.pdbx_refine_id                   'X-RAY DIFFRACTION' 
# 
_struct.entry_id                  3FPR 
_struct.title                     'Crystal Structure of Evasin-1' 
_struct.pdbx_model_details        ? 
_struct.pdbx_CASP_flag            ? 
_struct.pdbx_model_type_details   ? 
# 
_struct_keywords.entry_id        3FPR 
_struct_keywords.pdbx_keywords   'IMMUNE SYSTEM' 
_struct_keywords.text            'novel fold, Glycoprotein, Secreted, IMMUNE SYSTEM' 
# 
loop_
_struct_asym.id 
_struct_asym.pdbx_blank_PDB_chainid_flag 
_struct_asym.pdbx_modified 
_struct_asym.entity_id 
_struct_asym.details 
A N N 1 ? 
B N N 1 ? 
C N N 2 ? 
D N N 2 ? 
# 
_struct_ref.id                         1 
_struct_ref.db_name                    UNP 
_struct_ref.db_code                    EVA1_RHISA 
_struct_ref.pdbx_db_accession          P0C8E7 
_struct_ref.entity_id                  1 
_struct_ref.pdbx_seq_one_letter_code   
;EDDEDYGDLGGCPFLVAENKTGYPTIVACKQDCNGTTETAPNGTRCFSIGDEGLRRMTANLPYDCPLGQCSNGDCIPKET
YEVCYRRNWRDKKN
;
_struct_ref.pdbx_align_begin           21 
_struct_ref.pdbx_db_isoform            ? 
# 
loop_
_struct_ref_seq.align_id 
_struct_ref_seq.ref_id 
_struct_ref_seq.pdbx_PDB_id_code 
_struct_ref_seq.pdbx_strand_id 
_struct_ref_seq.seq_align_beg 
_struct_ref_seq.pdbx_seq_align_beg_ins_code 
_struct_ref_seq.seq_align_end 
_struct_ref_seq.pdbx_seq_align_end_ins_code 
_struct_ref_seq.pdbx_db_accession 
_struct_ref_seq.db_align_beg 
_struct_ref_seq.pdbx_db_align_beg_ins_code 
_struct_ref_seq.db_align_end 
_struct_ref_seq.pdbx_db_align_end_ins_code 
_struct_ref_seq.pdbx_auth_seq_align_beg 
_struct_ref_seq.pdbx_auth_seq_align_end 
1 1 3FPR A 1 ? 94 ? P0C8E7 21 ? 114 ? 1 94 
2 1 3FPR D 1 ? 94 ? P0C8E7 21 ? 114 ? 1 94 
# 
loop_
_struct_ref_seq_dif.align_id 
_struct_ref_seq_dif.pdbx_pdb_id_code 
_struct_ref_seq_dif.mon_id 
_struct_ref_seq_dif.pdbx_pdb_strand_id 
_struct_ref_seq_dif.seq_num 
_struct_ref_seq_dif.pdbx_pdb_ins_code 
_struct_ref_seq_dif.pdbx_seq_db_name 
_struct_ref_seq_dif.pdbx_seq_db_accession_code 
_struct_ref_seq_dif.db_mon_id 
_struct_ref_seq_dif.pdbx_seq_db_seq_num 
_struct_ref_seq_dif.details 
_struct_ref_seq_dif.pdbx_auth_seq_num 
_struct_ref_seq_dif.pdbx_ordinal 
1 3FPR HIS A 95  ? UNP P0C8E7 ? ? 'expression tag' 95  1  
1 3FPR HIS A 96  ? UNP P0C8E7 ? ? 'expression tag' 96  2  
1 3FPR HIS A 97  ? UNP P0C8E7 ? ? 'expression tag' 97  3  
1 3FPR HIS A 98  ? UNP P0C8E7 ? ? 'expression tag' 98  4  
1 3FPR HIS A 99  ? UNP P0C8E7 ? ? 'expression tag' 99  5  
1 3FPR HIS A 100 ? UNP P0C8E7 ? ? 'expression tag' 100 6  
2 3FPR HIS D 95  ? UNP P0C8E7 ? ? 'expression tag' 95  7  
2 3FPR HIS D 96  ? UNP P0C8E7 ? ? 'expression tag' 96  8  
2 3FPR HIS D 97  ? UNP P0C8E7 ? ? 'expression tag' 97  9  
2 3FPR HIS D 98  ? UNP P0C8E7 ? ? 'expression tag' 98  10 
2 3FPR HIS D 99  ? UNP P0C8E7 ? ? 'expression tag' 99  11 
2 3FPR HIS D 100 ? UNP P0C8E7 ? ? 'expression tag' 100 12 
# 
loop_
_pdbx_struct_assembly.id 
_pdbx_struct_assembly.details 
_pdbx_struct_assembly.method_details 
_pdbx_struct_assembly.oligomeric_details 
_pdbx_struct_assembly.oligomeric_count 
1 author_defined_assembly ? monomeric 1 
2 author_defined_assembly ? monomeric 1 
# 
loop_
_pdbx_struct_assembly_gen.assembly_id 
_pdbx_struct_assembly_gen.oper_expression 
_pdbx_struct_assembly_gen.asym_id_list 
1 1 A,C 
2 1 B,D 
# 
_pdbx_struct_oper_list.id                   1 
_pdbx_struct_oper_list.type                 'identity operation' 
_pdbx_struct_oper_list.name                 1_555 
_pdbx_struct_oper_list.symmetry_operation   x,y,z 
_pdbx_struct_oper_list.matrix[1][1]         1.0000000000 
_pdbx_struct_oper_list.matrix[1][2]         0.0000000000 
_pdbx_struct_oper_list.matrix[1][3]         0.0000000000 
_pdbx_struct_oper_list.vector[1]            0.0000000000 
_pdbx_struct_oper_list.matrix[2][1]         0.0000000000 
_pdbx_struct_oper_list.matrix[2][2]         1.0000000000 
_pdbx_struct_oper_list.matrix[2][3]         0.0000000000 
_pdbx_struct_oper_list.vector[2]            0.0000000000 
_pdbx_struct_oper_list.matrix[3][1]         0.0000000000 
_pdbx_struct_oper_list.matrix[3][2]         0.0000000000 
_pdbx_struct_oper_list.matrix[3][3]         1.0000000000 
_pdbx_struct_oper_list.vector[3]            0.0000000000 
# 
_struct_biol.id        1 
_struct_biol.details   ? 
# 
loop_
_struct_conf.conf_type_id 
_struct_conf.id 
_struct_conf.pdbx_PDB_helix_id 
_struct_conf.beg_label_comp_id 
_struct_conf.beg_label_asym_id 
_struct_conf.beg_label_seq_id 
_struct_conf.pdbx_beg_PDB_ins_code 
_struct_conf.end_label_comp_id 
_struct_conf.end_label_asym_id 
_struct_conf.end_label_seq_id 
_struct_conf.pdbx_end_PDB_ins_code 
_struct_conf.beg_auth_comp_id 
_struct_conf.beg_auth_asym_id 
_struct_conf.beg_auth_seq_id 
_struct_conf.end_auth_comp_id 
_struct_conf.end_auth_asym_id 
_struct_conf.end_auth_seq_id 
_struct_conf.pdbx_PDB_helix_class 
_struct_conf.details 
_struct_conf.pdbx_PDB_helix_length 
HELX_P HELX_P1 1 ILE A 49 ? MET A 57 ? ILE A 49 MET A 57 1 ? 9 
HELX_P HELX_P2 2 ILE B 49 ? ARG B 56 ? ILE D 49 ARG D 56 1 ? 8 
# 
_struct_conf_type.id          HELX_P 
_struct_conf_type.criteria    ? 
_struct_conf_type.reference   ? 
# 
loop_
_struct_conn.id 
_struct_conn.conn_type_id 
_struct_conn.pdbx_leaving_atom_flag 
_struct_conn.pdbx_PDB_id 
_struct_conn.ptnr1_label_asym_id 
_struct_conn.ptnr1_label_comp_id 
_struct_conn.ptnr1_label_seq_id 
_struct_conn.ptnr1_label_atom_id 
_struct_conn.pdbx_ptnr1_label_alt_id 
_struct_conn.pdbx_ptnr1_PDB_ins_code 
_struct_conn.pdbx_ptnr1_standard_comp_id 
_struct_conn.ptnr1_symmetry 
_struct_conn.ptnr2_label_asym_id 
_struct_conn.ptnr2_label_comp_id 
_struct_conn.ptnr2_label_seq_id 
_struct_conn.ptnr2_label_atom_id 
_struct_conn.pdbx_ptnr2_label_alt_id 
_struct_conn.pdbx_ptnr2_PDB_ins_code 
_struct_conn.ptnr1_auth_asym_id 
_struct_conn.ptnr1_auth_comp_id 
_struct_conn.ptnr1_auth_seq_id 
_struct_conn.ptnr2_auth_asym_id 
_struct_conn.ptnr2_auth_comp_id 
_struct_conn.ptnr2_auth_seq_id 
_struct_conn.ptnr2_symmetry 
_struct_conn.pdbx_ptnr3_label_atom_id 
_struct_conn.pdbx_ptnr3_label_seq_id 
_struct_conn.pdbx_ptnr3_label_comp_id 
_struct_conn.pdbx_ptnr3_label_asym_id 
_struct_conn.pdbx_ptnr3_label_alt_id 
_struct_conn.pdbx_ptnr3_PDB_ins_code 
_struct_conn.details 
_struct_conn.pdbx_dist_value 
_struct_conn.pdbx_value_order 
_struct_conn.pdbx_role 
disulf1 disulf ? ? A CYS 12 SG ? ? ? 1_555 A CYS 33 SG ? ? A CYS 12 A CYS 33 1_555 ? ? ? ? ? ? ? 2.027 ? ? 
disulf2 disulf ? ? A CYS 29 SG ? ? ? 1_555 A CYS 70 SG ? ? A CYS 29 A CYS 70 1_555 ? ? ? ? ? ? ? 2.043 ? ? 
disulf3 disulf ? ? A CYS 46 SG ? ? ? 1_555 A CYS 75 SG ? ? A CYS 46 A CYS 75 1_555 ? ? ? ? ? ? ? 2.028 ? ? 
disulf4 disulf ? ? A CYS 65 SG ? ? ? 1_555 A CYS 84 SG ? ? A CYS 65 A CYS 84 1_555 ? ? ? ? ? ? ? 2.003 ? ? 
disulf5 disulf ? ? B CYS 12 SG ? ? ? 1_555 B CYS 33 SG ? ? D CYS 12 D CYS 33 1_555 ? ? ? ? ? ? ? 2.037 ? ? 
disulf6 disulf ? ? B CYS 29 SG ? ? ? 1_555 B CYS 70 SG ? ? D CYS 29 D CYS 70 1_555 ? ? ? ? ? ? ? 2.030 ? ? 
disulf7 disulf ? ? B CYS 46 SG ? ? ? 1_555 B CYS 75 SG ? ? D CYS 46 D CYS 75 1_555 ? ? ? ? ? ? ? 2.009 ? ? 
disulf8 disulf ? ? B CYS 65 SG ? ? ? 1_555 B CYS 84 SG ? ? D CYS 65 D CYS 84 1_555 ? ? ? ? ? ? ? 2.006 ? ? 
# 
_struct_conn_type.id          disulf 
_struct_conn_type.criteria    ? 
_struct_conn_type.reference   ? 
# 
loop_
_pdbx_modification_feature.ordinal 
_pdbx_modification_feature.label_comp_id 
_pdbx_modification_feature.label_asym_id 
_pdbx_modification_feature.label_seq_id 
_pdbx_modification_feature.label_alt_id 
_pdbx_modification_feature.modified_residue_label_comp_id 
_pdbx_modification_feature.modified_residue_label_asym_id 
_pdbx_modification_feature.modified_residue_label_seq_id 
_pdbx_modification_feature.modified_residue_label_alt_id 
_pdbx_modification_feature.auth_comp_id 
_pdbx_modification_feature.auth_asym_id 
_pdbx_modification_feature.auth_seq_id 
_pdbx_modification_feature.PDB_ins_code 
_pdbx_modification_feature.symmetry 
_pdbx_modification_feature.modified_residue_auth_comp_id 
_pdbx_modification_feature.modified_residue_auth_asym_id 
_pdbx_modification_feature.modified_residue_auth_seq_id 
_pdbx_modification_feature.modified_residue_PDB_ins_code 
_pdbx_modification_feature.modified_residue_symmetry 
_pdbx_modification_feature.comp_id_linking_atom 
_pdbx_modification_feature.modified_residue_id_linking_atom 
_pdbx_modification_feature.modified_residue_id 
_pdbx_modification_feature.ref_pcm_id 
_pdbx_modification_feature.ref_comp_id 
_pdbx_modification_feature.type 
_pdbx_modification_feature.category 
1 CYS A 12 ? CYS A 33 ? CYS A 12 ? 1_555 CYS A 33 ? 1_555 SG SG . . . None 'Disulfide bridge' 
2 CYS A 29 ? CYS A 70 ? CYS A 29 ? 1_555 CYS A 70 ? 1_555 SG SG . . . None 'Disulfide bridge' 
3 CYS A 46 ? CYS A 75 ? CYS A 46 ? 1_555 CYS A 75 ? 1_555 SG SG . . . None 'Disulfide bridge' 
4 CYS A 65 ? CYS A 84 ? CYS A 65 ? 1_555 CYS A 84 ? 1_555 SG SG . . . None 'Disulfide bridge' 
5 CYS B 12 ? CYS B 33 ? CYS D 12 ? 1_555 CYS D 33 ? 1_555 SG SG . . . None 'Disulfide bridge' 
6 CYS B 29 ? CYS B 70 ? CYS D 29 ? 1_555 CYS D 70 ? 1_555 SG SG . . . None 'Disulfide bridge' 
7 CYS B 46 ? CYS B 75 ? CYS D 46 ? 1_555 CYS D 75 ? 1_555 SG SG . . . None 'Disulfide bridge' 
8 CYS B 65 ? CYS B 84 ? CYS D 65 ? 1_555 CYS D 84 ? 1_555 SG SG . . . None 'Disulfide bridge' 
# 
_struct_mon_prot_cis.pdbx_id                1 
_struct_mon_prot_cis.label_comp_id          ARG 
_struct_mon_prot_cis.label_seq_id           87 
_struct_mon_prot_cis.label_asym_id          B 
_struct_mon_prot_cis.label_alt_id           . 
_struct_mon_prot_cis.pdbx_PDB_ins_code      ? 
_struct_mon_prot_cis.auth_comp_id           ARG 
_struct_mon_prot_cis.auth_seq_id            87 
_struct_mon_prot_cis.auth_asym_id           D 
_struct_mon_prot_cis.pdbx_label_comp_id_2   ASN 
_struct_mon_prot_cis.pdbx_label_seq_id_2    88 
_struct_mon_prot_cis.pdbx_label_asym_id_2   B 
_struct_mon_prot_cis.pdbx_PDB_ins_code_2    ? 
_struct_mon_prot_cis.pdbx_auth_comp_id_2    ASN 
_struct_mon_prot_cis.pdbx_auth_seq_id_2     88 
_struct_mon_prot_cis.pdbx_auth_asym_id_2    D 
_struct_mon_prot_cis.pdbx_PDB_model_num     1 
_struct_mon_prot_cis.pdbx_omega_angle       8.15 
# 
loop_
_struct_sheet.id 
_struct_sheet.type 
_struct_sheet.number_strands 
_struct_sheet.details 
A ? 4 ? 
B ? 4 ? 
C ? 2 ? 
D ? 3 ? 
E ? 2 ? 
F ? 2 ? 
# 
loop_
_struct_sheet_order.sheet_id 
_struct_sheet_order.range_id_1 
_struct_sheet_order.range_id_2 
_struct_sheet_order.offset 
_struct_sheet_order.sense 
A 1 2 ? anti-parallel 
A 2 3 ? anti-parallel 
A 3 4 ? anti-parallel 
B 1 2 ? anti-parallel 
B 2 3 ? anti-parallel 
B 3 4 ? anti-parallel 
C 1 2 ? anti-parallel 
D 1 2 ? anti-parallel 
D 2 3 ? anti-parallel 
E 1 2 ? anti-parallel 
F 1 2 ? anti-parallel 
# 
loop_
_struct_sheet_range.sheet_id 
_struct_sheet_range.id 
_struct_sheet_range.beg_label_comp_id 
_struct_sheet_range.beg_label_asym_id 
_struct_sheet_range.beg_label_seq_id 
_struct_sheet_range.pdbx_beg_PDB_ins_code 
_struct_sheet_range.end_label_comp_id 
_struct_sheet_range.end_label_asym_id 
_struct_sheet_range.end_label_seq_id 
_struct_sheet_range.pdbx_end_PDB_ins_code 
_struct_sheet_range.beg_auth_comp_id 
_struct_sheet_range.beg_auth_asym_id 
_struct_sheet_range.beg_auth_seq_id 
_struct_sheet_range.end_auth_comp_id 
_struct_sheet_range.end_auth_asym_id 
_struct_sheet_range.end_auth_seq_id 
A 1 PRO A 24 ? ILE A 26 ? PRO A 24 ILE A 26 
A 2 PHE A 14 ? GLU A 18 ? PHE A 14 GLU A 18 
A 3 TYR B 63 ? SER B 71 ? TYR D 63 SER D 71 
A 4 ARG B 45 ? PHE B 47 ? ARG D 45 PHE D 47 
B 1 PRO A 24 ? ILE A 26 ? PRO A 24 ILE A 26 
B 2 PHE A 14 ? GLU A 18 ? PHE A 14 GLU A 18 
B 3 TYR B 63 ? SER B 71 ? TYR D 63 SER D 71 
B 4 ASP B 74 ? CYS B 84 ? ASP D 74 CYS D 84 
C 1 LYS A 30 ? CYS A 33 ? LYS A 30 CYS A 33 
C 2 THR A 36 ? THR A 39 ? THR A 36 THR A 39 
D 1 ARG A 45 ? PHE A 47 ? ARG A 45 PHE A 47 
D 2 TYR A 63 ? SER A 71 ? TYR A 63 SER A 71 
D 3 ASP A 74 ? CYS A 84 ? ASP A 74 CYS A 84 
E 1 VAL B 16 ? GLU B 18 ? VAL D 16 GLU D 18 
E 2 PRO B 24 ? ILE B 26 ? PRO D 24 ILE D 26 
F 1 LYS B 30 ? CYS B 33 ? LYS D 30 CYS D 33 
F 2 THR B 36 ? THR B 39 ? THR D 36 THR D 39 
# 
loop_
_pdbx_struct_sheet_hbond.sheet_id 
_pdbx_struct_sheet_hbond.range_id_1 
_pdbx_struct_sheet_hbond.range_id_2 
_pdbx_struct_sheet_hbond.range_1_label_atom_id 
_pdbx_struct_sheet_hbond.range_1_label_comp_id 
_pdbx_struct_sheet_hbond.range_1_label_asym_id 
_pdbx_struct_sheet_hbond.range_1_label_seq_id 
_pdbx_struct_sheet_hbond.range_1_PDB_ins_code 
_pdbx_struct_sheet_hbond.range_1_auth_atom_id 
_pdbx_struct_sheet_hbond.range_1_auth_comp_id 
_pdbx_struct_sheet_hbond.range_1_auth_asym_id 
_pdbx_struct_sheet_hbond.range_1_auth_seq_id 
_pdbx_struct_sheet_hbond.range_2_label_atom_id 
_pdbx_struct_sheet_hbond.range_2_label_comp_id 
_pdbx_struct_sheet_hbond.range_2_label_asym_id 
_pdbx_struct_sheet_hbond.range_2_label_seq_id 
_pdbx_struct_sheet_hbond.range_2_PDB_ins_code 
_pdbx_struct_sheet_hbond.range_2_auth_atom_id 
_pdbx_struct_sheet_hbond.range_2_auth_comp_id 
_pdbx_struct_sheet_hbond.range_2_auth_asym_id 
_pdbx_struct_sheet_hbond.range_2_auth_seq_id 
A 1 2 O THR A 25 ? O THR A 25 N ALA A 17 ? N ALA A 17 
A 2 3 N PHE A 14 ? N PHE A 14 O ASP B 64 ? O ASP D 64 
A 3 4 O GLY B 68 ? O GLY D 68 N CYS B 46 ? N CYS D 46 
B 1 2 O THR A 25 ? O THR A 25 N ALA A 17 ? N ALA A 17 
B 2 3 N PHE A 14 ? N PHE A 14 O ASP B 64 ? O ASP D 64 
B 3 4 N LEU B 67 ? N LEU D 67 O LYS B 78 ? O LYS D 78 
C 1 2 N CYS A 33 ? N CYS A 33 O THR A 36 ? O THR A 36 
D 1 2 N CYS A 46 ? N CYS A 46 O GLY A 68 ? O GLY A 68 
D 2 3 N CYS A 65 ? N CYS A 65 O GLU A 82 ? O GLU A 82 
E 1 2 N ALA B 17 ? N ALA D 17 O THR B 25 ? O THR D 25 
F 1 2 N GLN B 31 ? N GLN D 31 O GLU B 38 ? O GLU D 38 
# 
_pdbx_entry_details.entry_id                   3FPR 
_pdbx_entry_details.compound_details           ? 
_pdbx_entry_details.source_details             ? 
_pdbx_entry_details.nonpolymer_details         ? 
_pdbx_entry_details.sequence_details           ? 
_pdbx_entry_details.has_ligand_of_interest     ? 
_pdbx_entry_details.has_protein_modification   Y 
# 
_pdbx_validate_close_contact.id               1 
_pdbx_validate_close_contact.PDB_model_num    1 
_pdbx_validate_close_contact.auth_atom_id_1   OG1 
_pdbx_validate_close_contact.auth_asym_id_1   A 
_pdbx_validate_close_contact.auth_comp_id_1   THR 
_pdbx_validate_close_contact.auth_seq_id_1    25 
_pdbx_validate_close_contact.PDB_ins_code_1   ? 
_pdbx_validate_close_contact.label_alt_id_1   ? 
_pdbx_validate_close_contact.auth_atom_id_2   NH1 
_pdbx_validate_close_contact.auth_asym_id_2   A 
_pdbx_validate_close_contact.auth_comp_id_2   ARG 
_pdbx_validate_close_contact.auth_seq_id_2    45 
_pdbx_validate_close_contact.PDB_ins_code_2   ? 
_pdbx_validate_close_contact.label_alt_id_2   ? 
_pdbx_validate_close_contact.dist             2.19 
# 
loop_
_pdbx_validate_torsion.id 
_pdbx_validate_torsion.PDB_model_num 
_pdbx_validate_torsion.auth_comp_id 
_pdbx_validate_torsion.auth_asym_id 
_pdbx_validate_torsion.auth_seq_id 
_pdbx_validate_torsion.PDB_ins_code 
_pdbx_validate_torsion.label_alt_id 
_pdbx_validate_torsion.phi 
_pdbx_validate_torsion.psi 
1 1 ASP A 8  ? ? 119.10 3.55  
2 1 ASN D 60 ? ? 74.61  -3.57 
# 
loop_
_pdbx_unobs_or_zero_occ_residues.id 
_pdbx_unobs_or_zero_occ_residues.PDB_model_num 
_pdbx_unobs_or_zero_occ_residues.polymer_flag 
_pdbx_unobs_or_zero_occ_residues.occupancy_flag 
_pdbx_unobs_or_zero_occ_residues.auth_asym_id 
_pdbx_unobs_or_zero_occ_residues.auth_comp_id 
_pdbx_unobs_or_zero_occ_residues.auth_seq_id 
_pdbx_unobs_or_zero_occ_residues.PDB_ins_code 
_pdbx_unobs_or_zero_occ_residues.label_asym_id 
_pdbx_unobs_or_zero_occ_residues.label_comp_id 
_pdbx_unobs_or_zero_occ_residues.label_seq_id 
1  1 Y 1 A GLU 1   ? A GLU 1   
2  1 Y 1 A ASP 2   ? A ASP 2   
3  1 Y 1 A ASP 3   ? A ASP 3   
4  1 Y 1 A GLU 4   ? A GLU 4   
5  1 Y 1 A ASP 5   ? A ASP 5   
6  1 Y 1 A TYR 6   ? A TYR 6   
7  1 Y 1 A LYS 92  ? A LYS 92  
8  1 Y 1 A LYS 93  ? A LYS 93  
9  1 Y 1 A ASN 94  ? A ASN 94  
10 1 Y 1 A HIS 95  ? A HIS 95  
11 1 Y 1 A HIS 96  ? A HIS 96  
12 1 Y 1 A HIS 97  ? A HIS 97  
13 1 Y 1 A HIS 98  ? A HIS 98  
14 1 Y 1 A HIS 99  ? A HIS 99  
15 1 Y 1 A HIS 100 ? A HIS 100 
16 1 Y 1 D GLU 1   ? B GLU 1   
17 1 Y 1 D ASP 2   ? B ASP 2   
18 1 Y 1 D ASP 3   ? B ASP 3   
19 1 Y 1 D GLU 4   ? B GLU 4   
20 1 Y 1 D ASP 5   ? B ASP 5   
21 1 Y 1 D TYR 6   ? B TYR 6   
22 1 Y 1 D GLY 7   ? B GLY 7   
23 1 Y 1 D ASP 8   ? B ASP 8   
24 1 Y 1 D LEU 9   ? B LEU 9   
25 1 Y 1 D GLY 10  ? B GLY 10  
26 1 Y 1 D TRP 89  ? B TRP 89  
27 1 Y 1 D ARG 90  ? B ARG 90  
28 1 Y 1 D ASP 91  ? B ASP 91  
29 1 Y 1 D LYS 92  ? B LYS 92  
30 1 Y 1 D LYS 93  ? B LYS 93  
31 1 Y 1 D ASN 94  ? B ASN 94  
32 1 Y 1 D HIS 95  ? B HIS 95  
33 1 Y 1 D HIS 96  ? B HIS 96  
34 1 Y 1 D HIS 97  ? B HIS 97  
35 1 Y 1 D HIS 98  ? B HIS 98  
36 1 Y 1 D HIS 99  ? B HIS 99  
37 1 Y 1 D HIS 100 ? B HIS 100 
# 
loop_
_chem_comp_atom.comp_id 
_chem_comp_atom.atom_id 
_chem_comp_atom.type_symbol 
_chem_comp_atom.pdbx_aromatic_flag 
_chem_comp_atom.pdbx_stereo_config 
_chem_comp_atom.pdbx_ordinal 
ALA N    N N N 1   
ALA CA   C N S 2   
ALA C    C N N 3   
ALA O    O N N 4   
ALA CB   C N N 5   
ALA OXT  O N N 6   
ALA H    H N N 7   
ALA H2   H N N 8   
ALA HA   H N N 9   
ALA HB1  H N N 10  
ALA HB2  H N N 11  
ALA HB3  H N N 12  
ALA HXT  H N N 13  
ARG N    N N N 14  
ARG CA   C N S 15  
ARG C    C N N 16  
ARG O    O N N 17  
ARG CB   C N N 18  
ARG CG   C N N 19  
ARG CD   C N N 20  
ARG NE   N N N 21  
ARG CZ   C N N 22  
ARG NH1  N N N 23  
ARG NH2  N N N 24  
ARG OXT  O N N 25  
ARG H    H N N 26  
ARG H2   H N N 27  
ARG HA   H N N 28  
ARG HB2  H N N 29  
ARG HB3  H N N 30  
ARG HG2  H N N 31  
ARG HG3  H N N 32  
ARG HD2  H N N 33  
ARG HD3  H N N 34  
ARG HE   H N N 35  
ARG HH11 H N N 36  
ARG HH12 H N N 37  
ARG HH21 H N N 38  
ARG HH22 H N N 39  
ARG HXT  H N N 40  
ASN N    N N N 41  
ASN CA   C N S 42  
ASN C    C N N 43  
ASN O    O N N 44  
ASN CB   C N N 45  
ASN CG   C N N 46  
ASN OD1  O N N 47  
ASN ND2  N N N 48  
ASN OXT  O N N 49  
ASN H    H N N 50  
ASN H2   H N N 51  
ASN HA   H N N 52  
ASN HB2  H N N 53  
ASN HB3  H N N 54  
ASN HD21 H N N 55  
ASN HD22 H N N 56  
ASN HXT  H N N 57  
ASP N    N N N 58  
ASP CA   C N S 59  
ASP C    C N N 60  
ASP O    O N N 61  
ASP CB   C N N 62  
ASP CG   C N N 63  
ASP OD1  O N N 64  
ASP OD2  O N N 65  
ASP OXT  O N N 66  
ASP H    H N N 67  
ASP H2   H N N 68  
ASP HA   H N N 69  
ASP HB2  H N N 70  
ASP HB3  H N N 71  
ASP HD2  H N N 72  
ASP HXT  H N N 73  
CYS N    N N N 74  
CYS CA   C N R 75  
CYS C    C N N 76  
CYS O    O N N 77  
CYS CB   C N N 78  
CYS SG   S N N 79  
CYS OXT  O N N 80  
CYS H    H N N 81  
CYS H2   H N N 82  
CYS HA   H N N 83  
CYS HB2  H N N 84  
CYS HB3  H N N 85  
CYS HG   H N N 86  
CYS HXT  H N N 87  
GLN N    N N N 88  
GLN CA   C N S 89  
GLN C    C N N 90  
GLN O    O N N 91  
GLN CB   C N N 92  
GLN CG   C N N 93  
GLN CD   C N N 94  
GLN OE1  O N N 95  
GLN NE2  N N N 96  
GLN OXT  O N N 97  
GLN H    H N N 98  
GLN H2   H N N 99  
GLN HA   H N N 100 
GLN HB2  H N N 101 
GLN HB3  H N N 102 
GLN HG2  H N N 103 
GLN HG3  H N N 104 
GLN HE21 H N N 105 
GLN HE22 H N N 106 
GLN HXT  H N N 107 
GLU N    N N N 108 
GLU CA   C N S 109 
GLU C    C N N 110 
GLU O    O N N 111 
GLU CB   C N N 112 
GLU CG   C N N 113 
GLU CD   C N N 114 
GLU OE1  O N N 115 
GLU OE2  O N N 116 
GLU OXT  O N N 117 
GLU H    H N N 118 
GLU H2   H N N 119 
GLU HA   H N N 120 
GLU HB2  H N N 121 
GLU HB3  H N N 122 
GLU HG2  H N N 123 
GLU HG3  H N N 124 
GLU HE2  H N N 125 
GLU HXT  H N N 126 
GLY N    N N N 127 
GLY CA   C N N 128 
GLY C    C N N 129 
GLY O    O N N 130 
GLY OXT  O N N 131 
GLY H    H N N 132 
GLY H2   H N N 133 
GLY HA2  H N N 134 
GLY HA3  H N N 135 
GLY HXT  H N N 136 
HIS N    N N N 137 
HIS CA   C N S 138 
HIS C    C N N 139 
HIS O    O N N 140 
HIS CB   C N N 141 
HIS CG   C Y N 142 
HIS ND1  N Y N 143 
HIS CD2  C Y N 144 
HIS CE1  C Y N 145 
HIS NE2  N Y N 146 
HIS OXT  O N N 147 
HIS H    H N N 148 
HIS H2   H N N 149 
HIS HA   H N N 150 
HIS HB2  H N N 151 
HIS HB3  H N N 152 
HIS HD1  H N N 153 
HIS HD2  H N N 154 
HIS HE1  H N N 155 
HIS HE2  H N N 156 
HIS HXT  H N N 157 
HOH O    O N N 158 
HOH H1   H N N 159 
HOH H2   H N N 160 
ILE N    N N N 161 
ILE CA   C N S 162 
ILE C    C N N 163 
ILE O    O N N 164 
ILE CB   C N S 165 
ILE CG1  C N N 166 
ILE CG2  C N N 167 
ILE CD1  C N N 168 
ILE OXT  O N N 169 
ILE H    H N N 170 
ILE H2   H N N 171 
ILE HA   H N N 172 
ILE HB   H N N 173 
ILE HG12 H N N 174 
ILE HG13 H N N 175 
ILE HG21 H N N 176 
ILE HG22 H N N 177 
ILE HG23 H N N 178 
ILE HD11 H N N 179 
ILE HD12 H N N 180 
ILE HD13 H N N 181 
ILE HXT  H N N 182 
LEU N    N N N 183 
LEU CA   C N S 184 
LEU C    C N N 185 
LEU O    O N N 186 
LEU CB   C N N 187 
LEU CG   C N N 188 
LEU CD1  C N N 189 
LEU CD2  C N N 190 
LEU OXT  O N N 191 
LEU H    H N N 192 
LEU H2   H N N 193 
LEU HA   H N N 194 
LEU HB2  H N N 195 
LEU HB3  H N N 196 
LEU HG   H N N 197 
LEU HD11 H N N 198 
LEU HD12 H N N 199 
LEU HD13 H N N 200 
LEU HD21 H N N 201 
LEU HD22 H N N 202 
LEU HD23 H N N 203 
LEU HXT  H N N 204 
LYS N    N N N 205 
LYS CA   C N S 206 
LYS C    C N N 207 
LYS O    O N N 208 
LYS CB   C N N 209 
LYS CG   C N N 210 
LYS CD   C N N 211 
LYS CE   C N N 212 
LYS NZ   N N N 213 
LYS OXT  O N N 214 
LYS H    H N N 215 
LYS H2   H N N 216 
LYS HA   H N N 217 
LYS HB2  H N N 218 
LYS HB3  H N N 219 
LYS HG2  H N N 220 
LYS HG3  H N N 221 
LYS HD2  H N N 222 
LYS HD3  H N N 223 
LYS HE2  H N N 224 
LYS HE3  H N N 225 
LYS HZ1  H N N 226 
LYS HZ2  H N N 227 
LYS HZ3  H N N 228 
LYS HXT  H N N 229 
MET N    N N N 230 
MET CA   C N S 231 
MET C    C N N 232 
MET O    O N N 233 
MET CB   C N N 234 
MET CG   C N N 235 
MET SD   S N N 236 
MET CE   C N N 237 
MET OXT  O N N 238 
MET H    H N N 239 
MET H2   H N N 240 
MET HA   H N N 241 
MET HB2  H N N 242 
MET HB3  H N N 243 
MET HG2  H N N 244 
MET HG3  H N N 245 
MET HE1  H N N 246 
MET HE2  H N N 247 
MET HE3  H N N 248 
MET HXT  H N N 249 
PHE N    N N N 250 
PHE CA   C N S 251 
PHE C    C N N 252 
PHE O    O N N 253 
PHE CB   C N N 254 
PHE CG   C Y N 255 
PHE CD1  C Y N 256 
PHE CD2  C Y N 257 
PHE CE1  C Y N 258 
PHE CE2  C Y N 259 
PHE CZ   C Y N 260 
PHE OXT  O N N 261 
PHE H    H N N 262 
PHE H2   H N N 263 
PHE HA   H N N 264 
PHE HB2  H N N 265 
PHE HB3  H N N 266 
PHE HD1  H N N 267 
PHE HD2  H N N 268 
PHE HE1  H N N 269 
PHE HE2  H N N 270 
PHE HZ   H N N 271 
PHE HXT  H N N 272 
PRO N    N N N 273 
PRO CA   C N S 274 
PRO C    C N N 275 
PRO O    O N N 276 
PRO CB   C N N 277 
PRO CG   C N N 278 
PRO CD   C N N 279 
PRO OXT  O N N 280 
PRO H    H N N 281 
PRO HA   H N N 282 
PRO HB2  H N N 283 
PRO HB3  H N N 284 
PRO HG2  H N N 285 
PRO HG3  H N N 286 
PRO HD2  H N N 287 
PRO HD3  H N N 288 
PRO HXT  H N N 289 
SER N    N N N 290 
SER CA   C N S 291 
SER C    C N N 292 
SER O    O N N 293 
SER CB   C N N 294 
SER OG   O N N 295 
SER OXT  O N N 296 
SER H    H N N 297 
SER H2   H N N 298 
SER HA   H N N 299 
SER HB2  H N N 300 
SER HB3  H N N 301 
SER HG   H N N 302 
SER HXT  H N N 303 
THR N    N N N 304 
THR CA   C N S 305 
THR C    C N N 306 
THR O    O N N 307 
THR CB   C N R 308 
THR OG1  O N N 309 
THR CG2  C N N 310 
THR OXT  O N N 311 
THR H    H N N 312 
THR H2   H N N 313 
THR HA   H N N 314 
THR HB   H N N 315 
THR HG1  H N N 316 
THR HG21 H N N 317 
THR HG22 H N N 318 
THR HG23 H N N 319 
THR HXT  H N N 320 
TRP N    N N N 321 
TRP CA   C N S 322 
TRP C    C N N 323 
TRP O    O N N 324 
TRP CB   C N N 325 
TRP CG   C Y N 326 
TRP CD1  C Y N 327 
TRP CD2  C Y N 328 
TRP NE1  N Y N 329 
TRP CE2  C Y N 330 
TRP CE3  C Y N 331 
TRP CZ2  C Y N 332 
TRP CZ3  C Y N 333 
TRP CH2  C Y N 334 
TRP OXT  O N N 335 
TRP H    H N N 336 
TRP H2   H N N 337 
TRP HA   H N N 338 
TRP HB2  H N N 339 
TRP HB3  H N N 340 
TRP HD1  H N N 341 
TRP HE1  H N N 342 
TRP HE3  H N N 343 
TRP HZ2  H N N 344 
TRP HZ3  H N N 345 
TRP HH2  H N N 346 
TRP HXT  H N N 347 
TYR N    N N N 348 
TYR CA   C N S 349 
TYR C    C N N 350 
TYR O    O N N 351 
TYR CB   C N N 352 
TYR CG   C Y N 353 
TYR CD1  C Y N 354 
TYR CD2  C Y N 355 
TYR CE1  C Y N 356 
TYR CE2  C Y N 357 
TYR CZ   C Y N 358 
TYR OH   O N N 359 
TYR OXT  O N N 360 
TYR H    H N N 361 
TYR H2   H N N 362 
TYR HA   H N N 363 
TYR HB2  H N N 364 
TYR HB3  H N N 365 
TYR HD1  H N N 366 
TYR HD2  H N N 367 
TYR HE1  H N N 368 
TYR HE2  H N N 369 
TYR HH   H N N 370 
TYR HXT  H N N 371 
VAL N    N N N 372 
VAL CA   C N S 373 
VAL C    C N N 374 
VAL O    O N N 375 
VAL CB   C N N 376 
VAL CG1  C N N 377 
VAL CG2  C N N 378 
VAL OXT  O N N 379 
VAL H    H N N 380 
VAL H2   H N N 381 
VAL HA   H N N 382 
VAL HB   H N N 383 
VAL HG11 H N N 384 
VAL HG12 H N N 385 
VAL HG13 H N N 386 
VAL HG21 H N N 387 
VAL HG22 H N N 388 
VAL HG23 H N N 389 
VAL HXT  H N N 390 
# 
loop_
_chem_comp_bond.comp_id 
_chem_comp_bond.atom_id_1 
_chem_comp_bond.atom_id_2 
_chem_comp_bond.value_order 
_chem_comp_bond.pdbx_aromatic_flag 
_chem_comp_bond.pdbx_stereo_config 
_chem_comp_bond.pdbx_ordinal 
ALA N   CA   sing N N 1   
ALA N   H    sing N N 2   
ALA N   H2   sing N N 3   
ALA CA  C    sing N N 4   
ALA CA  CB   sing N N 5   
ALA CA  HA   sing N N 6   
ALA C   O    doub N N 7   
ALA C   OXT  sing N N 8   
ALA CB  HB1  sing N N 9   
ALA CB  HB2  sing N N 10  
ALA CB  HB3  sing N N 11  
ALA OXT HXT  sing N N 12  
ARG N   CA   sing N N 13  
ARG N   H    sing N N 14  
ARG N   H2   sing N N 15  
ARG CA  C    sing N N 16  
ARG CA  CB   sing N N 17  
ARG CA  HA   sing N N 18  
ARG C   O    doub N N 19  
ARG C   OXT  sing N N 20  
ARG CB  CG   sing N N 21  
ARG CB  HB2  sing N N 22  
ARG CB  HB3  sing N N 23  
ARG CG  CD   sing N N 24  
ARG CG  HG2  sing N N 25  
ARG CG  HG3  sing N N 26  
ARG CD  NE   sing N N 27  
ARG CD  HD2  sing N N 28  
ARG CD  HD3  sing N N 29  
ARG NE  CZ   sing N N 30  
ARG NE  HE   sing N N 31  
ARG CZ  NH1  sing N N 32  
ARG CZ  NH2  doub N N 33  
ARG NH1 HH11 sing N N 34  
ARG NH1 HH12 sing N N 35  
ARG NH2 HH21 sing N N 36  
ARG NH2 HH22 sing N N 37  
ARG OXT HXT  sing N N 38  
ASN N   CA   sing N N 39  
ASN N   H    sing N N 40  
ASN N   H2   sing N N 41  
ASN CA  C    sing N N 42  
ASN CA  CB   sing N N 43  
ASN CA  HA   sing N N 44  
ASN C   O    doub N N 45  
ASN C   OXT  sing N N 46  
ASN CB  CG   sing N N 47  
ASN CB  HB2  sing N N 48  
ASN CB  HB3  sing N N 49  
ASN CG  OD1  doub N N 50  
ASN CG  ND2  sing N N 51  
ASN ND2 HD21 sing N N 52  
ASN ND2 HD22 sing N N 53  
ASN OXT HXT  sing N N 54  
ASP N   CA   sing N N 55  
ASP N   H    sing N N 56  
ASP N   H2   sing N N 57  
ASP CA  C    sing N N 58  
ASP CA  CB   sing N N 59  
ASP CA  HA   sing N N 60  
ASP C   O    doub N N 61  
ASP C   OXT  sing N N 62  
ASP CB  CG   sing N N 63  
ASP CB  HB2  sing N N 64  
ASP CB  HB3  sing N N 65  
ASP CG  OD1  doub N N 66  
ASP CG  OD2  sing N N 67  
ASP OD2 HD2  sing N N 68  
ASP OXT HXT  sing N N 69  
CYS N   CA   sing N N 70  
CYS N   H    sing N N 71  
CYS N   H2   sing N N 72  
CYS CA  C    sing N N 73  
CYS CA  CB   sing N N 74  
CYS CA  HA   sing N N 75  
CYS C   O    doub N N 76  
CYS C   OXT  sing N N 77  
CYS CB  SG   sing N N 78  
CYS CB  HB2  sing N N 79  
CYS CB  HB3  sing N N 80  
CYS SG  HG   sing N N 81  
CYS OXT HXT  sing N N 82  
GLN N   CA   sing N N 83  
GLN N   H    sing N N 84  
GLN N   H2   sing N N 85  
GLN CA  C    sing N N 86  
GLN CA  CB   sing N N 87  
GLN CA  HA   sing N N 88  
GLN C   O    doub N N 89  
GLN C   OXT  sing N N 90  
GLN CB  CG   sing N N 91  
GLN CB  HB2  sing N N 92  
GLN CB  HB3  sing N N 93  
GLN CG  CD   sing N N 94  
GLN CG  HG2  sing N N 95  
GLN CG  HG3  sing N N 96  
GLN CD  OE1  doub N N 97  
GLN CD  NE2  sing N N 98  
GLN NE2 HE21 sing N N 99  
GLN NE2 HE22 sing N N 100 
GLN OXT HXT  sing N N 101 
GLU N   CA   sing N N 102 
GLU N   H    sing N N 103 
GLU N   H2   sing N N 104 
GLU CA  C    sing N N 105 
GLU CA  CB   sing N N 106 
GLU CA  HA   sing N N 107 
GLU C   O    doub N N 108 
GLU C   OXT  sing N N 109 
GLU CB  CG   sing N N 110 
GLU CB  HB2  sing N N 111 
GLU CB  HB3  sing N N 112 
GLU CG  CD   sing N N 113 
GLU CG  HG2  sing N N 114 
GLU CG  HG3  sing N N 115 
GLU CD  OE1  doub N N 116 
GLU CD  OE2  sing N N 117 
GLU OE2 HE2  sing N N 118 
GLU OXT HXT  sing N N 119 
GLY N   CA   sing N N 120 
GLY N   H    sing N N 121 
GLY N   H2   sing N N 122 
GLY CA  C    sing N N 123 
GLY CA  HA2  sing N N 124 
GLY CA  HA3  sing N N 125 
GLY C   O    doub N N 126 
GLY C   OXT  sing N N 127 
GLY OXT HXT  sing N N 128 
HIS N   CA   sing N N 129 
HIS N   H    sing N N 130 
HIS N   H2   sing N N 131 
HIS CA  C    sing N N 132 
HIS CA  CB   sing N N 133 
HIS CA  HA   sing N N 134 
HIS C   O    doub N N 135 
HIS C   OXT  sing N N 136 
HIS CB  CG   sing N N 137 
HIS CB  HB2  sing N N 138 
HIS CB  HB3  sing N N 139 
HIS CG  ND1  sing Y N 140 
HIS CG  CD2  doub Y N 141 
HIS ND1 CE1  doub Y N 142 
HIS ND1 HD1  sing N N 143 
HIS CD2 NE2  sing Y N 144 
HIS CD2 HD2  sing N N 145 
HIS CE1 NE2  sing Y N 146 
HIS CE1 HE1  sing N N 147 
HIS NE2 HE2  sing N N 148 
HIS OXT HXT  sing N N 149 
HOH O   H1   sing N N 150 
HOH O   H2   sing N N 151 
ILE N   CA   sing N N 152 
ILE N   H    sing N N 153 
ILE N   H2   sing N N 154 
ILE CA  C    sing N N 155 
ILE CA  CB   sing N N 156 
ILE CA  HA   sing N N 157 
ILE C   O    doub N N 158 
ILE C   OXT  sing N N 159 
ILE CB  CG1  sing N N 160 
ILE CB  CG2  sing N N 161 
ILE CB  HB   sing N N 162 
ILE CG1 CD1  sing N N 163 
ILE CG1 HG12 sing N N 164 
ILE CG1 HG13 sing N N 165 
ILE CG2 HG21 sing N N 166 
ILE CG2 HG22 sing N N 167 
ILE CG2 HG23 sing N N 168 
ILE CD1 HD11 sing N N 169 
ILE CD1 HD12 sing N N 170 
ILE CD1 HD13 sing N N 171 
ILE OXT HXT  sing N N 172 
LEU N   CA   sing N N 173 
LEU N   H    sing N N 174 
LEU N   H2   sing N N 175 
LEU CA  C    sing N N 176 
LEU CA  CB   sing N N 177 
LEU CA  HA   sing N N 178 
LEU C   O    doub N N 179 
LEU C   OXT  sing N N 180 
LEU CB  CG   sing N N 181 
LEU CB  HB2  sing N N 182 
LEU CB  HB3  sing N N 183 
LEU CG  CD1  sing N N 184 
LEU CG  CD2  sing N N 185 
LEU CG  HG   sing N N 186 
LEU CD1 HD11 sing N N 187 
LEU CD1 HD12 sing N N 188 
LEU CD1 HD13 sing N N 189 
LEU CD2 HD21 sing N N 190 
LEU CD2 HD22 sing N N 191 
LEU CD2 HD23 sing N N 192 
LEU OXT HXT  sing N N 193 
LYS N   CA   sing N N 194 
LYS N   H    sing N N 195 
LYS N   H2   sing N N 196 
LYS CA  C    sing N N 197 
LYS CA  CB   sing N N 198 
LYS CA  HA   sing N N 199 
LYS C   O    doub N N 200 
LYS C   OXT  sing N N 201 
LYS CB  CG   sing N N 202 
LYS CB  HB2  sing N N 203 
LYS CB  HB3  sing N N 204 
LYS CG  CD   sing N N 205 
LYS CG  HG2  sing N N 206 
LYS CG  HG3  sing N N 207 
LYS CD  CE   sing N N 208 
LYS CD  HD2  sing N N 209 
LYS CD  HD3  sing N N 210 
LYS CE  NZ   sing N N 211 
LYS CE  HE2  sing N N 212 
LYS CE  HE3  sing N N 213 
LYS NZ  HZ1  sing N N 214 
LYS NZ  HZ2  sing N N 215 
LYS NZ  HZ3  sing N N 216 
LYS OXT HXT  sing N N 217 
MET N   CA   sing N N 218 
MET N   H    sing N N 219 
MET N   H2   sing N N 220 
MET CA  C    sing N N 221 
MET CA  CB   sing N N 222 
MET CA  HA   sing N N 223 
MET C   O    doub N N 224 
MET C   OXT  sing N N 225 
MET CB  CG   sing N N 226 
MET CB  HB2  sing N N 227 
MET CB  HB3  sing N N 228 
MET CG  SD   sing N N 229 
MET CG  HG2  sing N N 230 
MET CG  HG3  sing N N 231 
MET SD  CE   sing N N 232 
MET CE  HE1  sing N N 233 
MET CE  HE2  sing N N 234 
MET CE  HE3  sing N N 235 
MET OXT HXT  sing N N 236 
PHE N   CA   sing N N 237 
PHE N   H    sing N N 238 
PHE N   H2   sing N N 239 
PHE CA  C    sing N N 240 
PHE CA  CB   sing N N 241 
PHE CA  HA   sing N N 242 
PHE C   O    doub N N 243 
PHE C   OXT  sing N N 244 
PHE CB  CG   sing N N 245 
PHE CB  HB2  sing N N 246 
PHE CB  HB3  sing N N 247 
PHE CG  CD1  doub Y N 248 
PHE CG  CD2  sing Y N 249 
PHE CD1 CE1  sing Y N 250 
PHE CD1 HD1  sing N N 251 
PHE CD2 CE2  doub Y N 252 
PHE CD2 HD2  sing N N 253 
PHE CE1 CZ   doub Y N 254 
PHE CE1 HE1  sing N N 255 
PHE CE2 CZ   sing Y N 256 
PHE CE2 HE2  sing N N 257 
PHE CZ  HZ   sing N N 258 
PHE OXT HXT  sing N N 259 
PRO N   CA   sing N N 260 
PRO N   CD   sing N N 261 
PRO N   H    sing N N 262 
PRO CA  C    sing N N 263 
PRO CA  CB   sing N N 264 
PRO CA  HA   sing N N 265 
PRO C   O    doub N N 266 
PRO C   OXT  sing N N 267 
PRO CB  CG   sing N N 268 
PRO CB  HB2  sing N N 269 
PRO CB  HB3  sing N N 270 
PRO CG  CD   sing N N 271 
PRO CG  HG2  sing N N 272 
PRO CG  HG3  sing N N 273 
PRO CD  HD2  sing N N 274 
PRO CD  HD3  sing N N 275 
PRO OXT HXT  sing N N 276 
SER N   CA   sing N N 277 
SER N   H    sing N N 278 
SER N   H2   sing N N 279 
SER CA  C    sing N N 280 
SER CA  CB   sing N N 281 
SER CA  HA   sing N N 282 
SER C   O    doub N N 283 
SER C   OXT  sing N N 284 
SER CB  OG   sing N N 285 
SER CB  HB2  sing N N 286 
SER CB  HB3  sing N N 287 
SER OG  HG   sing N N 288 
SER OXT HXT  sing N N 289 
THR N   CA   sing N N 290 
THR N   H    sing N N 291 
THR N   H2   sing N N 292 
THR CA  C    sing N N 293 
THR CA  CB   sing N N 294 
THR CA  HA   sing N N 295 
THR C   O    doub N N 296 
THR C   OXT  sing N N 297 
THR CB  OG1  sing N N 298 
THR CB  CG2  sing N N 299 
THR CB  HB   sing N N 300 
THR OG1 HG1  sing N N 301 
THR CG2 HG21 sing N N 302 
THR CG2 HG22 sing N N 303 
THR CG2 HG23 sing N N 304 
THR OXT HXT  sing N N 305 
TRP N   CA   sing N N 306 
TRP N   H    sing N N 307 
TRP N   H2   sing N N 308 
TRP CA  C    sing N N 309 
TRP CA  CB   sing N N 310 
TRP CA  HA   sing N N 311 
TRP C   O    doub N N 312 
TRP C   OXT  sing N N 313 
TRP CB  CG   sing N N 314 
TRP CB  HB2  sing N N 315 
TRP CB  HB3  sing N N 316 
TRP CG  CD1  doub Y N 317 
TRP CG  CD2  sing Y N 318 
TRP CD1 NE1  sing Y N 319 
TRP CD1 HD1  sing N N 320 
TRP CD2 CE2  doub Y N 321 
TRP CD2 CE3  sing Y N 322 
TRP NE1 CE2  sing Y N 323 
TRP NE1 HE1  sing N N 324 
TRP CE2 CZ2  sing Y N 325 
TRP CE3 CZ3  doub Y N 326 
TRP CE3 HE3  sing N N 327 
TRP CZ2 CH2  doub Y N 328 
TRP CZ2 HZ2  sing N N 329 
TRP CZ3 CH2  sing Y N 330 
TRP CZ3 HZ3  sing N N 331 
TRP CH2 HH2  sing N N 332 
TRP OXT HXT  sing N N 333 
TYR N   CA   sing N N 334 
TYR N   H    sing N N 335 
TYR N   H2   sing N N 336 
TYR CA  C    sing N N 337 
TYR CA  CB   sing N N 338 
TYR CA  HA   sing N N 339 
TYR C   O    doub N N 340 
TYR C   OXT  sing N N 341 
TYR CB  CG   sing N N 342 
TYR CB  HB2  sing N N 343 
TYR CB  HB3  sing N N 344 
TYR CG  CD1  doub Y N 345 
TYR CG  CD2  sing Y N 346 
TYR CD1 CE1  sing Y N 347 
TYR CD1 HD1  sing N N 348 
TYR CD2 CE2  doub Y N 349 
TYR CD2 HD2  sing N N 350 
TYR CE1 CZ   doub Y N 351 
TYR CE1 HE1  sing N N 352 
TYR CE2 CZ   sing Y N 353 
TYR CE2 HE2  sing N N 354 
TYR CZ  OH   sing N N 355 
TYR OH  HH   sing N N 356 
TYR OXT HXT  sing N N 357 
VAL N   CA   sing N N 358 
VAL N   H    sing N N 359 
VAL N   H2   sing N N 360 
VAL CA  C    sing N N 361 
VAL CA  CB   sing N N 362 
VAL CA  HA   sing N N 363 
VAL C   O    doub N N 364 
VAL C   OXT  sing N N 365 
VAL CB  CG1  sing N N 366 
VAL CB  CG2  sing N N 367 
VAL CB  HB   sing N N 368 
VAL CG1 HG11 sing N N 369 
VAL CG1 HG12 sing N N 370 
VAL CG1 HG13 sing N N 371 
VAL CG2 HG21 sing N N 372 
VAL CG2 HG22 sing N N 373 
VAL CG2 HG23 sing N N 374 
VAL OXT HXT  sing N N 375 
# 
_atom_sites.entry_id                    3FPR 
_atom_sites.fract_transf_matrix[1][1]   0.01959885 
_atom_sites.fract_transf_matrix[1][2]   -0.00911670 
_atom_sites.fract_transf_matrix[1][3]   -0.01305118 
_atom_sites.fract_transf_matrix[2][1]   0.00058743 
_atom_sites.fract_transf_matrix[2][2]   -0.01732704 
_atom_sites.fract_transf_matrix[2][3]   0.01298567 
_atom_sites.fract_transf_matrix[3][1]   -0.00632496 
_atom_sites.fract_transf_matrix[3][2]   -0.00481306 
_atom_sites.fract_transf_matrix[3][3]   -0.00613604 
_atom_sites.fract_transf_vector[1]      0.754579 
_atom_sites.fract_transf_vector[2]      0.633669 
_atom_sites.fract_transf_vector[3]      0.135509 
# 
loop_
_atom_type.symbol 
C 
N 
O 
S 
# 
loop_
_atom_site.group_PDB 
_atom_site.id 
_atom_site.type_symbol 
_atom_site.label_atom_id 
_atom_site.label_alt_id 
_atom_site.label_comp_id 
_atom_site.label_asym_id 
_atom_site.label_entity_id 
_atom_site.label_seq_id 
_atom_site.pdbx_PDB_ins_code 
_atom_site.Cartn_x 
_atom_site.Cartn_y 
_atom_site.Cartn_z 
_atom_site.occupancy 
_atom_site.B_iso_or_equiv 
_atom_site.pdbx_formal_charge 
_atom_site.auth_seq_id 
_atom_site.auth_comp_id 
_atom_site.auth_asym_id 
_atom_site.auth_atom_id 
_atom_site.pdbx_PDB_model_num 
ATOM   1    N N   . GLY A 1 7  ? -1.701  -17.835 -10.413 1.00 49.05 ? 7   GLY A N   1 
ATOM   2    C CA  . GLY A 1 7  ? -1.571  -16.547 -9.665  1.00 48.78 ? 7   GLY A CA  1 
ATOM   3    C C   . GLY A 1 7  ? -2.646  -15.553 -10.064 1.00 48.89 ? 7   GLY A C   1 
ATOM   4    O O   . GLY A 1 7  ? -3.459  -15.833 -10.956 1.00 49.20 ? 7   GLY A O   1 
ATOM   5    N N   . ASP A 1 8  ? -2.625  -14.385 -9.409  1.00 48.60 ? 8   ASP A N   1 
ATOM   6    C CA  . ASP A 1 8  ? -3.660  -13.328 -9.513  1.00 48.07 ? 8   ASP A CA  1 
ATOM   7    C C   . ASP A 1 8  ? -4.266  -13.117 -8.136  1.00 46.82 ? 8   ASP A C   1 
ATOM   8    O O   . ASP A 1 8  ? -5.206  -12.331 -7.958  1.00 47.30 ? 8   ASP A O   1 
ATOM   9    C CB  . ASP A 1 8  ? -4.764  -13.671 -10.534 1.00 48.76 ? 8   ASP A CB  1 
ATOM   10   C CG  . ASP A 1 8  ? -5.674  -12.482 -10.864 1.00 50.64 ? 8   ASP A CG  1 
ATOM   11   O OD1 . ASP A 1 8  ? -5.496  -11.382 -10.287 1.00 53.17 ? 8   ASP A OD1 1 
ATOM   12   O OD2 . ASP A 1 8  ? -6.580  -12.652 -11.712 1.00 52.76 ? 8   ASP A OD2 1 
ATOM   13   N N   . LEU A 1 9  ? -3.732  -13.822 -7.148  1.00 44.98 ? 9   LEU A N   1 
ATOM   14   C CA  . LEU A 1 9  ? -4.338  -13.782 -5.836  1.00 42.38 ? 9   LEU A CA  1 
ATOM   15   C C   . LEU A 1 9  ? -3.688  -12.663 -5.054  1.00 41.26 ? 9   LEU A C   1 
ATOM   16   O O   . LEU A 1 9  ? -2.463  -12.590 -4.975  1.00 41.27 ? 9   LEU A O   1 
ATOM   17   C CB  . LEU A 1 9  ? -4.215  -15.128 -5.117  1.00 42.39 ? 9   LEU A CB  1 
ATOM   18   C CG  . LEU A 1 9  ? -4.797  -16.371 -5.820  1.00 41.55 ? 9   LEU A CG  1 
ATOM   19   C CD1 . LEU A 1 9  ? -4.884  -17.532 -4.857  1.00 40.52 ? 9   LEU A CD1 1 
ATOM   20   C CD2 . LEU A 1 9  ? -6.171  -16.107 -6.412  1.00 40.82 ? 9   LEU A CD2 1 
ATOM   21   N N   . GLY A 1 10 ? -4.511  -11.768 -4.520  1.00 39.41 ? 10  GLY A N   1 
ATOM   22   C CA  . GLY A 1 10 ? -4.011  -10.684 -3.678  1.00 36.82 ? 10  GLY A CA  1 
ATOM   23   C C   . GLY A 1 10 ? -3.279  -9.565  -4.416  1.00 35.08 ? 10  GLY A C   1 
ATOM   24   O O   . GLY A 1 10 ? -3.538  -9.312  -5.595  1.00 34.80 ? 10  GLY A O   1 
ATOM   25   N N   . GLY A 1 11 ? -2.363  -8.898  -3.716  1.00 32.90 ? 11  GLY A N   1 
ATOM   26   C CA  . GLY A 1 11 ? -1.657  -7.732  -4.265  1.00 30.79 ? 11  GLY A CA  1 
ATOM   27   C C   . GLY A 1 11 ? -1.981  -6.439  -3.520  1.00 30.10 ? 11  GLY A C   1 
ATOM   28   O O   . GLY A 1 11 ? -1.184  -5.501  -3.507  1.00 29.09 ? 11  GLY A O   1 
ATOM   29   N N   . CYS A 1 12 ? -3.162  -6.396  -2.905  1.00 28.64 ? 12  CYS A N   1 
ATOM   30   C CA  . CYS A 1 12 ? -3.608  -5.222  -2.167  1.00 27.75 ? 12  CYS A CA  1 
ATOM   31   C C   . CYS A 1 12 ? -2.559  -4.793  -1.131  1.00 25.61 ? 12  CYS A C   1 
ATOM   32   O O   . CYS A 1 12 ? -2.156  -5.567  -0.275  1.00 25.58 ? 12  CYS A O   1 
ATOM   33   C CB  . CYS A 1 12 ? -4.921  -5.543  -1.469  1.00 28.57 ? 12  CYS A CB  1 
ATOM   34   S SG  . CYS A 1 12 ? -6.285  -5.872  -2.605  1.00 34.66 ? 12  CYS A SG  1 
ATOM   35   N N   . PRO A 1 13 ? -2.110  -3.542  -1.203  1.00 23.30 ? 13  PRO A N   1 
ATOM   36   C CA  . PRO A 1 13 ? -1.216  -3.109  -0.134  1.00 21.93 ? 13  PRO A CA  1 
ATOM   37   C C   . PRO A 1 13 ? -1.981  -2.703  1.137   1.00 20.28 ? 13  PRO A C   1 
ATOM   38   O O   . PRO A 1 13 ? -3.212  -2.590  1.129   1.00 20.17 ? 13  PRO A O   1 
ATOM   39   C CB  . PRO A 1 13 ? -0.503  -1.899  -0.753  1.00 21.43 ? 13  PRO A CB  1 
ATOM   40   C CG  . PRO A 1 13 ? -1.496  -1.345  -1.758  1.00 23.54 ? 13  PRO A CG  1 
ATOM   41   C CD  . PRO A 1 13 ? -2.336  -2.505  -2.237  1.00 23.58 ? 13  PRO A CD  1 
ATOM   42   N N   . PHE A 1 14 ? -1.224  -2.507  2.220   1.00 19.35 ? 14  PHE A N   1 
ATOM   43   C CA  . PHE A 1 14 ? -1.749  -2.136  3.528   1.00 19.08 ? 14  PHE A CA  1 
ATOM   44   C C   . PHE A 1 14 ? -1.792  -0.619  3.759   1.00 17.73 ? 14  PHE A C   1 
ATOM   45   O O   . PHE A 1 14 ? -0.810  0.092   3.483   1.00 17.52 ? 14  PHE A O   1 
ATOM   46   C CB  . PHE A 1 14 ? -0.861  -2.757  4.602   1.00 18.29 ? 14  PHE A CB  1 
ATOM   47   C CG  . PHE A 1 14 ? -1.145  -4.225  4.867   1.00 19.10 ? 14  PHE A CG  1 
ATOM   48   C CD1 . PHE A 1 14 ? -0.874  -5.184  3.892   1.00 23.33 ? 14  PHE A CD1 1 
ATOM   49   C CD2 . PHE A 1 14 ? -1.658  -4.628  6.086   1.00 21.17 ? 14  PHE A CD2 1 
ATOM   50   C CE1 . PHE A 1 14 ? -1.114  -6.539  4.141   1.00 21.73 ? 14  PHE A CE1 1 
ATOM   51   C CE2 . PHE A 1 14 ? -1.888  -5.976  6.349   1.00 22.44 ? 14  PHE A CE2 1 
ATOM   52   C CZ  . PHE A 1 14 ? -1.606  -6.930  5.348   1.00 21.04 ? 14  PHE A CZ  1 
ATOM   53   N N   . LEU A 1 15 ? -2.934  -0.152  4.283   1.00 17.77 ? 15  LEU A N   1 
ATOM   54   C CA  . LEU A 1 15 ? -3.125  1.265   4.630   1.00 16.73 ? 15  LEU A CA  1 
ATOM   55   C C   . LEU A 1 15 ? -2.157  1.635   5.769   1.00 16.70 ? 15  LEU A C   1 
ATOM   56   O O   . LEU A 1 15 ? -1.929  0.829   6.664   1.00 16.90 ? 15  LEU A O   1 
ATOM   57   C CB  . LEU A 1 15 ? -4.569  1.492   5.123   1.00 18.07 ? 15  LEU A CB  1 
ATOM   58   C CG  . LEU A 1 15 ? -5.642  1.869   4.112   1.00 21.64 ? 15  LEU A CG  1 
ATOM   59   C CD1 . LEU A 1 15 ? -7.025  1.849   4.744   1.00 27.58 ? 15  LEU A CD1 1 
ATOM   60   C CD2 . LEU A 1 15 ? -5.291  3.291   3.578   1.00 24.16 ? 15  LEU A CD2 1 
ATOM   61   N N   . VAL A 1 16 ? -1.597  2.850   5.728   1.00 15.99 ? 16  VAL A N   1 
ATOM   62   C CA  . VAL A 1 16 ? -0.660  3.272   6.766   1.00 15.66 ? 16  VAL A CA  1 
ATOM   63   C C   . VAL A 1 16 ? -0.972  4.597   7.428   1.00 16.78 ? 16  VAL A C   1 
ATOM   64   O O   . VAL A 1 16 ? -1.425  5.579   6.781   1.00 17.34 ? 16  VAL A O   1 
ATOM   65   C CB  . VAL A 1 16 ? 0.793   3.337   6.247   1.00 15.63 ? 16  VAL A CB  1 
ATOM   66   C CG1 . VAL A 1 16 ? 1.246   1.941   5.818   1.00 18.61 ? 16  VAL A CG1 1 
ATOM   67   C CG2 . VAL A 1 16 ? 0.927   4.339   5.046   1.00 16.33 ? 16  VAL A CG2 1 
ATOM   68   N N   . ALA A 1 17 ? -0.751  4.629   8.739   1.00 15.46 ? 17  ALA A N   1 
ATOM   69   C CA  . ALA A 1 17 ? -0.647  5.938   9.434   1.00 16.29 ? 17  ALA A CA  1 
ATOM   70   C C   . ALA A 1 17 ? 0.814   6.394   9.396   1.00 16.39 ? 17  ALA A C   1 
ATOM   71   O O   . ALA A 1 17 ? 1.716   5.624   9.063   1.00 17.69 ? 17  ALA A O   1 
ATOM   72   C CB  . ALA A 1 17 ? -1.116  5.823   10.869  1.00 16.32 ? 17  ALA A CB  1 
ATOM   73   N N   . GLU A 1 18 ? 1.074   7.640   9.749   1.00 16.55 ? 18  GLU A N   1 
ATOM   74   C CA  . GLU A 1 18 ? 2.446   8.122   9.693   1.00 18.04 ? 18  GLU A CA  1 
ATOM   75   C C   . GLU A 1 18 ? 2.753   8.933   10.912  1.00 18.09 ? 18  GLU A C   1 
ATOM   76   O O   . GLU A 1 18 ? 1.848   9.475   11.533  1.00 18.52 ? 18  GLU A O   1 
ATOM   77   C CB  . GLU A 1 18 ? 2.661   9.025   8.477   1.00 18.07 ? 18  GLU A CB  1 
ATOM   78   C CG  . GLU A 1 18 ? 2.506   8.298   7.137   1.00 19.13 ? 18  GLU A CG  1 
ATOM   79   C CD  . GLU A 1 18 ? 2.668   9.195   5.932   1.00 23.00 ? 18  GLU A CD  1 
ATOM   80   O OE1 . GLU A 1 18 ? 3.123   10.357  6.084   1.00 23.86 ? 18  GLU A OE1 1 
ATOM   81   O OE2 . GLU A 1 18 ? 2.330   8.732   4.826   1.00 25.98 ? 18  GLU A OE2 1 
ATOM   82   N N   . ASN A 1 19 ? 4.026   9.015   11.267  1.00 19.15 ? 19  ASN A N   1 
ATOM   83   C CA  . ASN A 1 19 ? 4.390   10.065  12.225  1.00 20.97 ? 19  ASN A CA  1 
ATOM   84   C C   . ASN A 1 19 ? 4.510   11.445  11.552  1.00 22.98 ? 19  ASN A C   1 
ATOM   85   O O   . ASN A 1 19 ? 4.195   11.569  10.365  1.00 23.21 ? 19  ASN A O   1 
ATOM   86   C CB  . ASN A 1 19 ? 5.632   9.675   13.012  1.00 21.07 ? 19  ASN A CB  1 
ATOM   87   C CG  . ASN A 1 19 ? 6.903   9.784   12.221  1.00 22.13 ? 19  ASN A CG  1 
ATOM   88   O OD1 . ASN A 1 19 ? 6.922   10.172  11.031  1.00 23.82 ? 19  ASN A OD1 1 
ATOM   89   N ND2 . ASN A 1 19 ? 7.997   9.422   12.873  1.00 25.52 ? 19  ASN A ND2 1 
ATOM   90   N N   . LYS A 1 20 ? 4.876   12.486  12.312  1.00 25.49 ? 20  LYS A N   1 
ATOM   91   C CA  . LYS A 1 20 ? 4.828   13.863  11.754  1.00 27.97 ? 20  LYS A CA  1 
ATOM   92   C C   . LYS A 1 20 ? 5.688   14.011  10.513  1.00 28.82 ? 20  LYS A C   1 
ATOM   93   O O   . LYS A 1 20 ? 5.319   14.751  9.587   1.00 29.83 ? 20  LYS A O   1 
ATOM   94   C CB  . LYS A 1 20 ? 5.183   14.942  12.797  1.00 28.19 ? 20  LYS A CB  1 
ATOM   95   C CG  . LYS A 1 20 ? 4.680   16.346  12.398  1.00 28.82 ? 20  LYS A CG  1 
ATOM   96   C CD  . LYS A 1 20 ? 5.044   17.396  13.442  1.00 30.52 ? 20  LYS A CD  1 
ATOM   97   C CE  . LYS A 1 20 ? 4.563   18.783  13.022  1.00 34.42 ? 20  LYS A CE  1 
ATOM   98   N NZ  . LYS A 1 20 ? 3.138   18.767  12.601  1.00 36.92 ? 20  LYS A NZ  1 
ATOM   99   N N   . THR A 1 21 ? 6.802   13.281  10.481  1.00 29.28 ? 21  THR A N   1 
ATOM   100  C CA  . THR A 1 21 ? 7.777   13.361  9.379   1.00 30.23 ? 21  THR A CA  1 
ATOM   101  C C   . THR A 1 21 ? 7.615   12.299  8.281   1.00 28.79 ? 21  THR A C   1 
ATOM   102  O O   . THR A 1 21 ? 8.408   12.256  7.324   1.00 30.29 ? 21  THR A O   1 
ATOM   103  C CB  . THR A 1 21 ? 9.235   13.340  9.908   1.00 30.54 ? 21  THR A CB  1 
ATOM   104  O OG1 . THR A 1 21 ? 9.481   12.108  10.596  1.00 33.01 ? 21  THR A OG1 1 
ATOM   105  C CG2 . THR A 1 21 ? 9.497   14.520  10.858  1.00 33.69 ? 21  THR A CG2 1 
ATOM   106  N N   . GLY A 1 22 ? 6.601   11.438  8.396   1.00 27.33 ? 22  GLY A N   1 
ATOM   107  C CA  . GLY A 1 22 ? 6.212   10.603  7.270   1.00 25.01 ? 22  GLY A CA  1 
ATOM   108  C C   . GLY A 1 22 ? 6.504   9.117   7.389   1.00 23.52 ? 22  GLY A C   1 
ATOM   109  O O   . GLY A 1 22 ? 6.245   8.348   6.464   1.00 23.90 ? 22  GLY A O   1 
ATOM   110  N N   . TYR A 1 23 ? 7.045   8.710   8.530   1.00 22.24 ? 23  TYR A N   1 
ATOM   111  C CA  . TYR A 1 23 ? 7.337   7.297   8.769   1.00 20.42 ? 23  TYR A CA  1 
ATOM   112  C C   . TYR A 1 23 ? 6.059   6.466   8.904   1.00 20.17 ? 23  TYR A C   1 
ATOM   113  O O   . TYR A 1 23 ? 5.234   6.770   9.766   1.00 19.66 ? 23  TYR A O   1 
ATOM   114  C CB  . TYR A 1 23 ? 8.190   7.166   10.035  1.00 21.35 ? 23  TYR A CB  1 
ATOM   115  C CG  . TYR A 1 23 ? 8.604   5.756   10.291  1.00 20.97 ? 23  TYR A CG  1 
ATOM   116  C CD1 . TYR A 1 23 ? 7.831   4.927   11.087  1.00 24.75 ? 23  TYR A CD1 1 
ATOM   117  C CD2 . TYR A 1 23 ? 9.763   5.231   9.721   1.00 24.65 ? 23  TYR A CD2 1 
ATOM   118  C CE1 . TYR A 1 23 ? 8.183   3.599   11.309  1.00 21.78 ? 23  TYR A CE1 1 
ATOM   119  C CE2 . TYR A 1 23 ? 10.141  3.916   9.978   1.00 22.39 ? 23  TYR A CE2 1 
ATOM   120  C CZ  . TYR A 1 23 ? 9.336   3.109   10.757  1.00 23.07 ? 23  TYR A CZ  1 
ATOM   121  O OH  . TYR A 1 23 ? 9.687   1.794   11.000  1.00 23.63 ? 23  TYR A OH  1 
ATOM   122  N N   . PRO A 1 24 ? 5.869   5.461   8.032   1.00 18.88 ? 24  PRO A N   1 
ATOM   123  C CA  . PRO A 1 24 ? 4.623   4.692   8.000   1.00 18.42 ? 24  PRO A CA  1 
ATOM   124  C C   . PRO A 1 24 ? 4.542   3.505   8.954   1.00 17.04 ? 24  PRO A C   1 
ATOM   125  O O   . PRO A 1 24 ? 5.549   2.798   9.171   1.00 18.81 ? 24  PRO A O   1 
ATOM   126  C CB  . PRO A 1 24 ? 4.607   4.158   6.572   1.00 19.15 ? 24  PRO A CB  1 
ATOM   127  C CG  . PRO A 1 24 ? 6.092   3.888   6.281   1.00 19.67 ? 24  PRO A CG  1 
ATOM   128  C CD  . PRO A 1 24 ? 6.774   5.073   6.923   1.00 19.36 ? 24  PRO A CD  1 
ATOM   129  N N   . THR A 1 25 ? 3.338   3.265   9.473   1.00 16.14 ? 25  THR A N   1 
ATOM   130  C CA  . THR A 1 25 ? 3.047   2.091   10.288  1.00 15.32 ? 25  THR A CA  1 
ATOM   131  C C   . THR A 1 25 ? 1.685   1.565   9.883   1.00 14.95 ? 25  THR A C   1 
ATOM   132  O O   . THR A 1 25 ? 0.715   2.346   9.750   1.00 15.58 ? 25  THR A O   1 
ATOM   133  C CB  . THR A 1 25 ? 3.012   2.473   11.800  1.00 16.65 ? 25  THR A CB  1 
ATOM   134  O OG1 . THR A 1 25 ? 4.285   3.073   12.166  1.00 19.08 ? 25  THR A OG1 1 
ATOM   135  C CG2 . THR A 1 25 ? 2.696   1.241   12.672  1.00 17.14 ? 25  THR A CG2 1 
ATOM   136  N N   . ILE A 1 26 ? 1.580   0.246   9.669   1.00 14.69 ? 26  ILE A N   1 
ATOM   137  C CA  . ILE A 1 26 ? 0.287   -0.299  9.263   1.00 16.05 ? 26  ILE A CA  1 
ATOM   138  C C   . ILE A 1 26 ? -0.750  -0.235  10.381  1.00 15.99 ? 26  ILE A C   1 
ATOM   139  O O   . ILE A 1 26 ? -0.409  -0.196  11.546  1.00 16.29 ? 26  ILE A O   1 
ATOM   140  C CB  . ILE A 1 26 ? 0.410   -1.750  8.752   1.00 15.92 ? 26  ILE A CB  1 
ATOM   141  C CG1 . ILE A 1 26 ? 0.835   -2.690  9.905   1.00 16.35 ? 26  ILE A CG1 1 
ATOM   142  C CG2 . ILE A 1 26 ? 1.319   -1.770  7.574   1.00 16.31 ? 26  ILE A CG2 1 
ATOM   143  C CD1 . ILE A 1 26 ? 1.008   -4.155  9.425   1.00 17.39 ? 26  ILE A CD1 1 
ATOM   144  N N   . VAL A 1 27 ? -2.025  -0.200  9.985   1.00 16.65 ? 27  VAL A N   1 
ATOM   145  C CA  . VAL A 1 27 ? -3.126  -0.031  10.931  1.00 16.87 ? 27  VAL A CA  1 
ATOM   146  C C   . VAL A 1 27 ? -3.926  -1.324  11.113  1.00 18.00 ? 27  VAL A C   1 
ATOM   147  O O   . VAL A 1 27 ? -4.888  -1.374  11.902  1.00 18.98 ? 27  VAL A O   1 
ATOM   148  C CB  . VAL A 1 27 ? -4.047  1.182   10.565  1.00 17.16 ? 27  VAL A CB  1 
ATOM   149  C CG1 . VAL A 1 27 ? -3.250  2.497   10.594  1.00 16.33 ? 27  VAL A CG1 1 
ATOM   150  C CG2 . VAL A 1 27 ? -4.609  0.981   9.163   1.00 18.28 ? 27  VAL A CG2 1 
ATOM   151  N N   . ALA A 1 28 ? -3.517  -2.389  10.411  1.00 18.69 ? 28  ALA A N   1 
ATOM   152  C CA  . ALA A 1 28 ? -4.143  -3.682  10.535  1.00 18.38 ? 28  ALA A CA  1 
ATOM   153  C C   . ALA A 1 28 ? -3.125  -4.739  10.147  1.00 18.91 ? 28  ALA A C   1 
ATOM   154  O O   . ALA A 1 28 ? -2.209  -4.456  9.360   1.00 19.19 ? 28  ALA A O   1 
ATOM   155  C CB  . ALA A 1 28 ? -5.322  -3.773  9.602   1.00 19.40 ? 28  ALA A CB  1 
ATOM   156  N N   . CYS A 1 29 ? -3.269  -5.927  10.733  1.00 19.18 ? 29  CYS A N   1 
ATOM   157  C CA  . CYS A 1 29 ? -2.277  -6.984  10.495  1.00 20.42 ? 29  CYS A CA  1 
ATOM   158  C C   . CYS A 1 29 ? -2.777  -8.019  9.507   1.00 20.74 ? 29  CYS A C   1 
ATOM   159  O O   . CYS A 1 29 ? -2.059  -8.947  9.200   1.00 20.28 ? 29  CYS A O   1 
ATOM   160  C CB  . CYS A 1 29 ? -1.894  -7.689  11.795  1.00 19.91 ? 29  CYS A CB  1 
ATOM   161  S SG  . CYS A 1 29 ? -1.009  -6.598  12.950  1.00 22.58 ? 29  CYS A SG  1 
ATOM   162  N N   . LYS A 1 30 ? -3.989  -7.824  9.014   1.00 21.52 ? 30  LYS A N   1 
ATOM   163  C CA  . LYS A 1 30 ? -4.509  -8.657  7.938   1.00 24.00 ? 30  LYS A CA  1 
ATOM   164  C C   . LYS A 1 30 ? -5.541  -7.874  7.164   1.00 24.92 ? 30  LYS A C   1 
ATOM   165  O O   . LYS A 1 30 ? -6.090  -6.886  7.653   1.00 25.41 ? 30  LYS A O   1 
ATOM   166  C CB  . LYS A 1 30 ? -5.111  -9.937  8.502   1.00 24.47 ? 30  LYS A CB  1 
ATOM   167  C CG  . LYS A 1 30 ? -6.349  -9.740  9.309   1.00 27.19 ? 30  LYS A CG  1 
ATOM   168  C CD  . LYS A 1 30 ? -6.944  -11.079 9.734   1.00 32.49 ? 30  LYS A CD  1 
ATOM   169  C CE  . LYS A 1 30 ? -8.086  -10.843 10.680  1.00 36.24 ? 30  LYS A CE  1 
ATOM   170  N NZ  . LYS A 1 30 ? -7.614  -10.293 11.983  1.00 38.54 ? 30  LYS A NZ  1 
ATOM   171  N N   . GLN A 1 31 ? -5.793  -8.296  5.936   1.00 25.23 ? 31  GLN A N   1 
ATOM   172  C CA  . GLN A 1 31 ? -6.877  -7.721  5.177   1.00 26.33 ? 31  GLN A CA  1 
ATOM   173  C C   . GLN A 1 31 ? -7.343  -8.713  4.142   1.00 27.52 ? 31  GLN A C   1 
ATOM   174  O O   . GLN A 1 31 ? -6.622  -9.673  3.827   1.00 27.48 ? 31  GLN A O   1 
ATOM   175  C CB  . GLN A 1 31 ? -6.426  -6.432  4.501   1.00 27.05 ? 31  GLN A CB  1 
ATOM   176  C CG  . GLN A 1 31 ? -5.279  -6.602  3.539   1.00 26.46 ? 31  GLN A CG  1 
ATOM   177  C CD  . GLN A 1 31 ? -5.100  -5.414  2.633   1.00 31.45 ? 31  GLN A CD  1 
ATOM   178  O OE1 . GLN A 1 31 ? -3.981  -4.953  2.429   1.00 35.51 ? 31  GLN A OE1 1 
ATOM   179  N NE2 . GLN A 1 31 ? -6.200  -4.915  2.057   1.00 36.36 ? 31  GLN A NE2 1 
ATOM   180  N N   . ASP A 1 32 ? -8.543  -8.478  3.627   1.00 29.01 ? 32  ASP A N   1 
ATOM   181  C CA  . ASP A 1 32 ? -9.058  -9.302  2.552   1.00 30.59 ? 32  ASP A CA  1 
ATOM   182  C C   . ASP A 1 32 ? -8.921  -8.571  1.236   1.00 31.41 ? 32  ASP A C   1 
ATOM   183  O O   . ASP A 1 32 ? -9.419  -7.452  1.077   1.00 31.72 ? 32  ASP A O   1 
ATOM   184  C CB  . ASP A 1 32 ? -10.519 -9.653  2.805   1.00 31.70 ? 32  ASP A CB  1 
ATOM   185  C CG  . ASP A 1 32 ? -11.042 -10.656 1.799   1.00 34.38 ? 32  ASP A CG  1 
ATOM   186  O OD1 . ASP A 1 32 ? -10.728 -11.856 1.951   1.00 39.07 ? 32  ASP A OD1 1 
ATOM   187  O OD2 . ASP A 1 32 ? -11.736 -10.235 0.851   1.00 40.39 ? 32  ASP A OD2 1 
ATOM   188  N N   . CYS A 1 33 ? -8.268  -9.218  0.282   1.00 30.90 ? 33  CYS A N   1 
ATOM   189  C CA  . CYS A 1 33 ? -8.088  -8.669  -1.033  1.00 31.84 ? 33  CYS A CA  1 
ATOM   190  C C   . CYS A 1 33 ? -8.800  -9.588  -2.022  1.00 32.21 ? 33  CYS A C   1 
ATOM   191  O O   . CYS A 1 33 ? -8.280  -10.643 -2.368  1.00 31.71 ? 33  CYS A O   1 
ATOM   192  C CB  . CYS A 1 33 ? -6.599  -8.581  -1.341  1.00 32.06 ? 33  CYS A CB  1 
ATOM   193  S SG  . CYS A 1 33 ? -6.212  -7.872  -2.923  1.00 34.40 ? 33  CYS A SG  1 
ATOM   194  N N   . ASN A 1 34 ? -10.005 -9.193  -2.433  1.00 32.73 ? 34  ASN A N   1 
ATOM   195  C CA  . ASN A 1 34 ? -10.806 -9.976  -3.389  1.00 33.70 ? 34  ASN A CA  1 
ATOM   196  C C   . ASN A 1 34 ? -10.922 -11.448 -2.960  1.00 32.60 ? 34  ASN A C   1 
ATOM   197  O O   . ASN A 1 34 ? -10.826 -12.361 -3.796  1.00 34.15 ? 34  ASN A O   1 
ATOM   198  C CB  . ASN A 1 34 ? -10.219 -9.842  -4.808  1.00 34.58 ? 34  ASN A CB  1 
ATOM   199  C CG  . ASN A 1 34 ? -11.074 -10.516 -5.881  1.00 38.29 ? 34  ASN A CG  1 
ATOM   200  O OD1 . ASN A 1 34 ? -12.303 -10.362 -5.912  1.00 42.34 ? 34  ASN A OD1 1 
ATOM   201  N ND2 . ASN A 1 34 ? -10.423 -11.268 -6.771  1.00 41.50 ? 34  ASN A ND2 1 
ATOM   202  N N   . GLY A 1 35 ? -11.103 -11.672 -1.661  1.00 31.35 ? 35  GLY A N   1 
ATOM   203  C CA  . GLY A 1 35 ? -11.265 -13.034 -1.122  1.00 29.34 ? 35  GLY A CA  1 
ATOM   204  C C   . GLY A 1 35 ? -9.980  -13.699 -0.636  1.00 28.02 ? 35  GLY A C   1 
ATOM   205  O O   . GLY A 1 35 ? -10.014 -14.659 0.149   1.00 27.29 ? 35  GLY A O   1 
ATOM   206  N N   . THR A 1 36 ? -8.838  -13.180 -1.071  1.00 27.01 ? 36  THR A N   1 
ATOM   207  C CA  . THR A 1 36 ? -7.558  -13.680 -0.603  1.00 26.68 ? 36  THR A CA  1 
ATOM   208  C C   . THR A 1 36 ? -7.140  -12.957 0.686   1.00 26.46 ? 36  THR A C   1 
ATOM   209  O O   . THR A 1 36 ? -7.083  -11.722 0.696   1.00 27.46 ? 36  THR A O   1 
ATOM   210  C CB  . THR A 1 36 ? -6.474  -13.490 -1.703  1.00 26.65 ? 36  THR A CB  1 
ATOM   211  O OG1 . THR A 1 36 ? -6.789  -14.348 -2.816  1.00 27.19 ? 36  THR A OG1 1 
ATOM   212  C CG2 . THR A 1 36 ? -5.096  -13.844 -1.199  1.00 26.94 ? 36  THR A CG2 1 
ATOM   213  N N   . THR A 1 37 ? -6.878  -13.693 1.762   1.00 25.30 ? 37  THR A N   1 
ATOM   214  C CA  . THR A 1 37 ? -6.397  -13.042 3.002   1.00 25.13 ? 37  THR A CA  1 
ATOM   215  C C   . THR A 1 37 ? -4.896  -12.751 2.926   1.00 24.59 ? 37  THR A C   1 
ATOM   216  O O   . THR A 1 37 ? -4.108  -13.588 2.498   1.00 24.85 ? 37  THR A O   1 
ATOM   217  C CB  . THR A 1 37 ? -6.674  -13.894 4.239   1.00 26.26 ? 37  THR A CB  1 
ATOM   218  O OG1 . THR A 1 37 ? -8.053  -14.261 4.238   1.00 28.48 ? 37  THR A OG1 1 
ATOM   219  C CG2 . THR A 1 37 ? -6.399  -13.087 5.525   1.00 27.21 ? 37  THR A CG2 1 
ATOM   220  N N   . GLU A 1 38 ? -4.489  -11.560 3.356   1.00 22.76 ? 38  GLU A N   1 
ATOM   221  C CA  . GLU A 1 38 ? -3.073  -11.205 3.391   1.00 23.91 ? 38  GLU A CA  1 
ATOM   222  C C   . GLU A 1 38 ? -2.740  -10.930 4.830   1.00 22.92 ? 38  GLU A C   1 
ATOM   223  O O   . GLU A 1 38 ? -3.470  -10.193 5.491   1.00 22.20 ? 38  GLU A O   1 
ATOM   224  C CB  . GLU A 1 38 ? -2.824  -9.936  2.568   1.00 24.11 ? 38  GLU A CB  1 
ATOM   225  C CG  . GLU A 1 38 ? -3.456  -9.974  1.170   1.00 25.60 ? 38  GLU A CG  1 
ATOM   226  C CD  . GLU A 1 38 ? -3.160  -8.742  0.338   1.00 27.72 ? 38  GLU A CD  1 
ATOM   227  O OE1 . GLU A 1 38 ? -2.899  -7.658  0.919   1.00 30.27 ? 38  GLU A OE1 1 
ATOM   228  O OE2 . GLU A 1 38 ? -3.207  -8.841  -0.911  1.00 30.68 ? 38  GLU A OE2 1 
ATOM   229  N N   . THR A 1 39 ? -1.669  -11.523 5.333   1.00 21.94 ? 39  THR A N   1 
ATOM   230  C CA  . THR A 1 39 ? -1.347  -11.423 6.758   1.00 23.58 ? 39  THR A CA  1 
ATOM   231  C C   . THR A 1 39 ? 0.077   -10.874 6.915   1.00 22.60 ? 39  THR A C   1 
ATOM   232  O O   . THR A 1 39 ? 1.017   -11.356 6.276   1.00 23.67 ? 39  THR A O   1 
ATOM   233  C CB  . THR A 1 39 ? -1.482  -12.810 7.447   1.00 23.78 ? 39  THR A CB  1 
ATOM   234  O OG1 . THR A 1 39 ? -2.851  -13.262 7.353   1.00 29.04 ? 39  THR A OG1 1 
ATOM   235  C CG2 . THR A 1 39 ? -1.072  -12.764 8.924   1.00 26.30 ? 39  THR A CG2 1 
ATOM   236  N N   . ALA A 1 40 ? 0.234   -9.855  7.755   1.00 20.46 ? 40  ALA A N   1 
ATOM   237  C CA  . ALA A 1 40 ? 1.525   -9.290  7.996   1.00 20.73 ? 40  ALA A CA  1 
ATOM   238  C C   . ALA A 1 40 ? 2.361   -10.257 8.833   1.00 20.28 ? 40  ALA A C   1 
ATOM   239  O O   . ALA A 1 40 ? 1.819   -11.051 9.597   1.00 21.17 ? 40  ALA A O   1 
ATOM   240  C CB  . ALA A 1 40 ? 1.384   -7.954  8.684   1.00 19.89 ? 40  ALA A CB  1 
ATOM   241  N N   . PRO A 1 41 ? 3.687   -10.195 8.691   1.00 21.23 ? 41  PRO A N   1 
ATOM   242  C CA  . PRO A 1 41 ? 4.575   -11.040 9.481   1.00 22.09 ? 41  PRO A CA  1 
ATOM   243  C C   . PRO A 1 41 ? 4.410   -10.827 10.966  1.00 23.41 ? 41  PRO A C   1 
ATOM   244  O O   . PRO A 1 41 ? 4.227   -9.686  11.419  1.00 22.27 ? 41  PRO A O   1 
ATOM   245  C CB  . PRO A 1 41 ? 5.969   -10.567 9.044   1.00 23.57 ? 41  PRO A CB  1 
ATOM   246  C CG  . PRO A 1 41 ? 5.745   -10.105 7.633   1.00 22.33 ? 41  PRO A CG  1 
ATOM   247  C CD  . PRO A 1 41 ? 4.438   -9.370  7.733   1.00 21.13 ? 41  PRO A CD  1 
ATOM   248  N N   . ASN A 1 42 ? 4.449   -11.918 11.730  1.00 23.98 ? 42  ASN A N   1 
ATOM   249  C CA  . ASN A 1 42 ? 4.453   -11.806 13.180  1.00 24.25 ? 42  ASN A CA  1 
ATOM   250  C C   . ASN A 1 42 ? 5.584   -10.902 13.634  1.00 23.58 ? 42  ASN A C   1 
ATOM   251  O O   . ASN A 1 42 ? 6.670   -10.941 13.065  1.00 25.06 ? 42  ASN A O   1 
ATOM   252  C CB  . ASN A 1 42 ? 4.572   -13.187 13.836  1.00 25.68 ? 42  ASN A CB  1 
ATOM   253  C CG  . ASN A 1 42 ? 3.307   -14.021 13.664  1.00 26.26 ? 42  ASN A CG  1 
ATOM   254  O OD1 . ASN A 1 42 ? 2.223   -13.503 13.374  1.00 24.67 ? 42  ASN A OD1 1 
ATOM   255  N ND2 . ASN A 1 42 ? 3.447   -15.340 13.852  1.00 29.27 ? 42  ASN A ND2 1 
ATOM   256  N N   . GLY A 1 43 ? 5.300   -10.068 14.633  1.00 22.22 ? 43  GLY A N   1 
ATOM   257  C CA  . GLY A 1 43 ? 6.270   -9.117  15.186  1.00 20.93 ? 43  GLY A CA  1 
ATOM   258  C C   . GLY A 1 43 ? 6.262   -7.740  14.522  1.00 19.59 ? 43  GLY A C   1 
ATOM   259  O O   . GLY A 1 43 ? 6.875   -6.805  15.037  1.00 20.32 ? 43  GLY A O   1 
ATOM   260  N N   . THR A 1 44 ? 5.538   -7.606  13.400  1.00 18.66 ? 44  THR A N   1 
ATOM   261  C CA  . THR A 1 44 ? 5.465   -6.324  12.683  1.00 18.39 ? 44  THR A CA  1 
ATOM   262  C C   . THR A 1 44 ? 4.823   -5.271  13.596  1.00 17.94 ? 44  THR A C   1 
ATOM   263  O O   . THR A 1 44 ? 3.822   -5.526  14.241  1.00 17.73 ? 44  THR A O   1 
ATOM   264  C CB  . THR A 1 44 ? 4.663   -6.471  11.367  1.00 18.35 ? 44  THR A CB  1 
ATOM   265  O OG1 . THR A 1 44 ? 5.257   -7.498  10.548  1.00 18.12 ? 44  THR A OG1 1 
ATOM   266  C CG2 . THR A 1 44 ? 4.599   -5.156  10.588  1.00 20.69 ? 44  THR A CG2 1 
ATOM   267  N N   . ARG A 1 45 ? 5.432   -4.090  13.652  1.00 18.51 ? 45  ARG A N   1 
ATOM   268  C CA  . ARG A 1 45 ? 4.847   -2.980  14.368  1.00 18.54 ? 45  ARG A CA  1 
ATOM   269  C C   . ARG A 1 45 ? 3.531   -2.575  13.717  1.00 18.28 ? 45  ARG A C   1 
ATOM   270  O O   . ARG A 1 45 ? 3.422   -2.515  12.486  1.00 16.50 ? 45  ARG A O   1 
ATOM   271  C CB  . ARG A 1 45 ? 5.840   -1.827  14.318  1.00 20.06 ? 45  ARG A CB  1 
ATOM   272  C CG  . ARG A 1 45 ? 5.625   -0.713  15.287  1.00 25.03 ? 45  ARG A CG  1 
ATOM   273  C CD  . ARG A 1 45 ? 6.857   0.208   15.279  1.00 30.47 ? 45  ARG A CD  1 
ATOM   274  N NE  . ARG A 1 45 ? 6.506   1.615   15.530  1.00 35.04 ? 45  ARG A NE  1 
ATOM   275  C CZ  . ARG A 1 45 ? 5.878   2.371   14.627  1.00 35.87 ? 45  ARG A CZ  1 
ATOM   276  N NH1 . ARG A 1 45 ? 5.552   1.840   13.462  1.00 38.51 ? 45  ARG A NH1 1 
ATOM   277  N NH2 . ARG A 1 45 ? 5.583   3.633   14.865  1.00 36.63 ? 45  ARG A NH2 1 
ATOM   278  N N   . CYS A 1 46 ? 2.527   -2.271  14.531  1.00 17.86 ? 46  CYS A N   1 
ATOM   279  C CA  . CYS A 1 46 ? 1.251   -1.781  13.981  1.00 17.70 ? 46  CYS A CA  1 
ATOM   280  C C   . CYS A 1 46 ? 0.601   -0.783  14.924  1.00 19.02 ? 46  CYS A C   1 
ATOM   281  O O   . CYS A 1 46 ? 1.025   -0.679  16.082  1.00 17.73 ? 46  CYS A O   1 
ATOM   282  C CB  . CYS A 1 46 ? 0.280   -2.937  13.759  1.00 19.37 ? 46  CYS A CB  1 
ATOM   283  S SG  . CYS A 1 46 ? 0.113   -4.053  15.170  1.00 22.50 ? 46  CYS A SG  1 
ATOM   284  N N   . PHE A 1 47 ? -0.428  -0.086  14.451  1.00 17.53 ? 47  PHE A N   1 
ATOM   285  C CA  . PHE A 1 47 ? -1.346  0.656   15.349  1.00 18.52 ? 47  PHE A CA  1 
ATOM   286  C C   . PHE A 1 47 ? -2.667  -0.044  15.338  1.00 18.98 ? 47  PHE A C   1 
ATOM   287  O O   . PHE A 1 47 ? -3.181  -0.346  14.265  1.00 19.18 ? 47  PHE A O   1 
ATOM   288  C CB  . PHE A 1 47 ? -1.597  2.087   14.884  1.00 18.44 ? 47  PHE A CB  1 
ATOM   289  C CG  . PHE A 1 47 ? -0.401  2.979   14.974  1.00 17.97 ? 47  PHE A CG  1 
ATOM   290  C CD1 . PHE A 1 47 ? 0.084   3.608   13.852  1.00 18.49 ? 47  PHE A CD1 1 
ATOM   291  C CD2 . PHE A 1 47 ? 0.257   3.175   16.180  1.00 19.88 ? 47  PHE A CD2 1 
ATOM   292  C CE1 . PHE A 1 47 ? 1.177   4.441   13.899  1.00 21.28 ? 47  PHE A CE1 1 
ATOM   293  C CE2 . PHE A 1 47 ? 1.384   4.005   16.229  1.00 19.57 ? 47  PHE A CE2 1 
ATOM   294  C CZ  . PHE A 1 47 ? 1.830   4.633   15.094  1.00 20.36 ? 47  PHE A CZ  1 
ATOM   295  N N   . SER A 1 48 ? -3.229  -0.284  16.515  1.00 19.43 ? 48  SER A N   1 
ATOM   296  C CA  . SER A 1 48 ? -4.441  -1.067  16.637  1.00 21.89 ? 48  SER A CA  1 
ATOM   297  C C   . SER A 1 48 ? -5.646  -0.176  16.422  1.00 22.43 ? 48  SER A C   1 
ATOM   298  O O   . SER A 1 48 ? -6.494  -0.043  17.308  1.00 24.53 ? 48  SER A O   1 
ATOM   299  C CB  . SER A 1 48 ? -4.487  -1.782  17.999  1.00 22.44 ? 48  SER A CB  1 
ATOM   300  O OG  . SER A 1 48 ? -4.160  -0.904  19.054  1.00 25.29 ? 48  SER A OG  1 
ATOM   301  N N   . ILE A 1 49 ? -5.728  0.458   15.259  1.00 22.49 ? 49  ILE A N   1 
ATOM   302  C CA  . ILE A 1 49 ? -6.896  1.282   14.982  1.00 22.53 ? 49  ILE A CA  1 
ATOM   303  C C   . ILE A 1 49 ? -7.740  0.774   13.829  1.00 22.19 ? 49  ILE A C   1 
ATOM   304  O O   . ILE A 1 49 ? -8.928  1.104   13.743  1.00 22.18 ? 49  ILE A O   1 
ATOM   305  C CB  . ILE A 1 49 ? -6.532  2.778   14.789  1.00 23.03 ? 49  ILE A CB  1 
ATOM   306  C CG1 . ILE A 1 49 ? -5.714  2.970   13.521  1.00 22.27 ? 49  ILE A CG1 1 
ATOM   307  C CG2 . ILE A 1 49 ? -5.770  3.272   16.026  1.00 21.50 ? 49  ILE A CG2 1 
ATOM   308  C CD1 . ILE A 1 49 ? -5.328  4.439   13.204  1.00 24.68 ? 49  ILE A CD1 1 
ATOM   309  N N   . GLY A 1 50 ? -7.126  0.000   12.933  1.00 21.48 ? 50  GLY A N   1 
ATOM   310  C CA  . GLY A 1 50 ? -7.869  -0.525  11.792  1.00 22.76 ? 50  GLY A CA  1 
ATOM   311  C C   . GLY A 1 50 ? -8.028  0.463   10.659  1.00 23.15 ? 50  GLY A C   1 
ATOM   312  O O   . GLY A 1 50 ? -7.852  1.676   10.817  1.00 23.23 ? 50  GLY A O   1 
ATOM   313  N N   . ASP A 1 51 ? -8.396  -0.056  9.489   1.00 24.38 ? 51  ASP A N   1 
ATOM   314  C CA  . ASP A 1 51 ? -8.617  0.789   8.340   1.00 27.20 ? 51  ASP A CA  1 
ATOM   315  C C   . ASP A 1 51 ? -9.669  1.843   8.675   1.00 27.83 ? 51  ASP A C   1 
ATOM   316  O O   . ASP A 1 51 ? -9.513  3.030   8.339   1.00 27.98 ? 51  ASP A O   1 
ATOM   317  C CB  . ASP A 1 51 ? -9.063  -0.070  7.138   1.00 27.07 ? 51  ASP A CB  1 
ATOM   318  C CG  . ASP A 1 51 ? -8.005  -1.080  6.691   1.00 30.26 ? 51  ASP A CG  1 
ATOM   319  O OD1 . ASP A 1 51 ? -6.810  -0.931  7.003   1.00 30.79 ? 51  ASP A OD1 1 
ATOM   320  O OD2 . ASP A 1 51 ? -8.391  -2.062  5.999   1.00 33.21 ? 51  ASP A OD2 1 
ATOM   321  N N   . GLU A 1 52 ? -10.722 1.405   9.375   1.00 29.47 ? 52  GLU A N   1 
ATOM   322  C CA  . GLU A 1 52 ? -11.826 2.261   9.804   1.00 30.35 ? 52  GLU A CA  1 
ATOM   323  C C   . GLU A 1 52 ? -11.320 3.416   10.643  1.00 30.48 ? 52  GLU A C   1 
ATOM   324  O O   . GLU A 1 52 ? -11.674 4.566   10.384  1.00 31.54 ? 52  GLU A O   1 
ATOM   325  C CB  . GLU A 1 52 ? -12.848 1.441   10.599  1.00 30.27 ? 52  GLU A CB  1 
ATOM   326  N N   . GLY A 1 53 ? -10.457 3.101   11.614  1.00 29.50 ? 53  GLY A N   1 
ATOM   327  C CA  . GLY A 1 53 ? -9.874  4.082   12.516  1.00 28.59 ? 53  GLY A CA  1 
ATOM   328  C C   . GLY A 1 53 ? -9.088  5.158   11.797  1.00 28.22 ? 53  GLY A C   1 
ATOM   329  O O   . GLY A 1 53 ? -9.233  6.337   12.099  1.00 27.99 ? 53  GLY A O   1 
ATOM   330  N N   . LEU A 1 54 ? -8.268  4.751   10.833  1.00 27.10 ? 54  LEU A N   1 
ATOM   331  C CA  . LEU A 1 54 ? -7.497  5.712   10.046  1.00 27.23 ? 54  LEU A CA  1 
ATOM   332  C C   . LEU A 1 54 ? -8.430  6.654   9.265   1.00 27.43 ? 54  LEU A C   1 
ATOM   333  O O   . LEU A 1 54 ? -8.265  7.879   9.269   1.00 25.93 ? 54  LEU A O   1 
ATOM   334  C CB  . LEU A 1 54 ? -6.556  4.949   9.114   1.00 27.90 ? 54  LEU A CB  1 
ATOM   335  C CG  . LEU A 1 54 ? -5.245  5.532   8.595   1.00 30.41 ? 54  LEU A CG  1 
ATOM   336  C CD1 . LEU A 1 54 ? -5.326  5.849   7.118   1.00 34.65 ? 54  LEU A CD1 1 
ATOM   337  C CD2 . LEU A 1 54 ? -4.705  6.702   9.455   1.00 31.66 ? 54  LEU A CD2 1 
ATOM   338  N N   . ARG A 1 55 ? -9.457  6.080   8.655   1.00 27.93 ? 55  ARG A N   1 
ATOM   339  C CA  . ARG A 1 55 ? -10.394 6.856   7.834   1.00 29.43 ? 55  ARG A CA  1 
ATOM   340  C C   . ARG A 1 55 ? -11.189 7.902   8.628   1.00 29.60 ? 55  ARG A C   1 
ATOM   341  O O   . ARG A 1 55 ? -11.550 8.961   8.104   1.00 30.65 ? 55  ARG A O   1 
ATOM   342  C CB  . ARG A 1 55 ? -11.310 5.903   7.075   1.00 29.55 ? 55  ARG A CB  1 
ATOM   343  C CG  . ARG A 1 55 ? -10.534 5.007   6.118   1.00 32.31 ? 55  ARG A CG  1 
ATOM   344  C CD  . ARG A 1 55 ? -11.431 4.397   5.071   1.00 35.95 ? 55  ARG A CD  1 
ATOM   345  N NE  . ARG A 1 55 ? -11.963 5.430   4.185   1.00 39.34 ? 55  ARG A NE  1 
ATOM   346  C CZ  . ARG A 1 55 ? -12.576 5.186   3.030   1.00 40.02 ? 55  ARG A CZ  1 
ATOM   347  N NH1 . ARG A 1 55 ? -12.730 3.937   2.615   1.00 42.34 ? 55  ARG A NH1 1 
ATOM   348  N NH2 . ARG A 1 55 ? -13.030 6.194   2.297   1.00 39.45 ? 55  ARG A NH2 1 
ATOM   349  N N   . ARG A 1 56 ? -11.413 7.619   9.900   1.00 29.29 ? 56  ARG A N   1 
ATOM   350  C CA  . ARG A 1 56 ? -12.088 8.538   10.805  1.00 30.59 ? 56  ARG A CA  1 
ATOM   351  C C   . ARG A 1 56 ? -11.214 9.681   11.288  1.00 30.00 ? 56  ARG A C   1 
ATOM   352  O O   . ARG A 1 56 ? -11.717 10.659  11.842  1.00 31.68 ? 56  ARG A O   1 
ATOM   353  C CB  . ARG A 1 56 ? -12.593 7.778   12.021  1.00 30.12 ? 56  ARG A CB  1 
ATOM   354  C CG  . ARG A 1 56 ? -13.592 6.702   11.689  1.00 34.77 ? 56  ARG A CG  1 
ATOM   355  C CD  . ARG A 1 56 ? -14.273 6.240   12.977  1.00 37.72 ? 56  ARG A CD  1 
ATOM   356  N NE  . ARG A 1 56 ? -15.672 5.892   12.749  1.00 43.06 ? 56  ARG A NE  1 
ATOM   357  C CZ  . ARG A 1 56 ? -16.592 6.723   12.256  1.00 44.61 ? 56  ARG A CZ  1 
ATOM   358  N NH1 . ARG A 1 56 ? -16.287 7.965   11.895  1.00 46.25 ? 56  ARG A NH1 1 
ATOM   359  N NH2 . ARG A 1 56 ? -17.821 6.298   12.092  1.00 45.34 ? 56  ARG A NH2 1 
ATOM   360  N N   . MET A 1 57 ? -9.898  9.548   11.138  1.00 29.30 ? 57  MET A N   1 
ATOM   361  C CA  . MET A 1 57 ? -9.012  10.603  11.594  1.00 28.19 ? 57  MET A CA  1 
ATOM   362  C C   . MET A 1 57 ? -9.073  11.777  10.636  1.00 27.77 ? 57  MET A C   1 
ATOM   363  O O   . MET A 1 57 ? -9.034  11.611  9.415   1.00 27.95 ? 57  MET A O   1 
ATOM   364  C CB  . MET A 1 57 ? -7.574  10.075  11.728  1.00 28.01 ? 57  MET A CB  1 
ATOM   365  C CG  . MET A 1 57 ? -7.422  9.039   12.824  1.00 28.46 ? 57  MET A CG  1 
ATOM   366  S SD  . MET A 1 57 ? -5.862  8.099   12.725  1.00 28.82 ? 57  MET A SD  1 
ATOM   367  C CE  . MET A 1 57 ? -4.621  9.376   12.665  1.00 28.14 ? 57  MET A CE  1 
ATOM   368  N N   . THR A 1 58 ? -9.214  12.965  11.203  1.00 27.67 ? 58  THR A N   1 
ATOM   369  C CA  . THR A 1 58 ? -9.098  14.191  10.448  1.00 27.39 ? 58  THR A CA  1 
ATOM   370  C C   . THR A 1 58 ? -7.684  14.309  9.901   1.00 27.31 ? 58  THR A C   1 
ATOM   371  O O   . THR A 1 58 ? -6.691  14.120  10.627  1.00 26.05 ? 58  THR A O   1 
ATOM   372  C CB  . THR A 1 58 ? -9.420  15.408  11.341  1.00 27.90 ? 58  THR A CB  1 
ATOM   373  O OG1 . THR A 1 58 ? -10.696 15.203  11.957  1.00 28.60 ? 58  THR A OG1 1 
ATOM   374  C CG2 . THR A 1 58 ? -9.419  16.704  10.512  1.00 29.57 ? 58  THR A CG2 1 
ATOM   375  N N   . ALA A 1 59 ? -7.585  14.606  8.608   1.00 26.90 ? 59  ALA A N   1 
ATOM   376  C CA  . ALA A 1 59 ? -6.283  14.717  7.974   1.00 27.44 ? 59  ALA A CA  1 
ATOM   377  C C   . ALA A 1 59 ? -5.388  15.748  8.668   1.00 27.63 ? 59  ALA A C   1 
ATOM   378  O O   . ALA A 1 59 ? -5.854  16.821  9.088   1.00 27.63 ? 59  ALA A O   1 
ATOM   379  C CB  . ALA A 1 59 ? -6.436  15.023  6.477   1.00 28.14 ? 59  ALA A CB  1 
ATOM   380  N N   . ASN A 1 60 ? -4.104  15.405  8.800   1.00 27.73 ? 60  ASN A N   1 
ATOM   381  C CA  . ASN A 1 60 ? -3.035  16.298  9.249   1.00 28.55 ? 60  ASN A CA  1 
ATOM   382  C C   . ASN A 1 60 ? -3.091  16.702  10.711  1.00 27.93 ? 60  ASN A C   1 
ATOM   383  O O   . ASN A 1 60 ? -2.298  17.544  11.140  1.00 28.77 ? 60  ASN A O   1 
ATOM   384  C CB  . ASN A 1 60 ? -2.979  17.568  8.389   1.00 29.27 ? 60  ASN A CB  1 
ATOM   385  C CG  . ASN A 1 60 ? -2.721  17.281  6.937   1.00 31.38 ? 60  ASN A CG  1 
ATOM   386  O OD1 . ASN A 1 60 ? -1.951  16.384  6.592   1.00 31.27 ? 60  ASN A OD1 1 
ATOM   387  N ND2 . ASN A 1 60 ? -3.341  18.085  6.062   1.00 33.93 ? 60  ASN A ND2 1 
ATOM   388  N N   . LEU A 1 61 ? -4.022  16.112  11.462  1.00 26.91 ? 61  LEU A N   1 
ATOM   389  C CA  . LEU A 1 61 ? -4.148  16.379  12.904  1.00 26.08 ? 61  LEU A CA  1 
ATOM   390  C C   . LEU A 1 61 ? -3.488  15.274  13.729  1.00 24.86 ? 61  LEU A C   1 
ATOM   391  O O   . LEU A 1 61 ? -3.573  14.103  13.356  1.00 23.19 ? 61  LEU A O   1 
ATOM   392  C CB  . LEU A 1 61 ? -5.607  16.525  13.318  1.00 27.30 ? 61  LEU A CB  1 
ATOM   393  C CG  . LEU A 1 61 ? -6.277  17.894  13.111  1.00 29.71 ? 61  LEU A CG  1 
ATOM   394  C CD1 . LEU A 1 61 ? -7.723  17.791  13.483  1.00 33.40 ? 61  LEU A CD1 1 
ATOM   395  C CD2 . LEU A 1 61 ? -5.587  18.946  13.974  1.00 31.55 ? 61  LEU A CD2 1 
ATOM   396  N N   . PRO A 1 62 ? -2.835  15.638  14.834  1.00 23.05 ? 62  PRO A N   1 
ATOM   397  C CA  . PRO A 1 62 ? -2.179  14.610  15.644  1.00 22.52 ? 62  PRO A CA  1 
ATOM   398  C C   . PRO A 1 62 ? -3.175  13.800  16.474  1.00 21.94 ? 62  PRO A C   1 
ATOM   399  O O   . PRO A 1 62 ? -4.072  14.367  17.109  1.00 22.16 ? 62  PRO A O   1 
ATOM   400  C CB  . PRO A 1 62 ? -1.229  15.427  16.531  1.00 23.06 ? 62  PRO A CB  1 
ATOM   401  C CG  . PRO A 1 62 ? -1.980  16.716  16.732  1.00 22.89 ? 62  PRO A CG  1 
ATOM   402  C CD  . PRO A 1 62 ? -2.617  16.995  15.387  1.00 24.11 ? 62  PRO A CD  1 
ATOM   403  N N   . TYR A 1 63 ? -2.997  12.474  16.488  1.00 20.30 ? 63  TYR A N   1 
ATOM   404  C CA  . TYR A 1 63 ? -3.775  11.610  17.349  1.00 19.11 ? 63  TYR A CA  1 
ATOM   405  C C   . TYR A 1 63 ? -2.820  10.733  18.146  1.00 18.33 ? 63  TYR A C   1 
ATOM   406  O O   . TYR A 1 63 ? -1.765  10.351  17.668  1.00 19.35 ? 63  TYR A O   1 
ATOM   407  C CB  . TYR A 1 63 ? -4.700  10.698  16.562  1.00 20.32 ? 63  TYR A CB  1 
ATOM   408  C CG  . TYR A 1 63 ? -5.840  11.424  15.910  1.00 21.13 ? 63  TYR A CG  1 
ATOM   409  C CD1 . TYR A 1 63 ? -5.681  12.050  14.672  1.00 21.80 ? 63  TYR A CD1 1 
ATOM   410  C CD2 . TYR A 1 63 ? -7.072  11.494  16.525  1.00 22.23 ? 63  TYR A CD2 1 
ATOM   411  C CE1 . TYR A 1 63 ? -6.739  12.735  14.076  1.00 25.84 ? 63  TYR A CE1 1 
ATOM   412  C CE2 . TYR A 1 63 ? -8.134  12.170  15.931  1.00 27.12 ? 63  TYR A CE2 1 
ATOM   413  C CZ  . TYR A 1 63 ? -7.955  12.791  14.718  1.00 25.13 ? 63  TYR A CZ  1 
ATOM   414  O OH  . TYR A 1 63 ? -9.028  13.438  14.141  1.00 27.62 ? 63  TYR A OH  1 
ATOM   415  N N   . ASP A 1 64 ? -3.219  10.359  19.348  1.00 19.41 ? 64  ASP A N   1 
ATOM   416  C CA  . ASP A 1 64 ? -2.411  9.413   20.082  1.00 20.48 ? 64  ASP A CA  1 
ATOM   417  C C   . ASP A 1 64 ? -2.840  8.023   19.637  1.00 20.59 ? 64  ASP A C   1 
ATOM   418  O O   . ASP A 1 64 ? -3.945  7.577   19.924  1.00 23.03 ? 64  ASP A O   1 
ATOM   419  C CB  . ASP A 1 64 ? -2.612  9.566   21.583  1.00 21.26 ? 64  ASP A CB  1 
ATOM   420  C CG  . ASP A 1 64 ? -2.072  10.847  22.109  1.00 26.01 ? 64  ASP A CG  1 
ATOM   421  O OD1 . ASP A 1 64 ? -1.192  11.429  21.469  1.00 26.30 ? 64  ASP A OD1 1 
ATOM   422  O OD2 . ASP A 1 64 ? -2.510  11.252  23.206  1.00 31.46 ? 64  ASP A OD2 1 
ATOM   423  N N   . CYS A 1 65 ? -1.996  7.374   18.866  1.00 20.11 ? 65  CYS A N   1 
ATOM   424  C CA  . CYS A 1 65 ? -2.326  6.082   18.271  1.00 19.75 ? 65  CYS A CA  1 
ATOM   425  C C   . CYS A 1 65 ? -1.798  4.903   19.114  1.00 19.35 ? 65  CYS A C   1 
ATOM   426  O O   . CYS A 1 65 ? -0.633  4.871   19.513  1.00 18.87 ? 65  CYS A O   1 
ATOM   427  C CB  . CYS A 1 65 ? -1.707  6.047   16.875  1.00 20.39 ? 65  CYS A CB  1 
ATOM   428  S SG  . CYS A 1 65 ? -2.271  7.566   15.967  1.00 22.83 ? 65  CYS A SG  1 
ATOM   429  N N   . PRO A 1 66 ? -2.667  3.924   19.385  1.00 18.32 ? 66  PRO A N   1 
ATOM   430  C CA  . PRO A 1 66 ? -2.246  2.792   20.203  1.00 18.11 ? 66  PRO A CA  1 
ATOM   431  C C   . PRO A 1 66 ? -1.283  1.868   19.467  1.00 18.10 ? 66  PRO A C   1 
ATOM   432  O O   . PRO A 1 66 ? -1.591  1.396   18.392  1.00 18.78 ? 66  PRO A O   1 
ATOM   433  C CB  . PRO A 1 66 ? -3.568  2.060   20.489  1.00 17.88 ? 66  PRO A CB  1 
ATOM   434  C CG  . PRO A 1 66 ? -4.441  2.399   19.288  1.00 19.49 ? 66  PRO A CG  1 
ATOM   435  C CD  . PRO A 1 66 ? -4.093  3.842   19.017  1.00 18.55 ? 66  PRO A CD  1 
ATOM   436  N N   . LEU A 1 67 ? -0.128  1.603   20.049  1.00 17.30 ? 67  LEU A N   1 
ATOM   437  C CA  . LEU A 1 67 ? 0.832   0.704   19.403  1.00 17.30 ? 67  LEU A CA  1 
ATOM   438  C C   . LEU A 1 67 ? 0.518   -0.746  19.661  1.00 18.55 ? 67  LEU A C   1 
ATOM   439  O O   . LEU A 1 67 ? 0.018   -1.117  20.722  1.00 18.83 ? 67  LEU A O   1 
ATOM   440  C CB  . LEU A 1 67 ? 2.238   0.958   19.942  1.00 19.00 ? 67  LEU A CB  1 
ATOM   441  C CG  . LEU A 1 67 ? 3.041   2.046   19.251  1.00 20.49 ? 67  LEU A CG  1 
ATOM   442  C CD1 . LEU A 1 67 ? 4.291   2.316   20.042  1.00 24.30 ? 67  LEU A CD1 1 
ATOM   443  C CD2 . LEU A 1 67 ? 3.403   1.626   17.818  1.00 21.55 ? 67  LEU A CD2 1 
ATOM   444  N N   . GLY A 1 68 ? 0.896   -1.580  18.707  1.00 18.33 ? 68  GLY A N   1 
ATOM   445  C CA  . GLY A 1 68 ? 0.751   -3.010  18.876  1.00 18.64 ? 68  GLY A CA  1 
ATOM   446  C C   . GLY A 1 68 ? 1.814   -3.724  18.093  1.00 19.36 ? 68  GLY A C   1 
ATOM   447  O O   . GLY A 1 68 ? 2.710   -3.106  17.508  1.00 19.83 ? 68  GLY A O   1 
ATOM   448  N N   . GLN A 1 69 ? 1.681   -5.041  18.067  1.00 19.14 ? 69  GLN A N   1 
ATOM   449  C CA  . GLN A 1 69 ? 2.569   -5.889  17.301  1.00 19.83 ? 69  GLN A CA  1 
ATOM   450  C C   . GLN A 1 69 ? 1.749   -7.035  16.721  1.00 20.10 ? 69  GLN A C   1 
ATOM   451  O O   . GLN A 1 69 ? 0.860   -7.559  17.383  1.00 20.08 ? 69  GLN A O   1 
ATOM   452  C CB  . GLN A 1 69 ? 3.631   -6.427  18.259  1.00 20.96 ? 69  GLN A CB  1 
ATOM   453  C CG  . GLN A 1 69 ? 4.819   -7.062  17.642  1.00 24.29 ? 69  GLN A CG  1 
ATOM   454  C CD  . GLN A 1 69 ? 5.840   -7.459  18.693  1.00 27.87 ? 69  GLN A CD  1 
ATOM   455  O OE1 . GLN A 1 69 ? 6.452   -6.602  19.329  1.00 30.98 ? 69  GLN A OE1 1 
ATOM   456  N NE2 . GLN A 1 69 ? 6.011   -8.768  18.891  1.00 32.08 ? 69  GLN A NE2 1 
ATOM   457  N N   . CYS A 1 70 ? 1.992   -7.375  15.462  1.00 20.98 ? 70  CYS A N   1 
ATOM   458  C CA  . CYS A 1 70 ? 1.198   -8.380  14.791  1.00 21.86 ? 70  CYS A CA  1 
ATOM   459  C C   . CYS A 1 70 ? 1.494   -9.770  15.345  1.00 23.20 ? 70  CYS A C   1 
ATOM   460  O O   . CYS A 1 70 ? 2.643   -10.127 15.575  1.00 23.59 ? 70  CYS A O   1 
ATOM   461  C CB  . CYS A 1 70 ? 1.459   -8.366  13.287  1.00 22.27 ? 70  CYS A CB  1 
ATOM   462  S SG  . CYS A 1 70 ? 0.956   -6.839  12.446  1.00 21.95 ? 70  CYS A SG  1 
ATOM   463  N N   . SER A 1 71 ? 0.420   -10.526 15.571  1.00 25.35 ? 71  SER A N   1 
ATOM   464  C CA  . SER A 1 71 ? 0.525   -11.942 15.934  1.00 27.40 ? 71  SER A CA  1 
ATOM   465  C C   . SER A 1 71 ? -0.654  -12.631 15.276  1.00 27.72 ? 71  SER A C   1 
ATOM   466  O O   . SER A 1 71 ? -1.819  -12.337 15.598  1.00 28.20 ? 71  SER A O   1 
ATOM   467  C CB  . SER A 1 71 ? 0.466   -12.119 17.450  1.00 28.43 ? 71  SER A CB  1 
ATOM   468  O OG  . SER A 1 71 ? 0.628   -13.490 17.834  1.00 31.86 ? 71  SER A OG  1 
ATOM   469  N N   . ASN A 1 72 ? -0.353  -13.523 14.333  1.00 29.02 ? 72  ASN A N   1 
ATOM   470  C CA  . ASN A 1 72 ? -1.373  -14.276 13.596  1.00 30.32 ? 72  ASN A CA  1 
ATOM   471  C C   . ASN A 1 72 ? -2.518  -13.417 13.047  1.00 29.21 ? 72  ASN A C   1 
ATOM   472  O O   . ASN A 1 72 ? -3.697  -13.744 13.182  1.00 29.45 ? 72  ASN A O   1 
ATOM   473  C CB  . ASN A 1 72 ? -1.867  -15.459 14.447  1.00 31.82 ? 72  ASN A CB  1 
ATOM   474  C CG  . ASN A 1 72 ? -0.727  -16.370 14.905  1.00 34.87 ? 72  ASN A CG  1 
ATOM   475  O OD1 . ASN A 1 72 ? 0.296   -16.517 14.225  1.00 40.10 ? 72  ASN A OD1 1 
ATOM   476  N ND2 . ASN A 1 72 ? -0.904  -16.984 16.066  1.00 39.62 ? 72  ASN A ND2 1 
ATOM   477  N N   . GLY A 1 73 ? -2.145  -12.302 12.413  1.00 27.77 ? 73  GLY A N   1 
ATOM   478  C CA  . GLY A 1 73 ? -3.085  -11.436 11.714  1.00 26.69 ? 73  GLY A CA  1 
ATOM   479  C C   . GLY A 1 73 ? -3.809  -10.418 12.574  1.00 26.17 ? 73  GLY A C   1 
ATOM   480  O O   . GLY A 1 73 ? -4.663  -9.693  12.076  1.00 25.22 ? 73  GLY A O   1 
ATOM   481  N N   . ASP A 1 74 ? -3.470  -10.366 13.859  1.00 25.85 ? 74  ASP A N   1 
ATOM   482  C CA  . ASP A 1 74 ? -4.115  -9.451  14.808  1.00 26.69 ? 74  ASP A CA  1 
ATOM   483  C C   . ASP A 1 74 ? -3.097  -8.470  15.371  1.00 25.23 ? 74  ASP A C   1 
ATOM   484  O O   . ASP A 1 74 ? -1.993  -8.860  15.721  1.00 24.91 ? 74  ASP A O   1 
ATOM   485  C CB  . ASP A 1 74 ? -4.752  -10.243 15.949  1.00 28.25 ? 74  ASP A CB  1 
ATOM   486  C CG  . ASP A 1 74 ? -6.126  -10.850 15.569  1.00 32.10 ? 74  ASP A CG  1 
ATOM   487  O OD1 . ASP A 1 74 ? -6.714  -10.510 14.504  1.00 38.03 ? 74  ASP A OD1 1 
ATOM   488  O OD2 . ASP A 1 74 ? -6.636  -11.672 16.358  1.00 39.34 ? 74  ASP A OD2 1 
ATOM   489  N N   . CYS A 1 75 ? -3.463  -7.192  15.450  1.00 25.04 ? 75  CYS A N   1 
ATOM   490  C CA  . CYS A 1 75 ? -2.575  -6.208  16.077  1.00 24.88 ? 75  CYS A CA  1 
ATOM   491  C C   . CYS A 1 75 ? -2.782  -6.240  17.580  1.00 25.45 ? 75  CYS A C   1 
ATOM   492  O O   . CYS A 1 75 ? -3.769  -5.707  18.076  1.00 25.97 ? 75  CYS A O   1 
ATOM   493  C CB  . CYS A 1 75 ? -2.810  -4.805  15.507  1.00 25.79 ? 75  CYS A CB  1 
ATOM   494  S SG  . CYS A 1 75 ? -1.627  -3.549  16.083  1.00 26.52 ? 75  CYS A SG  1 
ATOM   495  N N   . ILE A 1 76 ? -1.866  -6.898  18.290  1.00 24.29 ? 76  ILE A N   1 
ATOM   496  C CA  . ILE A 1 76 ? -1.964  -7.055  19.749  1.00 24.90 ? 76  ILE A CA  1 
ATOM   497  C C   . ILE A 1 76 ? -1.438  -5.792  20.418  1.00 24.35 ? 76  ILE A C   1 
ATOM   498  O O   . ILE A 1 76 ? -0.254  -5.478  20.289  1.00 23.75 ? 76  ILE A O   1 
ATOM   499  C CB  . ILE A 1 76 ? -1.187  -8.292  20.249  1.00 25.75 ? 76  ILE A CB  1 
ATOM   500  C CG1 . ILE A 1 76 ? -1.626  -9.555  19.491  1.00 26.96 ? 76  ILE A CG1 1 
ATOM   501  C CG2 . ILE A 1 76 ? -1.346  -8.473  21.774  1.00 27.86 ? 76  ILE A CG2 1 
ATOM   502  C CD1 . ILE A 1 76 ? -3.095  -9.864  19.522  1.00 29.63 ? 76  ILE A CD1 1 
ATOM   503  N N   . PRO A 1 77 ? -2.320  -5.044  21.110  1.00 24.31 ? 77  PRO A N   1 
ATOM   504  C CA  . PRO A 1 77 ? -1.876  -3.775  21.709  1.00 24.37 ? 77  PRO A CA  1 
ATOM   505  C C   . PRO A 1 77 ? -0.821  -3.942  22.786  1.00 24.77 ? 77  PRO A C   1 
ATOM   506  O O   . PRO A 1 77 ? -0.840  -4.927  23.528  1.00 24.68 ? 77  PRO A O   1 
ATOM   507  C CB  . PRO A 1 77 ? -3.154  -3.183  22.318  1.00 24.76 ? 77  PRO A CB  1 
ATOM   508  C CG  . PRO A 1 77 ? -4.267  -3.914  21.669  1.00 24.63 ? 77  PRO A CG  1 
ATOM   509  C CD  . PRO A 1 77 ? -3.744  -5.295  21.373  1.00 23.92 ? 77  PRO A CD  1 
ATOM   510  N N   . LYS A 1 78 ? 0.107   -2.984  22.827  1.00 25.05 ? 78  LYS A N   1 
ATOM   511  C CA  . LYS A 1 78 ? 1.195   -2.931  23.808  1.00 25.99 ? 78  LYS A CA  1 
ATOM   512  C C   . LYS A 1 78 ? 0.812   -2.096  25.025  1.00 25.78 ? 78  LYS A C   1 
ATOM   513  O O   . LYS A 1 78 ? 1.575   -2.029  25.996  1.00 26.49 ? 78  LYS A O   1 
ATOM   514  C CB  . LYS A 1 78 ? 2.419   -2.274  23.160  1.00 26.21 ? 78  LYS A CB  1 
ATOM   515  C CG  . LYS A 1 78 ? 3.096   -3.127  22.120  1.00 29.36 ? 78  LYS A CG  1 
ATOM   516  C CD  . LYS A 1 78 ? 4.226   -3.891  22.757  1.00 34.31 ? 78  LYS A CD  1 
ATOM   517  C CE  . LYS A 1 78 ? 4.699   -5.014  21.881  1.00 37.27 ? 78  LYS A CE  1 
ATOM   518  N NZ  . LYS A 1 78 ? 5.345   -6.052  22.748  1.00 40.28 ? 78  LYS A NZ  1 
ATOM   519  N N   . GLU A 1 79 ? -0.341  -1.437  24.951  1.00 25.57 ? 79  GLU A N   1 
ATOM   520  C CA  . GLU A 1 79 ? -0.814  -0.472  25.966  1.00 25.92 ? 79  GLU A CA  1 
ATOM   521  C C   . GLU A 1 79 ? 0.069   0.783   26.016  1.00 25.07 ? 79  GLU A C   1 
ATOM   522  O O   . GLU A 1 79 ? 0.142   1.474   27.026  1.00 25.97 ? 79  GLU A O   1 
ATOM   523  C CB  . GLU A 1 79 ? -0.969  -1.145  27.347  1.00 27.79 ? 79  GLU A CB  1 
ATOM   524  C CG  . GLU A 1 79 ? -1.819  -2.403  27.307  1.00 32.40 ? 79  GLU A CG  1 
ATOM   525  C CD  . GLU A 1 79 ? -3.245  -2.165  26.829  1.00 37.52 ? 79  GLU A CD  1 
ATOM   526  O OE1 . GLU A 1 79 ? -3.811  -1.068  27.073  1.00 41.55 ? 79  GLU A OE1 1 
ATOM   527  O OE2 . GLU A 1 79 ? -3.815  -3.097  26.217  1.00 40.80 ? 79  GLU A OE2 1 
ATOM   528  N N   . THR A 1 80 ? 0.733   1.063   24.901  1.00 23.09 ? 80  THR A N   1 
ATOM   529  C CA  . THR A 1 80 ? 1.513   2.285   24.741  1.00 21.88 ? 80  THR A CA  1 
ATOM   530  C C   . THR A 1 80 ? 0.950   3.013   23.536  1.00 20.33 ? 80  THR A C   1 
ATOM   531  O O   . THR A 1 80 ? 0.191   2.409   22.755  1.00 19.43 ? 80  THR A O   1 
ATOM   532  C CB  . THR A 1 80 ? 3.001   2.027   24.485  1.00 21.54 ? 80  THR A CB  1 
ATOM   533  O OG1 . THR A 1 80 ? 3.153   1.255   23.289  1.00 24.21 ? 80  THR A OG1 1 
ATOM   534  C CG2 . THR A 1 80 ? 3.629   1.274   25.683  1.00 24.10 ? 80  THR A CG2 1 
ATOM   535  N N   . TYR A 1 81 ? 1.354   4.271   23.388  1.00 19.33 ? 81  TYR A N   1 
ATOM   536  C CA  . TYR A 1 81 ? 0.808   5.202   22.369  1.00 20.02 ? 81  TYR A CA  1 
ATOM   537  C C   . TYR A 1 81 ? 1.911   6.049   21.753  1.00 21.04 ? 81  TYR A C   1 
ATOM   538  O O   . TYR A 1 81 ? 2.914   6.384   22.399  1.00 20.70 ? 81  TYR A O   1 
ATOM   539  C CB  . TYR A 1 81 ? -0.224  6.146   22.987  1.00 20.29 ? 81  TYR A CB  1 
ATOM   540  C CG  . TYR A 1 81 ? -1.337  5.404   23.651  1.00 19.74 ? 81  TYR A CG  1 
ATOM   541  C CD1 . TYR A 1 81 ? -1.224  4.990   24.989  1.00 22.15 ? 81  TYR A CD1 1 
ATOM   542  C CD2 . TYR A 1 81 ? -2.479  5.083   22.948  1.00 18.15 ? 81  TYR A CD2 1 
ATOM   543  C CE1 . TYR A 1 81 ? -2.215  4.277   25.578  1.00 22.11 ? 81  TYR A CE1 1 
ATOM   544  C CE2 . TYR A 1 81 ? -3.501  4.366   23.549  1.00 18.91 ? 81  TYR A CE2 1 
ATOM   545  C CZ  . TYR A 1 81 ? -3.339  3.966   24.864  1.00 19.55 ? 81  TYR A CZ  1 
ATOM   546  O OH  . TYR A 1 81 ? -4.332  3.270   25.478  1.00 23.69 ? 81  TYR A OH  1 
ATOM   547  N N   . GLU A 1 82 ? 1.705   6.419   20.491  1.00 19.80 ? 82  GLU A N   1 
ATOM   548  C CA  . GLU A 1 82 ? 2.631   7.262   19.762  1.00 21.39 ? 82  GLU A CA  1 
ATOM   549  C C   . GLU A 1 82 ? 1.764   8.207   18.929  1.00 20.17 ? 82  GLU A C   1 
ATOM   550  O O   . GLU A 1 82 ? 0.692   7.809   18.476  1.00 20.24 ? 82  GLU A O   1 
ATOM   551  C CB  . GLU A 1 82 ? 3.474   6.379   18.852  1.00 21.48 ? 82  GLU A CB  1 
ATOM   552  C CG  . GLU A 1 82 ? 4.617   6.989   18.083  1.00 25.76 ? 82  GLU A CG  1 
ATOM   553  C CD  . GLU A 1 82 ? 5.322   5.930   17.250  1.00 25.94 ? 82  GLU A CD  1 
ATOM   554  O OE1 . GLU A 1 82 ? 5.983   5.046   17.832  1.00 32.19 ? 82  GLU A OE1 1 
ATOM   555  O OE2 . GLU A 1 82 ? 5.209   5.967   16.008  1.00 30.07 ? 82  GLU A OE2 1 
ATOM   556  N N   . VAL A 1 83 ? 2.240   9.428   18.679  1.00 19.46 ? 83  VAL A N   1 
ATOM   557  C CA  . VAL A 1 83 ? 1.437   10.363  17.877  1.00 19.57 ? 83  VAL A CA  1 
ATOM   558  C C   . VAL A 1 83 ? 1.473   9.863   16.429  1.00 18.75 ? 83  VAL A C   1 
ATOM   559  O O   . VAL A 1 83 ? 2.556   9.569   15.899  1.00 19.38 ? 83  VAL A O   1 
ATOM   560  C CB  . VAL A 1 83 ? 1.952   11.815  18.018  1.00 19.90 ? 83  VAL A CB  1 
ATOM   561  C CG1 . VAL A 1 83 ? 1.204   12.792  17.095  1.00 20.47 ? 83  VAL A CG1 1 
ATOM   562  C CG2 . VAL A 1 83 ? 1.795   12.276  19.475  1.00 20.82 ? 83  VAL A CG2 1 
ATOM   563  N N   . CYS A 1 84 ? 0.295   9.786   15.818  1.00 18.76 ? 84  CYS A N   1 
ATOM   564  C CA  . CYS A 1 84 ? 0.227   9.441   14.391  1.00 19.80 ? 84  CYS A CA  1 
ATOM   565  C C   . CYS A 1 84 ? -0.800  10.285  13.672  1.00 19.56 ? 84  CYS A C   1 
ATOM   566  O O   . CYS A 1 84 ? -1.635  10.964  14.315  1.00 19.11 ? 84  CYS A O   1 
ATOM   567  C CB  . CYS A 1 84 ? 0.066   7.930   14.159  1.00 20.65 ? 84  CYS A CB  1 
ATOM   568  S SG  . CYS A 1 84 ? -1.593  7.257   14.107  1.00 23.61 ? 84  CYS A SG  1 
ATOM   569  N N   . TYR A 1 85 ? -0.678  10.272  12.344  1.00 18.91 ? 85  TYR A N   1 
ATOM   570  C CA  . TYR A 1 85 ? -1.454  11.147  11.459  1.00 20.58 ? 85  TYR A CA  1 
ATOM   571  C C   . TYR A 1 85 ? -1.989  10.376  10.283  1.00 20.70 ? 85  TYR A C   1 
ATOM   572  O O   . TYR A 1 85 ? -1.387  9.397   9.831   1.00 19.90 ? 85  TYR A O   1 
ATOM   573  C CB  . TYR A 1 85 ? -0.528  12.183  10.865  1.00 20.94 ? 85  TYR A CB  1 
ATOM   574  C CG  . TYR A 1 85 ? 0.095   13.154  11.842  1.00 23.24 ? 85  TYR A CG  1 
ATOM   575  C CD1 . TYR A 1 85 ? 1.255   12.815  12.549  1.00 24.20 ? 85  TYR A CD1 1 
ATOM   576  C CD2 . TYR A 1 85 ? -0.459  14.414  12.033  1.00 25.54 ? 85  TYR A CD2 1 
ATOM   577  C CE1 . TYR A 1 85 ? 1.841   13.717  13.447  1.00 25.80 ? 85  TYR A CE1 1 
ATOM   578  C CE2 . TYR A 1 85 ? 0.119   15.316  12.926  1.00 25.41 ? 85  TYR A CE2 1 
ATOM   579  C CZ  . TYR A 1 85 ? 1.259   14.964  13.622  1.00 25.31 ? 85  TYR A CZ  1 
ATOM   580  O OH  . TYR A 1 85 ? 1.857   15.862  14.517  1.00 26.59 ? 85  TYR A OH  1 
ATOM   581  N N   . ARG A 1 86 ? -3.093  10.879  9.741   1.00 20.78 ? 86  ARG A N   1 
ATOM   582  C CA  . ARG A 1 86 ? -3.537  10.464  8.404   1.00 22.44 ? 86  ARG A CA  1 
ATOM   583  C C   . ARG A 1 86 ? -3.087  11.554  7.452   1.00 23.84 ? 86  ARG A C   1 
ATOM   584  O O   . ARG A 1 86 ? -3.402  12.721  7.669   1.00 24.64 ? 86  ARG A O   1 
ATOM   585  C CB  . ARG A 1 86 ? -5.044  10.334  8.350   1.00 22.22 ? 86  ARG A CB  1 
ATOM   586  C CG  . ARG A 1 86 ? -5.588  10.165  6.935   1.00 24.39 ? 86  ARG A CG  1 
ATOM   587  C CD  . ARG A 1 86 ? -7.111  10.231  6.982   1.00 30.42 ? 86  ARG A CD  1 
ATOM   588  N NE  . ARG A 1 86 ? -7.663  10.649  5.697   1.00 34.73 ? 86  ARG A NE  1 
ATOM   589  C CZ  . ARG A 1 86 ? -8.947  10.905  5.509   1.00 38.94 ? 86  ARG A CZ  1 
ATOM   590  N NH1 . ARG A 1 86 ? -9.787  10.805  6.533   1.00 40.05 ? 86  ARG A NH1 1 
ATOM   591  N NH2 . ARG A 1 86 ? -9.390  11.263  4.307   1.00 41.89 ? 86  ARG A NH2 1 
ATOM   592  N N   . ARG A 1 87 ? -2.343  11.173  6.408   1.00 25.11 ? 87  ARG A N   1 
ATOM   593  C CA  . ARG A 1 87 ? -1.810  12.114  5.426   1.00 26.75 ? 87  ARG A CA  1 
ATOM   594  C C   . ARG A 1 87 ? -2.306  11.758  4.037   1.00 28.69 ? 87  ARG A C   1 
ATOM   595  O O   . ARG A 1 87 ? -1.848  10.776  3.452   1.00 28.14 ? 87  ARG A O   1 
ATOM   596  C CB  . ARG A 1 87 ? -0.295  12.019  5.382   1.00 27.69 ? 87  ARG A CB  1 
ATOM   597  C CG  . ARG A 1 87 ? 0.404   12.358  6.659   1.00 28.16 ? 87  ARG A CG  1 
ATOM   598  C CD  . ARG A 1 87 ? 0.281   13.832  6.958   1.00 29.72 ? 87  ARG A CD  1 
ATOM   599  N NE  . ARG A 1 87 ? 1.356   14.257  7.849   1.00 31.50 ? 87  ARG A NE  1 
ATOM   600  C CZ  . ARG A 1 87 ? 1.365   15.412  8.504   1.00 33.25 ? 87  ARG A CZ  1 
ATOM   601  N NH1 . ARG A 1 87 ? 0.350   16.256  8.365   1.00 34.25 ? 87  ARG A NH1 1 
ATOM   602  N NH2 . ARG A 1 87 ? 2.390   15.723  9.293   1.00 31.74 ? 87  ARG A NH2 1 
ATOM   603  N N   . ASN A 1 88 ? -3.200  12.569  3.496   1.00 30.51 ? 88  ASN A N   1 
ATOM   604  C CA  . ASN A 1 88 ? -3.745  12.314  2.172   1.00 33.78 ? 88  ASN A CA  1 
ATOM   605  C C   . ASN A 1 88 ? -2.753  12.754  1.114   1.00 35.85 ? 88  ASN A C   1 
ATOM   606  O O   . ASN A 1 88 ? -1.796  13.451  1.424   1.00 35.49 ? 88  ASN A O   1 
ATOM   607  C CB  . ASN A 1 88 ? -5.058  13.068  2.009   1.00 33.83 ? 88  ASN A CB  1 
ATOM   608  C CG  . ASN A 1 88 ? -6.067  12.687  3.056   1.00 35.00 ? 88  ASN A CG  1 
ATOM   609  O OD1 . ASN A 1 88 ? -6.240  11.509  3.382   1.00 35.77 ? 88  ASN A OD1 1 
ATOM   610  N ND2 . ASN A 1 88 ? -6.754  13.689  3.591   1.00 38.12 ? 88  ASN A ND2 1 
ATOM   611  N N   . TRP A 1 89 ? -2.948  12.308  -0.125  1.00 39.12 ? 89  TRP A N   1 
ATOM   612  C CA  . TRP A 1 89 ? -2.255  12.939  -1.241  1.00 42.63 ? 89  TRP A CA  1 
ATOM   613  C C   . TRP A 1 89 ? -2.899  14.311  -1.294  1.00 44.24 ? 89  TRP A C   1 
ATOM   614  O O   . TRP A 1 89 ? -2.254  15.325  -1.037  1.00 44.41 ? 89  TRP A O   1 
ATOM   615  C CB  . TRP A 1 89 ? -2.502  12.194  -2.555  1.00 43.66 ? 89  TRP A CB  1 
ATOM   616  C CG  . TRP A 1 89 ? -1.478  12.524  -3.634  1.00 45.34 ? 89  TRP A CG  1 
ATOM   617  C CD1 . TRP A 1 89 ? -0.304  11.857  -3.887  1.00 45.94 ? 89  TRP A CD1 1 
ATOM   618  C CD2 . TRP A 1 89 ? -1.533  13.609  -4.580  1.00 46.80 ? 89  TRP A CD2 1 
ATOM   619  N NE1 . TRP A 1 89 ? 0.368   12.456  -4.931  1.00 46.81 ? 89  TRP A NE1 1 
ATOM   620  C CE2 . TRP A 1 89 ? -0.363  13.530  -5.375  1.00 46.82 ? 89  TRP A CE2 1 
ATOM   621  C CE3 . TRP A 1 89 ? -2.462  14.632  -4.839  1.00 46.79 ? 89  TRP A CE3 1 
ATOM   622  C CZ2 . TRP A 1 89 ? -0.091  14.442  -6.409  1.00 46.98 ? 89  TRP A CZ2 1 
ATOM   623  C CZ3 . TRP A 1 89 ? -2.193  15.540  -5.868  1.00 46.64 ? 89  TRP A CZ3 1 
ATOM   624  C CH2 . TRP A 1 89 ? -1.014  15.434  -6.642  1.00 46.03 ? 89  TRP A CH2 1 
ATOM   625  N N   . ARG A 1 90 ? -4.206  14.291  -1.550  1.00 46.49 ? 90  ARG A N   1 
ATOM   626  C CA  . ARG A 1 90 ? -5.041  15.467  -1.737  1.00 48.58 ? 90  ARG A CA  1 
ATOM   627  C C   . ARG A 1 90 ? -6.097  15.553  -0.620  1.00 49.53 ? 90  ARG A C   1 
ATOM   628  O O   . ARG A 1 90 ? -6.106  16.520  0.161   1.00 50.14 ? 90  ARG A O   1 
ATOM   629  C CB  . ARG A 1 90 ? -5.703  15.398  -3.118  1.00 48.78 ? 90  ARG A CB  1 
ATOM   630  C CG  . ARG A 1 90 ? -6.935  16.265  -3.286  1.00 50.70 ? 90  ARG A CG  1 
ATOM   631  C CD  . ARG A 1 90 ? -8.019  15.508  -4.032  1.00 53.50 ? 90  ARG A CD  1 
ATOM   632  N NE  . ARG A 1 90 ? -9.203  16.342  -4.235  1.00 56.09 ? 90  ARG A NE  1 
ATOM   633  C CZ  . ARG A 1 90 ? -10.313 15.944  -4.850  1.00 57.08 ? 90  ARG A CZ  1 
ATOM   634  N NH1 . ARG A 1 90 ? -10.415 14.708  -5.331  1.00 57.25 ? 90  ARG A NH1 1 
ATOM   635  N NH2 . ARG A 1 90 ? -11.327 16.791  -4.981  1.00 58.14 ? 90  ARG A NH2 1 
ATOM   636  N N   . ASP A 1 91 ? -6.971  14.539  -0.559  1.00 50.36 ? 91  ASP A N   1 
ATOM   637  C CA  . ASP A 1 91 ? -8.028  14.431  0.450   1.00 50.78 ? 91  ASP A CA  1 
ATOM   638  C C   . ASP A 1 91 ? -8.646  13.030  0.463   1.00 51.30 ? 91  ASP A C   1 
ATOM   639  O O   . ASP A 1 91 ? -8.189  12.134  1.182   1.00 51.35 ? 91  ASP A O   1 
ATOM   640  C CB  . ASP A 1 91 ? -9.109  15.499  0.229   1.00 51.21 ? 91  ASP A CB  1 
ATOM   641  N N   . GLY B 1 11 ? -0.426  6.765   -27.004 1.00 45.29 ? 11  GLY D N   1 
ATOM   642  C CA  . GLY B 1 11 ? -0.104  5.312   -27.152 1.00 45.73 ? 11  GLY D CA  1 
ATOM   643  C C   . GLY B 1 11 ? -0.841  4.432   -26.157 1.00 45.58 ? 11  GLY D C   1 
ATOM   644  O O   . GLY B 1 11 ? -2.066  4.279   -26.241 1.00 45.91 ? 11  GLY D O   1 
ATOM   645  N N   . CYS B 1 12 ? -0.100  3.857   -25.204 1.00 44.94 ? 12  CYS D N   1 
ATOM   646  C CA  . CYS B 1 12 ? -0.682  2.881   -24.282 1.00 44.42 ? 12  CYS D CA  1 
ATOM   647  C C   . CYS B 1 12 ? -0.466  3.195   -22.806 1.00 43.06 ? 12  CYS D C   1 
ATOM   648  O O   . CYS B 1 12 ? 0.663   3.106   -22.318 1.00 42.45 ? 12  CYS D O   1 
ATOM   649  C CB  . CYS B 1 12 ? -0.135  1.491   -24.570 1.00 44.75 ? 12  CYS D CB  1 
ATOM   650  S SG  . CYS B 1 12 ? -0.860  0.709   -25.991 1.00 49.75 ? 12  CYS D SG  1 
ATOM   651  N N   . PRO B 1 13 ? -1.557  3.522   -22.083 1.00 41.65 ? 13  PRO D N   1 
ATOM   652  C CA  . PRO B 1 13 ? -1.397  3.813   -20.660 1.00 40.19 ? 13  PRO D CA  1 
ATOM   653  C C   . PRO B 1 13 ? -1.432  2.554   -19.777 1.00 38.42 ? 13  PRO D C   1 
ATOM   654  O O   . PRO B 1 13 ? -2.401  1.789   -19.783 1.00 38.60 ? 13  PRO D O   1 
ATOM   655  C CB  . PRO B 1 13 ? -2.585  4.726   -20.356 1.00 40.63 ? 13  PRO D CB  1 
ATOM   656  C CG  . PRO B 1 13 ? -3.655  4.341   -21.371 1.00 41.36 ? 13  PRO D CG  1 
ATOM   657  C CD  . PRO B 1 13 ? -2.964  3.622   -22.521 1.00 42.22 ? 13  PRO D CD  1 
ATOM   658  N N   . PHE B 1 14 ? -0.343  2.338   -19.047 1.00 35.99 ? 14  PHE D N   1 
ATOM   659  C CA  . PHE B 1 14 ? -0.304  1.349   -17.979 1.00 33.31 ? 14  PHE D CA  1 
ATOM   660  C C   . PHE B 1 14 ? -0.917  2.020   -16.754 1.00 31.93 ? 14  PHE D C   1 
ATOM   661  O O   . PHE B 1 14 ? -0.770  3.232   -16.592 1.00 32.10 ? 14  PHE D O   1 
ATOM   662  C CB  . PHE B 1 14 ? 1.150   0.964   -17.694 1.00 33.26 ? 14  PHE D CB  1 
ATOM   663  C CG  . PHE B 1 14 ? 1.691   -0.106  -18.598 1.00 33.14 ? 14  PHE D CG  1 
ATOM   664  C CD1 . PHE B 1 14 ? 1.701   0.062   -19.979 1.00 33.27 ? 14  PHE D CD1 1 
ATOM   665  C CD2 . PHE B 1 14 ? 2.196   -1.288  -18.068 1.00 31.77 ? 14  PHE D CD2 1 
ATOM   666  C CE1 . PHE B 1 14 ? 2.207   -0.945  -20.820 1.00 33.87 ? 14  PHE D CE1 1 
ATOM   667  C CE2 . PHE B 1 14 ? 2.703   -2.290  -18.896 1.00 34.43 ? 14  PHE D CE2 1 
ATOM   668  C CZ  . PHE B 1 14 ? 2.713   -2.109  -20.278 1.00 33.31 ? 14  PHE D CZ  1 
ATOM   669  N N   . LEU B 1 15 ? -1.630  1.255   -15.926 1.00 29.98 ? 15  LEU D N   1 
ATOM   670  C CA  . LEU B 1 15 ? -2.141  1.788   -14.659 1.00 28.41 ? 15  LEU D CA  1 
ATOM   671  C C   . LEU B 1 15 ? -0.963  2.122   -13.731 1.00 27.00 ? 15  LEU D C   1 
ATOM   672  O O   . LEU B 1 15 ? 0.013   1.382   -13.692 1.00 26.30 ? 15  LEU D O   1 
ATOM   673  C CB  . LEU B 1 15 ? -3.088  0.798   -13.973 1.00 29.49 ? 15  LEU D CB  1 
ATOM   674  C CG  . LEU B 1 15 ? -4.507  0.546   -14.529 1.00 31.07 ? 15  LEU D CG  1 
ATOM   675  C CD1 . LEU B 1 15 ? -5.066  1.780   -15.255 1.00 34.11 ? 15  LEU D CD1 1 
ATOM   676  C CD2 . LEU B 1 15 ? -4.502  -0.667  -15.414 1.00 35.34 ? 15  LEU D CD2 1 
ATOM   677  N N   . VAL B 1 16 ? -1.080  3.225   -12.996 1.00 24.88 ? 16  VAL D N   1 
ATOM   678  C CA  . VAL B 1 16 ? -0.009  3.692   -12.105 1.00 24.71 ? 16  VAL D CA  1 
ATOM   679  C C   . VAL B 1 16 ? -0.477  4.062   -10.697 1.00 24.24 ? 16  VAL D C   1 
ATOM   680  O O   . VAL B 1 16 ? -1.635  4.433   -10.472 1.00 24.33 ? 16  VAL D O   1 
ATOM   681  C CB  . VAL B 1 16 ? 0.741   4.923   -12.687 1.00 24.55 ? 16  VAL D CB  1 
ATOM   682  C CG1 . VAL B 1 16 ? 1.510   4.546   -13.972 1.00 24.65 ? 16  VAL D CG1 1 
ATOM   683  C CG2 . VAL B 1 16 ? -0.227  6.098   -12.953 1.00 25.75 ? 16  VAL D CG2 1 
ATOM   684  N N   . ALA B 1 17 ? 0.454   3.957   -9.747  1.00 22.85 ? 17  ALA D N   1 
ATOM   685  C CA  . ALA B 1 17 ? 0.278   4.652   -8.471  1.00 22.37 ? 17  ALA D CA  1 
ATOM   686  C C   . ALA B 1 17 ? 1.351   5.732   -8.331  1.00 23.03 ? 17  ALA D C   1 
ATOM   687  O O   . ALA B 1 17 ? 2.361   5.716   -9.015  1.00 22.90 ? 17  ALA D O   1 
ATOM   688  C CB  . ALA B 1 17 ? 0.331   3.661   -7.330  1.00 21.95 ? 17  ALA D CB  1 
ATOM   689  N N   . GLU B 1 18 ? 1.120   6.690   -7.441  1.00 23.50 ? 18  GLU D N   1 
ATOM   690  C CA  . GLU B 1 18 ? 2.058   7.800   -7.270  1.00 25.74 ? 18  GLU D CA  1 
ATOM   691  C C   . GLU B 1 18 ? 2.682   7.778   -5.880  1.00 26.55 ? 18  GLU D C   1 
ATOM   692  O O   . GLU B 1 18 ? 2.071   7.321   -4.934  1.00 25.16 ? 18  GLU D O   1 
ATOM   693  C CB  . GLU B 1 18 ? 1.336   9.122   -7.490  1.00 26.89 ? 18  GLU D CB  1 
ATOM   694  C CG  . GLU B 1 18 ? 0.570   9.147   -8.815  1.00 31.86 ? 18  GLU D CG  1 
ATOM   695  C CD  . GLU B 1 18 ? 0.444   10.532  -9.407  1.00 39.06 ? 18  GLU D CD  1 
ATOM   696  O OE1 . GLU B 1 18 ? 0.380   11.514  -8.630  1.00 42.96 ? 18  GLU D OE1 1 
ATOM   697  O OE2 . GLU B 1 18 ? 0.406   10.638  -10.660 1.00 42.34 ? 18  GLU D OE2 1 
ATOM   698  N N   . ASN B 1 19 ? 3.912   8.258   -5.779  1.00 28.90 ? 19  ASN D N   1 
ATOM   699  C CA  . ASN B 1 19 ? 4.500   8.473   -4.458  1.00 32.27 ? 19  ASN D CA  1 
ATOM   700  C C   . ASN B 1 19 ? 4.032   9.833   -3.926  1.00 34.14 ? 19  ASN D C   1 
ATOM   701  O O   . ASN B 1 19 ? 3.146   10.453  -4.516  1.00 34.77 ? 19  ASN D O   1 
ATOM   702  C CB  . ASN B 1 19 ? 6.023   8.349   -4.502  1.00 32.85 ? 19  ASN D CB  1 
ATOM   703  C CG  . ASN B 1 19 ? 6.688   9.518   -5.221  1.00 34.92 ? 19  ASN D CG  1 
ATOM   704  O OD1 . ASN B 1 19 ? 6.035   10.497  -5.586  1.00 36.40 ? 19  ASN D OD1 1 
ATOM   705  N ND2 . ASN B 1 19 ? 7.993   9.422   -5.411  1.00 36.69 ? 19  ASN D ND2 1 
ATOM   706  N N   . LYS B 1 20 ? 4.598   10.284  -2.807  1.00 36.88 ? 20  LYS D N   1 
ATOM   707  C CA  . LYS B 1 20 ? 4.147   11.542  -2.203  1.00 38.96 ? 20  LYS D CA  1 
ATOM   708  C C   . LYS B 1 20 ? 4.506   12.782  -3.037  1.00 39.84 ? 20  LYS D C   1 
ATOM   709  O O   . LYS B 1 20 ? 3.702   13.709  -3.140  1.00 40.77 ? 20  LYS D O   1 
ATOM   710  C CB  . LYS B 1 20 ? 4.643   11.695  -0.761  1.00 39.24 ? 20  LYS D CB  1 
ATOM   711  C CG  . LYS B 1 20 ? 4.024   12.875  -0.013  1.00 40.96 ? 20  LYS D CG  1 
ATOM   712  C CD  . LYS B 1 20 ? 2.505   12.785  0.044   1.00 42.13 ? 20  LYS D CD  1 
ATOM   713  C CE  . LYS B 1 20 ? 1.923   13.886  0.905   1.00 44.01 ? 20  LYS D CE  1 
ATOM   714  N NZ  . LYS B 1 20 ? 0.447   13.917  0.779   1.00 45.58 ? 20  LYS D NZ  1 
ATOM   715  N N   . THR B 1 21 ? 5.693   12.789  -3.640  1.00 40.74 ? 21  THR D N   1 
ATOM   716  C CA  . THR B 1 21 ? 6.075   13.898  -4.531  1.00 41.37 ? 21  THR D CA  1 
ATOM   717  C C   . THR B 1 21 ? 5.400   13.806  -5.910  1.00 41.23 ? 21  THR D C   1 
ATOM   718  O O   . THR B 1 21 ? 5.645   14.638  -6.791  1.00 41.66 ? 21  THR D O   1 
ATOM   719  C CB  . THR B 1 21 ? 7.596   14.023  -4.685  1.00 41.82 ? 21  THR D CB  1 
ATOM   720  O OG1 . THR B 1 21 ? 8.120   12.831  -5.277  1.00 43.23 ? 21  THR D OG1 1 
ATOM   721  C CG2 . THR B 1 21 ? 8.261   14.258  -3.331  1.00 42.16 ? 21  THR D CG2 1 
ATOM   722  N N   . GLY B 1 22 ? 4.557   12.790  -6.095  1.00 40.30 ? 22  GLY D N   1 
ATOM   723  C CA  . GLY B 1 22 ? 3.663   12.730  -7.250  1.00 39.16 ? 22  GLY D CA  1 
ATOM   724  C C   . GLY B 1 22 ? 4.168   11.938  -8.438  1.00 38.31 ? 22  GLY D C   1 
ATOM   725  O O   . GLY B 1 22 ? 3.508   11.894  -9.486  1.00 38.81 ? 22  GLY D O   1 
ATOM   726  N N   . TYR B 1 23 ? 5.324   11.303  -8.288  1.00 37.18 ? 23  TYR D N   1 
ATOM   727  C CA  . TYR B 1 23 ? 5.915   10.574  -9.408  1.00 35.65 ? 23  TYR D CA  1 
ATOM   728  C C   . TYR B 1 23 ? 5.229   9.233   -9.593  1.00 33.41 ? 23  TYR D C   1 
ATOM   729  O O   . TYR B 1 23 ? 5.000   8.508   -8.614  1.00 31.65 ? 23  TYR D O   1 
ATOM   730  C CB  . TYR B 1 23 ? 7.441   10.460  -9.264  1.00 37.42 ? 23  TYR D CB  1 
ATOM   731  C CG  . TYR B 1 23 ? 8.134   11.821  -9.302  1.00 40.78 ? 23  TYR D CG  1 
ATOM   732  C CD1 . TYR B 1 23 ? 8.097   12.619  -10.459 1.00 42.56 ? 23  TYR D CD1 1 
ATOM   733  C CD2 . TYR B 1 23 ? 8.813   12.315  -8.188  1.00 42.31 ? 23  TYR D CD2 1 
ATOM   734  C CE1 . TYR B 1 23 ? 8.722   13.880  -10.496 1.00 43.87 ? 23  TYR D CE1 1 
ATOM   735  C CE2 . TYR B 1 23 ? 9.442   13.567  -8.214  1.00 43.67 ? 23  TYR D CE2 1 
ATOM   736  C CZ  . TYR B 1 23 ? 9.389   14.342  -9.370  1.00 43.01 ? 23  TYR D CZ  1 
ATOM   737  O OH  . TYR B 1 23 ? 10.009  15.577  -9.391  1.00 43.91 ? 23  TYR D OH  1 
ATOM   738  N N   . PRO B 1 24 ? 4.848   8.915   -10.845 1.00 30.80 ? 24  PRO D N   1 
ATOM   739  C CA  . PRO B 1 24 ? 4.100   7.678   -11.104 1.00 29.10 ? 24  PRO D CA  1 
ATOM   740  C C   . PRO B 1 24 ? 4.969   6.438   -11.345 1.00 27.23 ? 24  PRO D C   1 
ATOM   741  O O   . PRO B 1 24 ? 6.072   6.532   -11.894 1.00 26.94 ? 24  PRO D O   1 
ATOM   742  C CB  . PRO B 1 24 ? 3.294   8.017   -12.355 1.00 29.27 ? 24  PRO D CB  1 
ATOM   743  C CG  . PRO B 1 24 ? 4.139   9.044   -13.079 1.00 30.14 ? 24  PRO D CG  1 
ATOM   744  C CD  . PRO B 1 24 ? 5.062   9.704   -12.080 1.00 31.27 ? 24  PRO D CD  1 
ATOM   745  N N   . THR B 1 25 ? 4.453   5.293   -10.917 1.00 24.53 ? 25  THR D N   1 
ATOM   746  C CA  . THR B 1 25 ? 5.111   4.002   -11.103 1.00 23.14 ? 25  THR D CA  1 
ATOM   747  C C   . THR B 1 25 ? 4.035   2.989   -11.490 1.00 21.74 ? 25  THR D C   1 
ATOM   748  O O   . THR B 1 25 ? 2.954   2.941   -10.878 1.00 19.46 ? 25  THR D O   1 
ATOM   749  C CB  . THR B 1 25 ? 5.873   3.568   -9.800  1.00 22.99 ? 25  THR D CB  1 
ATOM   750  O OG1 . THR B 1 25 ? 6.899   4.529   -9.500  1.00 24.65 ? 25  THR D OG1 1 
ATOM   751  C CG2 . THR B 1 25 ? 6.508   2.225   -9.947  1.00 22.39 ? 25  THR D CG2 1 
ATOM   752  N N   . ILE B 1 26 ? 4.302   2.207   -12.541 1.00 20.81 ? 26  ILE D N   1 
ATOM   753  C CA  . ILE B 1 26 ? 3.364   1.176   -12.982 1.00 20.28 ? 26  ILE D CA  1 
ATOM   754  C C   . ILE B 1 26 ? 3.134   0.101   -11.928 1.00 20.09 ? 26  ILE D C   1 
ATOM   755  O O   . ILE B 1 26 ? 4.034   -0.226  -11.131 1.00 19.84 ? 26  ILE D O   1 
ATOM   756  C CB  . ILE B 1 26 ? 3.787   0.524   -14.342 1.00 20.34 ? 26  ILE D CB  1 
ATOM   757  C CG1 . ILE B 1 26 ? 5.069   -0.312  -14.199 1.00 21.00 ? 26  ILE D CG1 1 
ATOM   758  C CG2 . ILE B 1 26 ? 3.960   1.622   -15.411 1.00 22.05 ? 26  ILE D CG2 1 
ATOM   759  C CD1 . ILE B 1 26 ? 5.514   -0.941  -15.555 1.00 20.89 ? 26  ILE D CD1 1 
ATOM   760  N N   . VAL B 1 27 ? 1.912   -0.414  -11.907 1.00 19.23 ? 27  VAL D N   1 
ATOM   761  C CA  . VAL B 1 27 ? 1.521   -1.450  -10.953 1.00 19.53 ? 27  VAL D CA  1 
ATOM   762  C C   . VAL B 1 27 ? 1.537   -2.886  -11.515 1.00 19.19 ? 27  VAL D C   1 
ATOM   763  O O   . VAL B 1 27 ? 1.308   -3.876  -10.806 1.00 20.80 ? 27  VAL D O   1 
ATOM   764  C CB  . VAL B 1 27 ? 0.172   -1.098  -10.315 1.00 20.00 ? 27  VAL D CB  1 
ATOM   765  C CG1 . VAL B 1 27 ? 0.222   0.284   -9.656  1.00 20.52 ? 27  VAL D CG1 1 
ATOM   766  C CG2 . VAL B 1 27 ? -0.967  -1.204  -11.359 1.00 19.69 ? 27  VAL D CG2 1 
ATOM   767  N N   . ALA B 1 28 ? 1.814   -2.996  -12.820 1.00 20.51 ? 28  ALA D N   1 
ATOM   768  C CA  . ALA B 1 28 ? 1.934   -4.299  -13.459 1.00 21.02 ? 28  ALA D CA  1 
ATOM   769  C C   . ALA B 1 28 ? 2.870   -4.142  -14.633 1.00 21.42 ? 28  ALA D C   1 
ATOM   770  O O   . ALA B 1 28 ? 2.955   -3.055  -15.206 1.00 22.07 ? 28  ALA D O   1 
ATOM   771  C CB  . ALA B 1 28 ? 0.586   -4.763  -13.961 1.00 21.94 ? 28  ALA D CB  1 
ATOM   772  N N   . CYS B 1 29 ? 3.549   -5.233  -14.979 1.00 22.75 ? 29  CYS D N   1 
ATOM   773  C CA  . CYS B 1 29 ? 4.568   -5.168  -16.035 1.00 23.78 ? 29  CYS D CA  1 
ATOM   774  C C   . CYS B 1 29 ? 3.996   -5.586  -17.397 1.00 25.03 ? 29  CYS D C   1 
ATOM   775  O O   . CYS B 1 29 ? 4.713   -5.622  -18.386 1.00 24.66 ? 29  CYS D O   1 
ATOM   776  C CB  . CYS B 1 29 ? 5.782   -5.989  -15.656 1.00 23.73 ? 29  CYS D CB  1 
ATOM   777  S SG  . CYS B 1 29 ? 6.623   -5.259  -14.216 1.00 25.05 ? 29  CYS D SG  1 
ATOM   778  N N   . LYS B 1 30 ? 2.700   -5.876  -17.414 1.00 26.46 ? 30  LYS D N   1 
ATOM   779  C CA  . LYS B 1 30 ? 1.975   -6.206  -18.638 1.00 28.08 ? 30  LYS D CA  1 
ATOM   780  C C   . LYS B 1 30 ? 0.640   -5.458  -18.668 1.00 28.67 ? 30  LYS D C   1 
ATOM   781  O O   . LYS B 1 30 ? 0.033   -5.197  -17.621 1.00 27.92 ? 30  LYS D O   1 
ATOM   782  C CB  . LYS B 1 30 ? 1.706   -7.703  -18.692 1.00 28.69 ? 30  LYS D CB  1 
ATOM   783  C CG  . LYS B 1 30 ? 2.893   -8.537  -19.130 1.00 32.19 ? 30  LYS D CG  1 
ATOM   784  C CD  . LYS B 1 30 ? 2.431   -9.919  -19.567 1.00 35.14 ? 30  LYS D CD  1 
ATOM   785  C CE  . LYS B 1 30 ? 2.095   -10.807 -18.388 1.00 38.99 ? 30  LYS D CE  1 
ATOM   786  N NZ  . LYS B 1 30 ? 1.689   -12.168 -18.838 1.00 41.45 ? 30  LYS D NZ  1 
ATOM   787  N N   . GLN B 1 31 ? 0.173   -5.116  -19.866 1.00 28.45 ? 31  GLN D N   1 
ATOM   788  C CA  . GLN B 1 31 ? -1.085  -4.381  -20.024 1.00 30.93 ? 31  GLN D CA  1 
ATOM   789  C C   . GLN B 1 31 ? -1.664  -4.697  -21.400 1.00 32.16 ? 31  GLN D C   1 
ATOM   790  O O   . GLN B 1 31 ? -0.926  -4.861  -22.360 1.00 31.86 ? 31  GLN D O   1 
ATOM   791  C CB  . GLN B 1 31 ? -0.820  -2.878  -19.911 1.00 30.68 ? 31  GLN D CB  1 
ATOM   792  C CG  . GLN B 1 31 ? -2.014  -1.976  -20.172 1.00 34.33 ? 31  GLN D CG  1 
ATOM   793  C CD  . GLN B 1 31 ? -2.846  -1.745  -18.930 1.00 38.03 ? 31  GLN D CD  1 
ATOM   794  O OE1 . GLN B 1 31 ? -2.313  -1.431  -17.854 1.00 38.64 ? 31  GLN D OE1 1 
ATOM   795  N NE2 . GLN B 1 31 ? -4.158  -1.885  -19.068 1.00 41.09 ? 31  GLN D NE2 1 
ATOM   796  N N   . ASP B 1 32 ? -2.990  -4.766  -21.493 1.00 34.99 ? 32  ASP D N   1 
ATOM   797  C CA  . ASP B 1 32 ? -3.645  -4.910  -22.793 1.00 37.71 ? 32  ASP D CA  1 
ATOM   798  C C   . ASP B 1 32 ? -4.050  -3.544  -23.336 1.00 38.35 ? 32  ASP D C   1 
ATOM   799  O O   . ASP B 1 32 ? -4.662  -2.753  -22.615 1.00 38.38 ? 32  ASP D O   1 
ATOM   800  C CB  . ASP B 1 32 ? -4.851  -5.836  -22.671 1.00 38.42 ? 32  ASP D CB  1 
ATOM   801  C CG  . ASP B 1 32 ? -4.499  -7.139  -21.989 1.00 41.68 ? 32  ASP D CG  1 
ATOM   802  O OD1 . ASP B 1 32 ? -5.013  -7.370  -20.870 1.00 45.60 ? 32  ASP D OD1 1 
ATOM   803  O OD2 . ASP B 1 32 ? -3.682  -7.917  -22.550 1.00 43.58 ? 32  ASP D OD2 1 
ATOM   804  N N   . CYS B 1 33 ? -3.690  -3.267  -24.593 1.00 39.12 ? 33  CYS D N   1 
ATOM   805  C CA  . CYS B 1 33 ? -4.028  -2.008  -25.262 1.00 40.26 ? 33  CYS D CA  1 
ATOM   806  C C   . CYS B 1 33 ? -3.883  -2.127  -26.775 1.00 39.57 ? 33  CYS D C   1 
ATOM   807  O O   . CYS B 1 33 ? -3.051  -2.901  -27.268 1.00 39.52 ? 33  CYS D O   1 
ATOM   808  C CB  . CYS B 1 33 ? -3.122  -0.884  -24.767 1.00 40.90 ? 33  CYS D CB  1 
ATOM   809  S SG  . CYS B 1 33 ? -1.396  -1.113  -25.254 1.00 47.27 ? 33  CYS D SG  1 
ATOM   810  N N   . ASN B 1 34 ? -4.671  -1.345  -27.517 1.00 38.68 ? 34  ASN D N   1 
ATOM   811  C CA  . ASN B 1 34 ? -4.579  -1.324  -28.985 1.00 37.28 ? 34  ASN D CA  1 
ATOM   812  C C   . ASN B 1 34 ? -4.749  -2.695  -29.657 1.00 36.60 ? 34  ASN D C   1 
ATOM   813  O O   . ASN B 1 34 ? -4.181  -2.943  -30.735 1.00 36.14 ? 34  ASN D O   1 
ATOM   814  C CB  . ASN B 1 34 ? -3.241  -0.701  -29.422 1.00 37.85 ? 34  ASN D CB  1 
ATOM   815  C CG  . ASN B 1 34 ? -3.228  0.810   -29.284 1.00 37.79 ? 34  ASN D CG  1 
ATOM   816  O OD1 . ASN B 1 34 ? -4.232  1.422   -28.916 1.00 37.46 ? 34  ASN D OD1 1 
ATOM   817  N ND2 . ASN B 1 34 ? -2.087  1.422   -29.598 1.00 36.89 ? 34  ASN D ND2 1 
ATOM   818  N N   . GLY B 1 35 ? -5.519  -3.572  -29.016 1.00 35.48 ? 35  GLY D N   1 
ATOM   819  C CA  . GLY B 1 35 ? -5.730  -4.949  -29.497 1.00 34.22 ? 35  GLY D CA  1 
ATOM   820  C C   . GLY B 1 35 ? -4.492  -5.820  -29.380 1.00 33.69 ? 35  GLY D C   1 
ATOM   821  O O   . GLY B 1 35 ? -4.297  -6.742  -30.173 1.00 33.82 ? 35  GLY D O   1 
ATOM   822  N N   . THR B 1 36 ? -3.636  -5.509  -28.402 1.00 32.51 ? 36  THR D N   1 
ATOM   823  C CA  . THR B 1 36 ? -2.383  -6.230  -28.205 1.00 31.10 ? 36  THR D CA  1 
ATOM   824  C C   . THR B 1 36 ? -2.103  -6.368  -26.704 1.00 30.75 ? 36  THR D C   1 
ATOM   825  O O   . THR B 1 36 ? -2.775  -5.736  -25.881 1.00 31.36 ? 36  THR D O   1 
ATOM   826  C CB  . THR B 1 36 ? -1.184  -5.500  -28.870 1.00 31.42 ? 36  THR D CB  1 
ATOM   827  O OG1 . THR B 1 36 ? -0.828  -4.360  -28.080 1.00 32.32 ? 36  THR D OG1 1 
ATOM   828  C CG2 . THR B 1 36 ? -1.502  -5.040  -30.336 1.00 31.93 ? 36  THR D CG2 1 
ATOM   829  N N   . THR B 1 37 ? -1.143  -7.222  -26.357 1.00 29.47 ? 37  THR D N   1 
ATOM   830  C CA  . THR B 1 37 ? -0.618  -7.299  -24.984 1.00 29.13 ? 37  THR D CA  1 
ATOM   831  C C   . THR B 1 37 ? 0.720   -6.585  -24.993 1.00 27.49 ? 37  THR D C   1 
ATOM   832  O O   . THR B 1 37 ? 1.571   -6.883  -25.835 1.00 26.42 ? 37  THR D O   1 
ATOM   833  C CB  . THR B 1 37 ? -0.393  -8.759  -24.534 1.00 29.81 ? 37  THR D CB  1 
ATOM   834  O OG1 . THR B 1 37 ? -1.660  -9.413  -24.366 1.00 33.80 ? 37  THR D OG1 1 
ATOM   835  C CG2 . THR B 1 37 ? 0.370   -8.834  -23.224 1.00 32.66 ? 37  THR D CG2 1 
ATOM   836  N N   . GLU B 1 38 ? 0.923   -5.672  -24.043 1.00 26.39 ? 38  GLU D N   1 
ATOM   837  C CA  . GLU B 1 38 ? 2.203   -4.979  -23.966 1.00 26.80 ? 38  GLU D CA  1 
ATOM   838  C C   . GLU B 1 38 ? 2.949   -5.438  -22.722 1.00 25.89 ? 38  GLU D C   1 
ATOM   839  O O   . GLU B 1 38 ? 2.333   -5.649  -21.677 1.00 25.05 ? 38  GLU D O   1 
ATOM   840  C CB  . GLU B 1 38 ? 2.024   -3.460  -23.986 1.00 27.27 ? 38  GLU D CB  1 
ATOM   841  C CG  . GLU B 1 38 ? 1.738   -2.921  -25.417 1.00 29.17 ? 38  GLU D CG  1 
ATOM   842  C CD  . GLU B 1 38 ? 1.943   -1.423  -25.563 1.00 30.18 ? 38  GLU D CD  1 
ATOM   843  O OE1 . GLU B 1 38 ? 2.236   -0.741  -24.546 1.00 35.17 ? 38  GLU D OE1 1 
ATOM   844  O OE2 . GLU B 1 38 ? 1.781   -0.915  -26.697 1.00 36.32 ? 38  GLU D OE2 1 
ATOM   845  N N   . THR B 1 39 ? 4.255   -5.639  -22.870 1.00 24.60 ? 39  THR D N   1 
ATOM   846  C CA  . THR B 1 39 ? 5.126   -6.008  -21.750 1.00 25.01 ? 39  THR D CA  1 
ATOM   847  C C   . THR B 1 39 ? 6.145   -4.902  -21.574 1.00 24.23 ? 39  THR D C   1 
ATOM   848  O O   . THR B 1 39 ? 6.847   -4.530  -22.515 1.00 24.57 ? 39  THR D O   1 
ATOM   849  C CB  . THR B 1 39 ? 5.830   -7.347  -22.023 1.00 24.70 ? 39  THR D CB  1 
ATOM   850  O OG1 . THR B 1 39 ? 4.851   -8.388  -22.123 1.00 28.42 ? 39  THR D OG1 1 
ATOM   851  C CG2 . THR B 1 39 ? 6.819   -7.674  -20.919 1.00 25.90 ? 39  THR D CG2 1 
ATOM   852  N N   . ALA B 1 40 ? 6.230   -4.352  -20.358 1.00 23.12 ? 40  ALA D N   1 
ATOM   853  C CA  . ALA B 1 40 ? 7.177   -3.296  -20.059 1.00 23.04 ? 40  ALA D CA  1 
ATOM   854  C C   . ALA B 1 40 ? 8.610   -3.793  -20.188 1.00 22.81 ? 40  ALA D C   1 
ATOM   855  O O   . ALA B 1 40 ? 8.861   -4.974  -20.066 1.00 22.55 ? 40  ALA D O   1 
ATOM   856  C CB  . ALA B 1 40 ? 6.946   -2.798  -18.615 1.00 22.61 ? 40  ALA D CB  1 
ATOM   857  N N   . PRO B 1 41 ? 9.557   -2.882  -20.457 1.00 24.54 ? 41  PRO D N   1 
ATOM   858  C CA  . PRO B 1 41 ? 10.953  -3.310  -20.546 1.00 25.38 ? 41  PRO D CA  1 
ATOM   859  C C   . PRO B 1 41 ? 11.470  -3.924  -19.255 1.00 26.05 ? 41  PRO D C   1 
ATOM   860  O O   . PRO B 1 41 ? 11.157  -3.434  -18.178 1.00 25.87 ? 41  PRO D O   1 
ATOM   861  C CB  . PRO B 1 41 ? 11.700  -2.011  -20.839 1.00 25.77 ? 41  PRO D CB  1 
ATOM   862  C CG  . PRO B 1 41 ? 10.697  -1.087  -21.371 1.00 25.76 ? 41  PRO D CG  1 
ATOM   863  C CD  . PRO B 1 41 ? 9.391   -1.452  -20.773 1.00 24.44 ? 41  PRO D CD  1 
ATOM   864  N N   . ASN B 1 42 ? 12.241  -5.002  -19.365 1.00 26.35 ? 42  ASN D N   1 
ATOM   865  C CA  . ASN B 1 42 ? 12.918  -5.561  -18.193 1.00 26.66 ? 42  ASN D CA  1 
ATOM   866  C C   . ASN B 1 42 ? 13.724  -4.494  -17.448 1.00 27.31 ? 42  ASN D C   1 
ATOM   867  O O   . ASN B 1 42 ? 14.386  -3.651  -18.066 1.00 27.27 ? 42  ASN D O   1 
ATOM   868  C CB  . ASN B 1 42 ? 13.798  -6.741  -18.599 1.00 27.61 ? 42  ASN D CB  1 
ATOM   869  C CG  . ASN B 1 42 ? 12.986  -7.899  -19.117 1.00 29.11 ? 42  ASN D CG  1 
ATOM   870  O OD1 . ASN B 1 42 ? 11.817  -8.066  -18.745 1.00 29.22 ? 42  ASN D OD1 1 
ATOM   871  N ND2 . ASN B 1 42 ? 13.595  -8.723  -19.978 1.00 31.75 ? 42  ASN D ND2 1 
ATOM   872  N N   . GLY B 1 43 ? 13.625  -4.529  -16.118 1.00 26.88 ? 43  GLY D N   1 
ATOM   873  C CA  . GLY B 1 43 ? 14.265  -3.534  -15.258 1.00 26.38 ? 43  GLY D CA  1 
ATOM   874  C C   . GLY B 1 43 ? 13.415  -2.344  -14.838 1.00 26.21 ? 43  GLY D C   1 
ATOM   875  O O   . GLY B 1 43 ? 13.776  -1.623  -13.905 1.00 26.50 ? 43  GLY D O   1 
ATOM   876  N N   . THR B 1 44 ? 12.282  -2.122  -15.517 1.00 24.44 ? 44  THR D N   1 
ATOM   877  C CA  . THR B 1 44 ? 11.411  -0.973  -15.236 1.00 23.21 ? 44  THR D CA  1 
ATOM   878  C C   . THR B 1 44 ? 10.959  -1.064  -13.776 1.00 22.48 ? 44  THR D C   1 
ATOM   879  O O   . THR B 1 44 ? 10.639  -2.148  -13.308 1.00 22.59 ? 44  THR D O   1 
ATOM   880  C CB  . THR B 1 44 ? 10.173  -0.965  -16.169 1.00 23.23 ? 44  THR D CB  1 
ATOM   881  O OG1 . THR B 1 44 ? 10.607  -0.889  -17.530 1.00 24.53 ? 44  THR D OG1 1 
ATOM   882  C CG2 . THR B 1 44 ? 9.287   0.237   -15.920 1.00 23.82 ? 44  THR D CG2 1 
ATOM   883  N N   . ARG B 1 45 ? 11.008  0.054   -13.063 1.00 22.94 ? 45  ARG D N   1 
ATOM   884  C CA  . ARG B 1 45 ? 10.493  0.151   -11.690 1.00 22.90 ? 45  ARG D CA  1 
ATOM   885  C C   . ARG B 1 45 ? 9.000   -0.132  -11.716 1.00 22.84 ? 45  ARG D C   1 
ATOM   886  O O   . ARG B 1 45 ? 8.289   0.367   -12.605 1.00 22.63 ? 45  ARG D O   1 
ATOM   887  C CB  . ARG B 1 45 ? 10.727  1.567   -11.153 1.00 23.51 ? 45  ARG D CB  1 
ATOM   888  C CG  . ARG B 1 45 ? 10.469  1.753   -9.637  1.00 27.54 ? 45  ARG D CG  1 
ATOM   889  C CD  . ARG B 1 45 ? 11.771  1.889   -8.850  1.00 37.53 ? 45  ARG D CD  1 
ATOM   890  N NE  . ARG B 1 45 ? 12.540  3.096   -9.186  1.00 40.88 ? 45  ARG D NE  1 
ATOM   891  C CZ  . ARG B 1 45 ? 13.828  3.282   -8.880  1.00 44.37 ? 45  ARG D CZ  1 
ATOM   892  N NH1 . ARG B 1 45 ? 14.519  2.341   -8.242  1.00 44.88 ? 45  ARG D NH1 1 
ATOM   893  N NH2 . ARG B 1 45 ? 14.436  4.419   -9.216  1.00 45.23 ? 45  ARG D NH2 1 
ATOM   894  N N   . CYS B 1 46 ? 8.528   -0.926  -10.750 1.00 21.26 ? 46  CYS D N   1 
ATOM   895  C CA  . CYS B 1 46 ? 7.110   -1.215  -10.616 1.00 20.62 ? 46  CYS D CA  1 
ATOM   896  C C   . CYS B 1 46 ? 6.702   -1.381  -9.156  1.00 21.28 ? 46  CYS D C   1 
ATOM   897  O O   . CYS B 1 46 ? 7.562   -1.615  -8.288  1.00 20.75 ? 46  CYS D O   1 
ATOM   898  C CB  . CYS B 1 46 ? 6.751   -2.467  -11.416 1.00 20.73 ? 46  CYS D CB  1 
ATOM   899  S SG  . CYS B 1 46 ? 7.772   -3.894  -10.991 1.00 23.24 ? 46  CYS D SG  1 
ATOM   900  N N   . PHE B 1 47 ? 5.421   -1.182  -8.873  1.00 19.68 ? 47  PHE D N   1 
ATOM   901  C CA  . PHE B 1 47 ? 4.847   -1.637  -7.603  1.00 20.18 ? 47  PHE D CA  1 
ATOM   902  C C   . PHE B 1 47 ? 4.201   -3.006  -7.792  1.00 20.24 ? 47  PHE D C   1 
ATOM   903  O O   . PHE B 1 47 ? 3.379   -3.178  -8.699  1.00 21.60 ? 47  PHE D O   1 
ATOM   904  C CB  . PHE B 1 47 ? 3.783   -0.673  -7.101  1.00 20.31 ? 47  PHE D CB  1 
ATOM   905  C CG  . PHE B 1 47 ? 4.311   0.667   -6.654  1.00 19.64 ? 47  PHE D CG  1 
ATOM   906  C CD1 . PHE B 1 47 ? 3.800   1.861   -7.193  1.00 20.58 ? 47  PHE D CD1 1 
ATOM   907  C CD2 . PHE B 1 47 ? 5.299   0.756   -5.663  1.00 19.68 ? 47  PHE D CD2 1 
ATOM   908  C CE1 . PHE B 1 47 ? 4.261   3.132   -6.762  1.00 23.98 ? 47  PHE D CE1 1 
ATOM   909  C CE2 . PHE B 1 47 ? 5.765   1.998   -5.236  1.00 22.09 ? 47  PHE D CE2 1 
ATOM   910  C CZ  . PHE B 1 47 ? 5.240   3.207   -5.791  1.00 23.69 ? 47  PHE D CZ  1 
ATOM   911  N N   . SER B 1 48 ? 4.556   -3.985  -6.964  1.00 20.80 ? 48  SER D N   1 
ATOM   912  C CA  . SER B 1 48 ? 4.049   -5.328  -7.172  1.00 22.14 ? 48  SER D CA  1 
ATOM   913  C C   . SER B 1 48 ? 2.652   -5.527  -6.591  1.00 23.18 ? 48  SER D C   1 
ATOM   914  O O   . SER B 1 48 ? 2.410   -6.457  -5.796  1.00 25.01 ? 48  SER D O   1 
ATOM   915  C CB  . SER B 1 48 ? 5.068   -6.370  -6.665  1.00 22.81 ? 48  SER D CB  1 
ATOM   916  O OG  . SER B 1 48 ? 5.413   -6.138  -5.321  1.00 25.03 ? 48  SER D OG  1 
ATOM   917  N N   . ILE B 1 49 ? 1.724   -4.664  -6.993  1.00 22.24 ? 49  ILE D N   1 
ATOM   918  C CA  . ILE B 1 49 ? 0.365   -4.721  -6.474  1.00 23.22 ? 49  ILE D CA  1 
ATOM   919  C C   . ILE B 1 49 ? -0.662  -5.210  -7.498  1.00 22.79 ? 49  ILE D C   1 
ATOM   920  O O   . ILE B 1 49 ? -1.688  -5.762  -7.117  1.00 23.79 ? 49  ILE D O   1 
ATOM   921  C CB  . ILE B 1 49 ? -0.074  -3.375  -5.851  1.00 23.28 ? 49  ILE D CB  1 
ATOM   922  C CG1 . ILE B 1 49 ? -0.061  -2.254  -6.884  1.00 24.79 ? 49  ILE D CG1 1 
ATOM   923  C CG2 . ILE B 1 49 ? 0.850   -3.007  -4.666  1.00 24.08 ? 49  ILE D CG2 1 
ATOM   924  C CD1 . ILE B 1 49 ? -0.490  -0.886  -6.311  1.00 26.14 ? 49  ILE D CD1 1 
ATOM   925  N N   . GLY B 1 50 ? -0.385  -4.977  -8.779  1.00 23.28 ? 50  GLY D N   1 
ATOM   926  C CA  . GLY B 1 50 ? -1.306  -5.390  -9.844  1.00 23.99 ? 50  GLY D CA  1 
ATOM   927  C C   . GLY B 1 50 ? -2.480  -4.447  -10.047 1.00 25.48 ? 50  GLY D C   1 
ATOM   928  O O   . GLY B 1 50 ? -2.757  -3.555  -9.247  1.00 24.68 ? 50  GLY D O   1 
ATOM   929  N N   . ASP B 1 51 ? -3.183  -4.651  -11.161 1.00 26.33 ? 51  ASP D N   1 
ATOM   930  C CA  . ASP B 1 51 ? -4.380  -3.887  -11.454 1.00 28.73 ? 51  ASP D CA  1 
ATOM   931  C C   . ASP B 1 51 ? -5.430  -4.049  -10.352 1.00 29.21 ? 51  ASP D C   1 
ATOM   932  O O   . ASP B 1 51 ? -6.048  -3.073  -9.924  1.00 29.04 ? 51  ASP D O   1 
ATOM   933  C CB  . ASP B 1 51 ? -4.953  -4.377  -12.786 1.00 28.96 ? 51  ASP D CB  1 
ATOM   934  C CG  . ASP B 1 51 ? -4.000  -4.178  -13.952 1.00 32.40 ? 51  ASP D CG  1 
ATOM   935  O OD1 . ASP B 1 51 ? -4.332  -4.646  -15.057 1.00 37.49 ? 51  ASP D OD1 1 
ATOM   936  O OD2 . ASP B 1 51 ? -2.929  -3.562  -13.798 1.00 34.77 ? 51  ASP D OD2 1 
ATOM   937  N N   . GLU B 1 52 ? -5.635  -5.283  -9.886  1.00 30.83 ? 52  GLU D N   1 
ATOM   938  C CA  . GLU B 1 52 ? -6.669  -5.521  -8.880  1.00 32.08 ? 52  GLU D CA  1 
ATOM   939  C C   . GLU B 1 52 ? -6.288  -4.892  -7.538  1.00 31.32 ? 52  GLU D C   1 
ATOM   940  O O   . GLU B 1 52 ? -7.136  -4.318  -6.863  1.00 32.41 ? 52  GLU D O   1 
ATOM   941  C CB  . GLU B 1 52 ? -6.991  -7.011  -8.737  1.00 32.74 ? 52  GLU D CB  1 
ATOM   942  C CG  . GLU B 1 52 ? -8.054  -7.345  -7.673  1.00 37.69 ? 52  GLU D CG  1 
ATOM   943  C CD  . GLU B 1 52 ? -9.409  -6.663  -7.903  1.00 42.44 ? 52  GLU D CD  1 
ATOM   944  O OE1 . GLU B 1 52 ? -9.751  -6.333  -9.068  1.00 45.32 ? 52  GLU D OE1 1 
ATOM   945  O OE2 . GLU B 1 52 ? -10.148 -6.471  -6.907  1.00 44.76 ? 52  GLU D OE2 1 
ATOM   946  N N   . GLY B 1 53 ? -5.014  -4.993  -7.166  1.00 30.55 ? 53  GLY D N   1 
ATOM   947  C CA  . GLY B 1 53 ? -4.498  -4.275  -5.996  1.00 28.68 ? 53  GLY D CA  1 
ATOM   948  C C   . GLY B 1 53 ? -4.695  -2.766  -6.048  1.00 27.69 ? 53  GLY D C   1 
ATOM   949  O O   . GLY B 1 53 ? -5.036  -2.147  -5.042  1.00 27.45 ? 53  GLY D O   1 
ATOM   950  N N   . LEU B 1 54 ? -4.482  -2.169  -7.215  1.00 26.53 ? 54  LEU D N   1 
ATOM   951  C CA  . LEU B 1 54 ? -4.615  -0.731  -7.373  1.00 26.05 ? 54  LEU D CA  1 
ATOM   952  C C   . LEU B 1 54 ? -6.081  -0.327  -7.243  1.00 27.29 ? 54  LEU D C   1 
ATOM   953  O O   . LEU B 1 54 ? -6.401  0.640   -6.545  1.00 26.72 ? 54  LEU D O   1 
ATOM   954  C CB  . LEU B 1 54 ? -4.059  -0.286  -8.735  1.00 25.72 ? 54  LEU D CB  1 
ATOM   955  C CG  . LEU B 1 54 ? -4.114  1.205   -9.072  1.00 24.72 ? 54  LEU D CG  1 
ATOM   956  C CD1 . LEU B 1 54 ? -3.291  2.078   -8.146  1.00 25.45 ? 54  LEU D CD1 1 
ATOM   957  C CD2 . LEU B 1 54 ? -3.671  1.412   -10.514 1.00 25.78 ? 54  LEU D CD2 1 
ATOM   958  N N   . ARG B 1 55 ? -6.956  -1.074  -7.910  1.00 28.67 ? 55  ARG D N   1 
ATOM   959  C CA  . ARG B 1 55 ? -8.392  -0.799  -7.869  1.00 31.32 ? 55  ARG D CA  1 
ATOM   960  C C   . ARG B 1 55 ? -8.963  -0.798  -6.446  1.00 31.32 ? 55  ARG D C   1 
ATOM   961  O O   . ARG B 1 55 ? -9.857  -0.008  -6.147  1.00 31.98 ? 55  ARG D O   1 
ATOM   962  C CB  . ARG B 1 55 ? -9.171  -1.739  -8.822  1.00 31.37 ? 55  ARG D CB  1 
ATOM   963  C CG  . ARG B 1 55 ? -8.947  -1.380  -10.287 1.00 34.74 ? 55  ARG D CG  1 
ATOM   964  C CD  . ARG B 1 55 ? -9.634  -2.327  -11.276 1.00 34.92 ? 55  ARG D CD  1 
ATOM   965  N NE  . ARG B 1 55 ? -9.410  -1.849  -12.644 1.00 42.11 ? 55  ARG D NE  1 
ATOM   966  C CZ  . ARG B 1 55 ? -8.609  -2.430  -13.539 1.00 44.54 ? 55  ARG D CZ  1 
ATOM   967  N NH1 . ARG B 1 55 ? -7.958  -3.547  -13.239 1.00 45.55 ? 55  ARG D NH1 1 
ATOM   968  N NH2 . ARG B 1 55 ? -8.480  -1.904  -14.754 1.00 45.16 ? 55  ARG D NH2 1 
ATOM   969  N N   . ARG B 1 56 ? -8.419  -1.644  -5.571  1.00 30.98 ? 56  ARG D N   1 
ATOM   970  C CA  . ARG B 1 56 ? -8.891  -1.763  -4.177  1.00 31.21 ? 56  ARG D CA  1 
ATOM   971  C C   . ARG B 1 56 ? -8.301  -0.743  -3.187  1.00 30.60 ? 56  ARG D C   1 
ATOM   972  O O   . ARG B 1 56 ? -8.684  -0.696  -2.010  1.00 31.44 ? 56  ARG D O   1 
ATOM   973  C CB  . ARG B 1 56 ? -8.724  -3.205  -3.698  1.00 32.09 ? 56  ARG D CB  1 
ATOM   974  C CG  . ARG B 1 56 ? -9.755  -4.116  -4.346  1.00 36.28 ? 56  ARG D CG  1 
ATOM   975  C CD  . ARG B 1 56 ? -9.593  -5.570  -3.958  1.00 44.02 ? 56  ARG D CD  1 
ATOM   976  N NE  . ARG B 1 56 ? -10.362 -5.945  -2.767  1.00 47.88 ? 56  ARG D NE  1 
ATOM   977  C CZ  . ARG B 1 56 ? -11.640 -6.326  -2.766  1.00 49.71 ? 56  ARG D CZ  1 
ATOM   978  N NH1 . ARG B 1 56 ? -12.339 -6.374  -3.899  1.00 50.50 ? 56  ARG D NH1 1 
ATOM   979  N NH2 . ARG B 1 56 ? -12.222 -6.658  -1.620  1.00 50.94 ? 56  ARG D NH2 1 
ATOM   980  N N   . MET B 1 57 ? -7.365  0.064   -3.661  1.00 28.18 ? 57  MET D N   1 
ATOM   981  C CA  . MET B 1 57 ? -6.839  1.174   -2.885  1.00 26.84 ? 57  MET D CA  1 
ATOM   982  C C   . MET B 1 57 ? -7.885  2.270   -2.864  1.00 27.75 ? 57  MET D C   1 
ATOM   983  O O   . MET B 1 57 ? -8.411  2.647   -3.923  1.00 28.18 ? 57  MET D O   1 
ATOM   984  C CB  . MET B 1 57 ? -5.547  1.685   -3.499  1.00 27.05 ? 57  MET D CB  1 
ATOM   985  C CG  . MET B 1 57 ? -4.417  0.709   -3.281  1.00 25.44 ? 57  MET D CG  1 
ATOM   986  S SD  . MET B 1 57 ? -2.970  1.137   -4.262  1.00 25.56 ? 57  MET D SD  1 
ATOM   987  C CE  . MET B 1 57 ? -2.490  2.709   -3.588  1.00 24.75 ? 57  MET D CE  1 
ATOM   988  N N   . THR B 1 58 ? -8.196  2.741   -1.660  1.00 27.50 ? 58  THR D N   1 
ATOM   989  C CA  . THR B 1 58 ? -9.026  3.914   -1.474  1.00 28.16 ? 58  THR D CA  1 
ATOM   990  C C   . THR B 1 58 ? -8.293  5.122   -2.028  1.00 27.52 ? 58  THR D C   1 
ATOM   991  O O   . THR B 1 58 ? -7.129  5.373   -1.699  1.00 26.84 ? 58  THR D O   1 
ATOM   992  C CB  . THR B 1 58 ? -9.347  4.187   0.011   1.00 29.23 ? 58  THR D CB  1 
ATOM   993  O OG1 . THR B 1 58 ? -9.795  2.984   0.653   1.00 31.96 ? 58  THR D OG1 1 
ATOM   994  C CG2 . THR B 1 58 ? -10.432 5.242   0.108   1.00 30.50 ? 58  THR D CG2 1 
ATOM   995  N N   . ALA B 1 59 ? -8.960  5.890   -2.875  1.00 27.05 ? 59  ALA D N   1 
ATOM   996  C CA  . ALA B 1 59 ? -8.288  7.007   -3.507  1.00 27.09 ? 59  ALA D CA  1 
ATOM   997  C C   . ALA B 1 59 ? -7.718  7.982   -2.478  1.00 27.08 ? 59  ALA D C   1 
ATOM   998  O O   . ALA B 1 59 ? -8.369  8.264   -1.468  1.00 28.09 ? 59  ALA D O   1 
ATOM   999  C CB  . ALA B 1 59 ? -9.252  7.726   -4.474  1.00 28.19 ? 59  ALA D CB  1 
ATOM   1000 N N   . ASN B 1 60 ? -6.509  8.476   -2.738  1.00 26.69 ? 60  ASN D N   1 
ATOM   1001 C CA  . ASN B 1 60 ? -5.872  9.554   -1.972  1.00 26.69 ? 60  ASN D CA  1 
ATOM   1002 C C   . ASN B 1 60 ? -5.323  9.210   -0.597  1.00 26.15 ? 60  ASN D C   1 
ATOM   1003 O O   . ASN B 1 60 ? -4.736  10.078  0.053   1.00 26.67 ? 60  ASN D O   1 
ATOM   1004 C CB  . ASN B 1 60 ? -6.816  10.743  -1.854  1.00 27.45 ? 60  ASN D CB  1 
ATOM   1005 C CG  . ASN B 1 60 ? -7.153  11.313  -3.201  1.00 29.53 ? 60  ASN D CG  1 
ATOM   1006 O OD1 . ASN B 1 60 ? -6.270  11.466  -4.057  1.00 30.31 ? 60  ASN D OD1 1 
ATOM   1007 N ND2 . ASN B 1 60 ? -8.438  11.606  -3.418  1.00 33.49 ? 60  ASN D ND2 1 
ATOM   1008 N N   . LEU B 1 61 ? -5.535  7.969   -0.172  1.00 24.24 ? 61  LEU D N   1 
ATOM   1009 C CA  . LEU B 1 61 ? -4.996  7.501   1.114   1.00 23.24 ? 61  LEU D CA  1 
ATOM   1010 C C   . LEU B 1 61 ? -3.636  6.810   0.936   1.00 22.79 ? 61  LEU D C   1 
ATOM   1011 O O   . LEU B 1 61 ? -3.416  6.143   -0.080  1.00 21.95 ? 61  LEU D O   1 
ATOM   1012 C CB  . LEU B 1 61 ? -5.959  6.533   1.759   1.00 22.67 ? 61  LEU D CB  1 
ATOM   1013 C CG  . LEU B 1 61 ? -7.329  7.022   2.229   1.00 27.28 ? 61  LEU D CG  1 
ATOM   1014 C CD1 . LEU B 1 61 ? -7.999  5.921   2.967   1.00 29.08 ? 61  LEU D CD1 1 
ATOM   1015 C CD2 . LEU B 1 61 ? -7.153  8.201   3.137   1.00 28.56 ? 61  LEU D CD2 1 
ATOM   1016 N N   . PRO B 1 62 ? -2.745  6.928   1.941   1.00 21.72 ? 62  PRO D N   1 
ATOM   1017 C CA  . PRO B 1 62 ? -1.401  6.337   1.882   1.00 21.08 ? 62  PRO D CA  1 
ATOM   1018 C C   . PRO B 1 62 ? -1.359  4.841   2.168   1.00 19.98 ? 62  PRO D C   1 
ATOM   1019 O O   . PRO B 1 62 ? -1.925  4.355   3.147   1.00 18.15 ? 62  PRO D O   1 
ATOM   1020 C CB  . PRO B 1 62 ? -0.618  7.103   2.972   1.00 20.56 ? 62  PRO D CB  1 
ATOM   1021 C CG  . PRO B 1 62 ? -1.652  7.492   3.925   1.00 21.71 ? 62  PRO D CG  1 
ATOM   1022 C CD  . PRO B 1 62 ? -2.982  7.624   3.227   1.00 22.73 ? 62  PRO D CD  1 
ATOM   1023 N N   . TYR B 1 63 ? -0.670  4.120   1.294   1.00 19.27 ? 63  TYR D N   1 
ATOM   1024 C CA  . TYR B 1 63 ? -0.462  2.681   1.439   1.00 18.75 ? 63  TYR D CA  1 
ATOM   1025 C C   . TYR B 1 63 ? 1.014   2.348   1.467   1.00 17.33 ? 63  TYR D C   1 
ATOM   1026 O O   . TYR B 1 63 ? 1.834   3.081   0.953   1.00 18.31 ? 63  TYR D O   1 
ATOM   1027 C CB  . TYR B 1 63 ? -1.101  1.938   0.239   1.00 18.45 ? 63  TYR D CB  1 
ATOM   1028 C CG  . TYR B 1 63 ? -2.606  1.913   0.313   1.00 18.58 ? 63  TYR D CG  1 
ATOM   1029 C CD1 . TYR B 1 63 ? -3.374  2.998   -0.115  1.00 19.92 ? 63  TYR D CD1 1 
ATOM   1030 C CD2 . TYR B 1 63 ? -3.266  0.824   0.859   1.00 17.49 ? 63  TYR D CD2 1 
ATOM   1031 C CE1 . TYR B 1 63 ? -4.765  2.979   -0.027  1.00 19.34 ? 63  TYR D CE1 1 
ATOM   1032 C CE2 . TYR B 1 63 ? -4.652  0.792   0.943   1.00 20.53 ? 63  TYR D CE2 1 
ATOM   1033 C CZ  . TYR B 1 63 ? -5.395  1.872   0.523   1.00 20.83 ? 63  TYR D CZ  1 
ATOM   1034 O OH  . TYR B 1 63 ? -6.761  1.816   0.644   1.00 24.03 ? 63  TYR D OH  1 
ATOM   1035 N N   . ASP B 1 64 ? 1.358   1.197   2.043   1.00 18.39 ? 64  ASP D N   1 
ATOM   1036 C CA  . ASP B 1 64 ? 2.747   0.677   2.004   1.00 20.45 ? 64  ASP D CA  1 
ATOM   1037 C C   . ASP B 1 64 ? 2.959   -0.162  0.755   1.00 21.46 ? 64  ASP D C   1 
ATOM   1038 O O   . ASP B 1 64 ? 2.678   -1.365  0.760   1.00 23.47 ? 64  ASP D O   1 
ATOM   1039 C CB  . ASP B 1 64 ? 2.952   -0.270  3.198   1.00 21.50 ? 64  ASP D CB  1 
ATOM   1040 C CG  . ASP B 1 64 ? 3.819   0.307   4.272   1.00 27.61 ? 64  ASP D CG  1 
ATOM   1041 O OD1 . ASP B 1 64 ? 4.504   1.342   4.054   1.00 32.24 ? 64  ASP D OD1 1 
ATOM   1042 O OD2 . ASP B 1 64 ? 3.802   -0.312  5.375   1.00 31.51 ? 64  ASP D OD2 1 
ATOM   1043 N N   . CYS B 1 65 ? 3.445   0.454   -0.309  1.00 19.66 ? 65  CYS D N   1 
ATOM   1044 C CA  . CYS B 1 65 ? 3.490   -0.203  -1.611  1.00 18.91 ? 65  CYS D CA  1 
ATOM   1045 C C   . CYS B 1 65 ? 4.820   -0.950  -1.815  1.00 18.69 ? 65  CYS D C   1 
ATOM   1046 O O   . CYS B 1 65 ? 5.907   -0.354  -1.693  1.00 19.04 ? 65  CYS D O   1 
ATOM   1047 C CB  . CYS B 1 65 ? 3.282   0.862   -2.669  1.00 19.62 ? 65  CYS D CB  1 
ATOM   1048 S SG  . CYS B 1 65 ? 1.725   1.824   -2.349  1.00 22.40 ? 65  CYS D SG  1 
ATOM   1049 N N   . PRO B 1 66 ? 4.736   -2.256  -2.122  1.00 17.32 ? 66  PRO D N   1 
ATOM   1050 C CA  . PRO B 1 66 ? 5.967   -3.002  -2.369  1.00 18.27 ? 66  PRO D CA  1 
ATOM   1051 C C   . PRO B 1 66 ? 6.582   -2.624  -3.696  1.00 19.63 ? 66  PRO D C   1 
ATOM   1052 O O   . PRO B 1 66 ? 5.869   -2.573  -4.709  1.00 19.46 ? 66  PRO D O   1 
ATOM   1053 C CB  . PRO B 1 66 ? 5.508   -4.467  -2.362  1.00 18.27 ? 66  PRO D CB  1 
ATOM   1054 C CG  . PRO B 1 66 ? 4.080   -4.410  -2.783  1.00 18.07 ? 66  PRO D CG  1 
ATOM   1055 C CD  . PRO B 1 66 ? 3.540   -3.110  -2.194  1.00 18.38 ? 66  PRO D CD  1 
ATOM   1056 N N   . LEU B 1 67 ? 7.880   -2.347  -3.676  1.00 19.23 ? 67  LEU D N   1 
ATOM   1057 C CA  . LEU B 1 67 ? 8.633   -2.023  -4.899  1.00 19.53 ? 67  LEU D CA  1 
ATOM   1058 C C   . LEU B 1 67 ? 9.179   -3.272  -5.580  1.00 21.17 ? 67  LEU D C   1 
ATOM   1059 O O   . LEU B 1 67 ? 9.492   -4.277  -4.931  1.00 22.32 ? 67  LEU D O   1 
ATOM   1060 C CB  . LEU B 1 67 ? 9.773   -1.044  -4.595  1.00 20.31 ? 67  LEU D CB  1 
ATOM   1061 C CG  . LEU B 1 67 ? 9.329   0.418   -4.465  1.00 20.35 ? 67  LEU D CG  1 
ATOM   1062 C CD1 . LEU B 1 67 ? 10.393  1.241   -3.786  1.00 22.47 ? 67  LEU D CD1 1 
ATOM   1063 C CD2 . LEU B 1 67 ? 9.062   0.960   -5.873  1.00 22.92 ? 67  LEU D CD2 1 
ATOM   1064 N N   . GLY B 1 68 ? 9.248   -3.218  -6.910  1.00 20.39 ? 68  GLY D N   1 
ATOM   1065 C CA  . GLY B 1 68 ? 9.843   -4.293  -7.666  1.00 20.35 ? 68  GLY D CA  1 
ATOM   1066 C C   . GLY B 1 68 ? 10.486  -3.806  -8.955  1.00 19.64 ? 68  GLY D C   1 
ATOM   1067 O O   . GLY B 1 68 ? 10.548  -2.616  -9.224  1.00 19.50 ? 68  GLY D O   1 
ATOM   1068 N N   . GLN B 1 69 ? 10.945  -4.752  -9.764  1.00 21.65 ? 69  GLN D N   1 
ATOM   1069 C CA  . GLN B 1 69 ? 11.429  -4.440  -11.105 1.00 22.86 ? 69  GLN D CA  1 
ATOM   1070 C C   . GLN B 1 69 ? 10.848  -5.479  -12.046 1.00 22.01 ? 69  GLN D C   1 
ATOM   1071 O O   . GLN B 1 69 ? 10.681  -6.668  -11.685 1.00 22.09 ? 69  GLN D O   1 
ATOM   1072 C CB  . GLN B 1 69 ? 12.952  -4.459  -11.170 1.00 23.63 ? 69  GLN D CB  1 
ATOM   1073 C CG  . GLN B 1 69 ? 13.671  -3.392  -10.360 1.00 27.16 ? 69  GLN D CG  1 
ATOM   1074 C CD  . GLN B 1 69 ? 15.188  -3.632  -10.357 1.00 26.30 ? 69  GLN D CD  1 
ATOM   1075 O OE1 . GLN B 1 69 ? 15.903  -3.145  -9.482  1.00 37.28 ? 69  GLN D OE1 1 
ATOM   1076 N NE2 . GLN B 1 69 ? 15.669  -4.392  -11.331 1.00 31.90 ? 69  GLN D NE2 1 
ATOM   1077 N N   . CYS B 1 70 ? 10.520  -5.034  -13.254 1.00 22.08 ? 70  CYS D N   1 
ATOM   1078 C CA  . CYS B 1 70 ? 9.908   -5.918  -14.250 1.00 23.39 ? 70  CYS D CA  1 
ATOM   1079 C C   . CYS B 1 70 ? 10.898  -6.967  -14.729 1.00 24.13 ? 70  CYS D C   1 
ATOM   1080 O O   . CYS B 1 70 ? 12.049  -6.650  -14.991 1.00 24.79 ? 70  CYS D O   1 
ATOM   1081 C CB  . CYS B 1 70 ? 9.396   -5.098  -15.438 1.00 23.85 ? 70  CYS D CB  1 
ATOM   1082 S SG  . CYS B 1 70 ? 7.986   -4.001  -15.041 1.00 24.76 ? 70  CYS D SG  1 
ATOM   1083 N N   . SER B 1 71 ? 10.440  -8.207  -14.812 1.00 25.25 ? 71  SER D N   1 
ATOM   1084 C CA  . SER B 1 71 ? 11.232  -9.280  -15.412 1.00 27.33 ? 71  SER D CA  1 
ATOM   1085 C C   . SER B 1 71 ? 10.283  -10.146 -16.203 1.00 28.25 ? 71  SER D C   1 
ATOM   1086 O O   . SER B 1 71 ? 9.461   -10.877 -15.630 1.00 27.86 ? 71  SER D O   1 
ATOM   1087 C CB  . SER B 1 71 ? 11.984  -10.092 -14.353 1.00 28.15 ? 71  SER D CB  1 
ATOM   1088 O OG  . SER B 1 71 ? 12.688  -11.163 -14.975 1.00 31.37 ? 71  SER D OG  1 
ATOM   1089 N N   . ASN B 1 72 ? 10.416  -10.042 -17.525 1.00 29.81 ? 72  ASN D N   1 
ATOM   1090 C CA  . ASN B 1 72 ? 9.566   -10.721 -18.503 1.00 30.60 ? 72  ASN D CA  1 
ATOM   1091 C C   . ASN B 1 72 ? 8.081   -10.701 -18.158 1.00 30.36 ? 72  ASN D C   1 
ATOM   1092 O O   . ASN B 1 72 ? 7.420   -11.743 -18.090 1.00 30.68 ? 72  ASN D O   1 
ATOM   1093 C CB  . ASN B 1 72 ? 10.107  -12.121 -18.785 1.00 32.04 ? 72  ASN D CB  1 
ATOM   1094 C CG  . ASN B 1 72 ? 11.494  -12.079 -19.406 1.00 34.58 ? 72  ASN D CG  1 
ATOM   1095 O OD1 . ASN B 1 72 ? 11.729  -11.369 -20.398 1.00 39.83 ? 72  ASN D OD1 1 
ATOM   1096 N ND2 . ASN B 1 72 ? 12.428  -12.812 -18.818 1.00 36.74 ? 72  ASN D ND2 1 
ATOM   1097 N N   . GLY B 1 73 ? 7.581   -9.489  -17.929 1.00 29.54 ? 73  GLY D N   1 
ATOM   1098 C CA  . GLY B 1 73 ? 6.154   -9.260  -17.729 1.00 28.70 ? 73  GLY D CA  1 
ATOM   1099 C C   . GLY B 1 73 ? 5.676   -9.414  -16.298 1.00 28.41 ? 73  GLY D C   1 
ATOM   1100 O O   . GLY B 1 73 ? 4.492   -9.263  -16.016 1.00 28.76 ? 73  GLY D O   1 
ATOM   1101 N N   . ASP B 1 74 ? 6.599   -9.678  -15.381 1.00 27.59 ? 74  ASP D N   1 
ATOM   1102 C CA  . ASP B 1 74 ? 6.220   -9.826  -13.978 1.00 28.39 ? 74  ASP D CA  1 
ATOM   1103 C C   . ASP B 1 74 ? 6.949   -8.799  -13.139 1.00 27.24 ? 74  ASP D C   1 
ATOM   1104 O O   . ASP B 1 74 ? 8.126   -8.561  -13.344 1.00 27.14 ? 74  ASP D O   1 
ATOM   1105 C CB  . ASP B 1 74 ? 6.526   -11.242 -13.504 1.00 28.85 ? 74  ASP D CB  1 
ATOM   1106 C CG  . ASP B 1 74 ? 5.718   -12.293 -14.262 1.00 33.13 ? 74  ASP D CG  1 
ATOM   1107 O OD1 . ASP B 1 74 ? 4.503   -12.067 -14.493 1.00 36.02 ? 74  ASP D OD1 1 
ATOM   1108 O OD2 . ASP B 1 74 ? 6.309   -13.334 -14.631 1.00 37.28 ? 74  ASP D OD2 1 
ATOM   1109 N N   . CYS B 1 75 ? 6.242   -8.188  -12.195 1.00 26.56 ? 75  CYS D N   1 
ATOM   1110 C CA  . CYS B 1 75 ? 6.895   -7.266  -11.269 1.00 26.58 ? 75  CYS D CA  1 
ATOM   1111 C C   . CYS B 1 75 ? 7.463   -8.084  -10.114 1.00 26.90 ? 75  CYS D C   1 
ATOM   1112 O O   . CYS B 1 75 ? 6.706   -8.572  -9.274  1.00 28.19 ? 75  CYS D O   1 
ATOM   1113 C CB  . CYS B 1 75 ? 5.901   -6.210  -10.780 1.00 25.89 ? 75  CYS D CB  1 
ATOM   1114 S SG  . CYS B 1 75 ? 6.675   -4.982  -9.707  1.00 26.91 ? 75  CYS D SG  1 
ATOM   1115 N N   . ILE B 1 76 ? 8.786   -8.262  -10.107 1.00 26.57 ? 76  ILE D N   1 
ATOM   1116 C CA  . ILE B 1 76 ? 9.466   -9.024  -9.070  1.00 26.86 ? 76  ILE D CA  1 
ATOM   1117 C C   . ILE B 1 76 ? 9.858   -8.109  -7.896  1.00 25.61 ? 76  ILE D C   1 
ATOM   1118 O O   . ILE B 1 76 ? 10.705  -7.230  -8.072  1.00 25.04 ? 76  ILE D O   1 
ATOM   1119 C CB  . ILE B 1 76 ? 10.739  -9.723  -9.600  1.00 26.99 ? 76  ILE D CB  1 
ATOM   1120 C CG1 . ILE B 1 76 ? 10.484  -10.409 -10.958 1.00 27.99 ? 76  ILE D CG1 1 
ATOM   1121 C CG2 . ILE B 1 76 ? 11.291  -10.704 -8.526  1.00 29.06 ? 76  ILE D CG2 1 
ATOM   1122 C CD1 . ILE B 1 76 ? 9.517   -11.557 -10.871 1.00 29.54 ? 76  ILE D CD1 1 
ATOM   1123 N N   . PRO B 1 77 ? 9.279   -8.350  -6.696  1.00 26.62 ? 77  PRO D N   1 
ATOM   1124 C CA  . PRO B 1 77 ? 9.596   -7.520  -5.522  1.00 26.57 ? 77  PRO D CA  1 
ATOM   1125 C C   . PRO B 1 77 ? 11.079  -7.422  -5.178  1.00 27.27 ? 77  PRO D C   1 
ATOM   1126 O O   . PRO B 1 77 ? 11.834  -8.395  -5.359  1.00 28.18 ? 77  PRO D O   1 
ATOM   1127 C CB  . PRO B 1 77 ? 8.856   -8.220  -4.376  1.00 27.06 ? 77  PRO D CB  1 
ATOM   1128 C CG  . PRO B 1 77 ? 7.781   -8.976  -4.998  1.00 27.61 ? 77  PRO D CG  1 
ATOM   1129 C CD  . PRO B 1 77 ? 8.285   -9.386  -6.362  1.00 26.45 ? 77  PRO D CD  1 
ATOM   1130 N N   . LYS B 1 78 ? 11.481  -6.239  -4.702  1.00 26.71 ? 78  LYS D N   1 
ATOM   1131 C CA  . LYS B 1 78 ? 12.853  -5.963  -4.255  1.00 28.23 ? 78  LYS D CA  1 
ATOM   1132 C C   . LYS B 1 78 ? 12.991  -6.044  -2.738  1.00 27.28 ? 78  LYS D C   1 
ATOM   1133 O O   . LYS B 1 78 ? 14.066  -5.777  -2.213  1.00 27.83 ? 78  LYS D O   1 
ATOM   1134 C CB  . LYS B 1 78 ? 13.294  -4.559  -4.677  1.00 28.58 ? 78  LYS D CB  1 
ATOM   1135 C CG  . LYS B 1 78 ? 13.365  -4.320  -6.157  1.00 32.12 ? 78  LYS D CG  1 
ATOM   1136 C CD  . LYS B 1 78 ? 14.647  -3.596  -6.530  1.00 36.43 ? 78  LYS D CD  1 
ATOM   1137 C CE  . LYS B 1 78 ? 14.512  -2.106  -6.351  1.00 37.28 ? 78  LYS D CE  1 
ATOM   1138 N NZ  . LYS B 1 78 ? 15.082  -1.324  -7.503  1.00 39.26 ? 78  LYS D NZ  1 
ATOM   1139 N N   . GLU B 1 79 ? 11.896  -6.371  -2.050  1.00 26.95 ? 79  GLU D N   1 
ATOM   1140 C CA  . GLU B 1 79 ? 11.827  -6.376  -0.579  1.00 27.49 ? 79  GLU D CA  1 
ATOM   1141 C C   . GLU B 1 79 ? 11.992  -4.979  0.047   1.00 25.72 ? 79  GLU D C   1 
ATOM   1142 O O   . GLU B 1 79 ? 12.270  -4.833  1.244   1.00 25.90 ? 79  GLU D O   1 
ATOM   1143 C CB  . GLU B 1 79 ? 12.777  -7.410  0.020   1.00 28.87 ? 79  GLU D CB  1 
ATOM   1144 C CG  . GLU B 1 79 ? 12.452  -8.830  -0.432  1.00 33.85 ? 79  GLU D CG  1 
ATOM   1145 C CD  . GLU B 1 79 ? 13.456  -9.854  0.063   1.00 41.38 ? 79  GLU D CD  1 
ATOM   1146 O OE1 . GLU B 1 79 ? 13.889  -9.757  1.236   1.00 44.95 ? 79  GLU D OE1 1 
ATOM   1147 O OE2 . GLU B 1 79 ? 13.810  -10.765 -0.725  1.00 44.54 ? 79  GLU D OE2 1 
ATOM   1148 N N   . THR B 1 80 ? 11.729  -3.960  -0.764  1.00 22.54 ? 80  THR D N   1 
ATOM   1149 C CA  . THR B 1 80 ? 11.641  -2.586  -0.264  1.00 21.14 ? 80  THR D CA  1 
ATOM   1150 C C   . THR B 1 80 ? 10.231  -2.052  -0.520  1.00 20.37 ? 80  THR D C   1 
ATOM   1151 O O   . THR B 1 80 ? 9.457   -2.653  -1.292  1.00 20.09 ? 80  THR D O   1 
ATOM   1152 C CB  . THR B 1 80 ? 12.633  -1.655  -0.953  1.00 21.05 ? 80  THR D CB  1 
ATOM   1153 O OG1 . THR B 1 80 ? 12.370  -1.623  -2.366  1.00 22.00 ? 80  THR D OG1 1 
ATOM   1154 C CG2 . THR B 1 80 ? 14.094  -2.129  -0.734  1.00 22.25 ? 80  THR D CG2 1 
ATOM   1155 N N   . TYR B 1 81 ? 9.887   -0.968  0.178   1.00 20.03 ? 81  TYR D N   1 
ATOM   1156 C CA  . TYR B 1 81 ? 8.519   -0.399  0.171   1.00 20.72 ? 81  TYR D CA  1 
ATOM   1157 C C   . TYR B 1 81 ? 8.577   1.096   0.171   1.00 21.65 ? 81  TYR D C   1 
ATOM   1158 O O   . TYR B 1 81 ? 9.534   1.703   0.626   1.00 20.96 ? 81  TYR D O   1 
ATOM   1159 C CB  . TYR B 1 81 ? 7.718   -0.842  1.430   1.00 22.71 ? 81  TYR D CB  1 
ATOM   1160 C CG  . TYR B 1 81 ? 7.773   -2.342  1.612   1.00 25.08 ? 81  TYR D CG  1 
ATOM   1161 C CD1 . TYR B 1 81 ? 8.894   -2.956  2.182   1.00 25.76 ? 81  TYR D CD1 1 
ATOM   1162 C CD2 . TYR B 1 81 ? 6.742   -3.149  1.170   1.00 26.62 ? 81  TYR D CD2 1 
ATOM   1163 C CE1 . TYR B 1 81 ? 8.979   -4.350  2.302   1.00 27.53 ? 81  TYR D CE1 1 
ATOM   1164 C CE2 . TYR B 1 81 ? 6.819   -4.539  1.294   1.00 26.58 ? 81  TYR D CE2 1 
ATOM   1165 C CZ  . TYR B 1 81 ? 7.940   -5.123  1.861   1.00 27.73 ? 81  TYR D CZ  1 
ATOM   1166 O OH  . TYR B 1 81 ? 8.029   -6.500  1.994   1.00 28.64 ? 81  TYR D OH  1 
ATOM   1167 N N   . GLU B 1 82 ? 7.528   1.706   -0.339  1.00 20.59 ? 82  GLU D N   1 
ATOM   1168 C CA  . GLU B 1 82 ? 7.418   3.135   -0.219  1.00 22.16 ? 82  GLU D CA  1 
ATOM   1169 C C   . GLU B 1 82 ? 5.953   3.487   -0.120  1.00 20.45 ? 82  GLU D C   1 
ATOM   1170 O O   . GLU B 1 82 ? 5.089   2.706   -0.512  1.00 20.16 ? 82  GLU D O   1 
ATOM   1171 C CB  . GLU B 1 82 ? 8.157   3.814   -1.346  1.00 23.93 ? 82  GLU D CB  1 
ATOM   1172 C CG  . GLU B 1 82 ? 7.525   3.737   -2.697  1.00 25.25 ? 82  GLU D CG  1 
ATOM   1173 C CD  . GLU B 1 82 ? 8.246   4.631   -3.738  1.00 26.70 ? 82  GLU D CD  1 
ATOM   1174 O OE1 . GLU B 1 82 ? 9.461   4.878   -3.626  1.00 34.56 ? 82  GLU D OE1 1 
ATOM   1175 O OE2 . GLU B 1 82 ? 7.572   5.088   -4.661  1.00 33.81 ? 82  GLU D OE2 1 
ATOM   1176 N N   . VAL B 1 83 ? 5.669   4.638   0.461   1.00 20.37 ? 83  VAL D N   1 
ATOM   1177 C CA  . VAL B 1 83 ? 4.290   5.076   0.573   1.00 18.98 ? 83  VAL D CA  1 
ATOM   1178 C C   . VAL B 1 83 ? 3.764   5.465   -0.813  1.00 19.84 ? 83  VAL D C   1 
ATOM   1179 O O   . VAL B 1 83 ? 4.393   6.251   -1.519  1.00 20.45 ? 83  VAL D O   1 
ATOM   1180 C CB  . VAL B 1 83 ? 4.145   6.246   1.587   1.00 19.49 ? 83  VAL D CB  1 
ATOM   1181 C CG1 . VAL B 1 83 ? 2.722   6.792   1.586   1.00 20.46 ? 83  VAL D CG1 1 
ATOM   1182 C CG2 . VAL B 1 83 ? 4.518   5.757   3.007   1.00 19.91 ? 83  VAL D CG2 1 
ATOM   1183 N N   . CYS B 1 84 ? 2.628   4.916   -1.191  1.00 19.73 ? 84  CYS D N   1 
ATOM   1184 C CA  . CYS B 1 84 ? 2.026   5.328   -2.486  1.00 19.78 ? 84  CYS D CA  1 
ATOM   1185 C C   . CYS B 1 84 ? 0.535   5.519   -2.393  1.00 19.47 ? 84  CYS D C   1 
ATOM   1186 O O   . CYS B 1 84 ? -0.108  5.103   -1.435  1.00 19.04 ? 84  CYS D O   1 
ATOM   1187 C CB  . CYS B 1 84 ? 2.444   4.431   -3.667  1.00 21.29 ? 84  CYS D CB  1 
ATOM   1188 S SG  . CYS B 1 84 ? 1.481   2.938   -3.999  1.00 23.78 ? 84  CYS D SG  1 
ATOM   1189 N N   . TYR B 1 85 ? -0.004  6.127   -3.452  1.00 19.23 ? 85  TYR D N   1 
ATOM   1190 C CA  . TYR B 1 85 ? -1.376  6.581   -3.473  1.00 19.93 ? 85  TYR D CA  1 
ATOM   1191 C C   . TYR B 1 85 ? -1.969  6.270   -4.829  1.00 20.58 ? 85  TYR D C   1 
ATOM   1192 O O   . TYR B 1 85 ? -1.258  6.251   -5.827  1.00 21.61 ? 85  TYR D O   1 
ATOM   1193 C CB  . TYR B 1 85 ? -1.377  8.097   -3.377  1.00 21.18 ? 85  TYR D CB  1 
ATOM   1194 C CG  . TYR B 1 85 ? -0.919  8.652   -2.055  1.00 21.26 ? 85  TYR D CG  1 
ATOM   1195 C CD1 . TYR B 1 85 ? 0.404   9.016   -1.850  1.00 24.61 ? 85  TYR D CD1 1 
ATOM   1196 C CD2 . TYR B 1 85 ? -1.847  8.895   -1.043  1.00 23.44 ? 85  TYR D CD2 1 
ATOM   1197 C CE1 . TYR B 1 85 ? 0.822   9.561   -0.603  1.00 22.02 ? 85  TYR D CE1 1 
ATOM   1198 C CE2 . TYR B 1 85 ? -1.448  9.431   0.176   1.00 24.51 ? 85  TYR D CE2 1 
ATOM   1199 C CZ  . TYR B 1 85 ? -0.126  9.795   0.371   1.00 22.69 ? 85  TYR D CZ  1 
ATOM   1200 O OH  . TYR B 1 85 ? 0.204   10.338  1.620   1.00 25.07 ? 85  TYR D OH  1 
ATOM   1201 N N   . ARG B 1 86 ? -3.269  6.030   -4.838  1.00 22.74 ? 86  ARG D N   1 
ATOM   1202 C CA  . ARG B 1 86 ? -4.026  6.031   -6.086  1.00 25.36 ? 86  ARG D CA  1 
ATOM   1203 C C   . ARG B 1 86 ? -4.757  7.376   -6.187  1.00 27.89 ? 86  ARG D C   1 
ATOM   1204 O O   . ARG B 1 86 ? -5.478  7.755   -5.276  1.00 27.15 ? 86  ARG D O   1 
ATOM   1205 C CB  . ARG B 1 86 ? -5.031  4.899   -6.086  1.00 24.84 ? 86  ARG D CB  1 
ATOM   1206 C CG  . ARG B 1 86 ? -5.937  4.910   -7.326  1.00 27.31 ? 86  ARG D CG  1 
ATOM   1207 C CD  . ARG B 1 86 ? -6.733  3.640   -7.449  1.00 27.35 ? 86  ARG D CD  1 
ATOM   1208 N NE  . ARG B 1 86 ? -7.869  3.574   -6.529  1.00 29.58 ? 86  ARG D NE  1 
ATOM   1209 C CZ  . ARG B 1 86 ? -8.995  4.274   -6.672  1.00 32.92 ? 86  ARG D CZ  1 
ATOM   1210 N NH1 . ARG B 1 86 ? -9.130  5.137   -7.675  1.00 32.74 ? 86  ARG D NH1 1 
ATOM   1211 N NH2 . ARG B 1 86 ? -9.975  4.141   -5.790  1.00 34.85 ? 86  ARG D NH2 1 
ATOM   1212 N N   . ARG B 1 87 ? -4.561  8.107   -7.281  1.00 32.37 ? 87  ARG D N   1 
ATOM   1213 C CA  . ARG B 1 87 ? -5.384  9.306   -7.516  1.00 36.84 ? 87  ARG D CA  1 
ATOM   1214 C C   . ARG B 1 87 ? -6.701  8.859   -8.172  1.00 38.86 ? 87  ARG D C   1 
ATOM   1215 O O   . ARG B 1 87 ? -6.716  7.836   -8.855  1.00 39.96 ? 87  ARG D O   1 
ATOM   1216 C CB  . ARG B 1 87 ? -4.628  10.315  -8.374  1.00 37.19 ? 87  ARG D CB  1 
ATOM   1217 C CG  . ARG B 1 87 ? -3.407  10.909  -7.673  1.00 40.70 ? 87  ARG D CG  1 
ATOM   1218 C CD  . ARG B 1 87 ? -2.970  12.204  -8.322  1.00 46.10 ? 87  ARG D CD  1 
ATOM   1219 N NE  . ARG B 1 87 ? -2.751  12.041  -9.759  1.00 49.20 ? 87  ARG D NE  1 
ATOM   1220 C CZ  . ARG B 1 87 ? -1.938  12.795  -10.494 1.00 50.79 ? 87  ARG D CZ  1 
ATOM   1221 N NH1 . ARG B 1 87 ? -1.237  13.776  -9.932  1.00 51.36 ? 87  ARG D NH1 1 
ATOM   1222 N NH2 . ARG B 1 87 ? -1.817  12.554  -11.796 1.00 51.26 ? 87  ARG D NH2 1 
ATOM   1223 N N   . ASN B 1 88 ? -7.817  9.572   -7.992  1.00 41.84 ? 88  ASN D N   1 
ATOM   1224 C CA  . ASN B 1 88 ? -7.931  10.868  -7.353  1.00 43.85 ? 88  ASN D CA  1 
ATOM   1225 C C   . ASN B 1 88 ? -9.280  10.959  -6.642  1.00 44.50 ? 88  ASN D C   1 
ATOM   1226 O O   . ASN B 1 88 ? -9.740  12.044  -6.293  1.00 45.37 ? 88  ASN D O   1 
ATOM   1227 C CB  . ASN B 1 88 ? -7.860  11.958  -8.428  1.00 44.82 ? 88  ASN D CB  1 
ATOM   1228 C CG  . ASN B 1 88 ? -8.616  11.571  -9.689  1.00 46.54 ? 88  ASN D CG  1 
ATOM   1229 O OD1 . ASN B 1 88 ? -9.690  10.964  -9.619  1.00 50.20 ? 88  ASN D OD1 1 
ATOM   1230 N ND2 . ASN B 1 88 ? -8.045  11.894  -10.848 1.00 48.86 ? 88  ASN D ND2 1 
HETATM 1231 O O   . HOH C 2 .  ? 4.165   -1.201  10.258  1.00 17.43 ? 101 HOH A O   1 
HETATM 1232 O O   . HOH C 2 .  ? -4.184  14.218  19.975  1.00 19.15 ? 102 HOH A O   1 
HETATM 1233 O O   . HOH C 2 .  ? -2.716  -6.575  24.820  1.00 45.52 ? 103 HOH A O   1 
HETATM 1234 O O   . HOH C 2 .  ? 4.960   10.393  19.420  1.00 22.59 ? 104 HOH A O   1 
HETATM 1235 O O   . HOH C 2 .  ? -9.738  -9.031  7.150   1.00 46.28 ? 105 HOH A O   1 
HETATM 1236 O O   . HOH C 2 .  ? -2.664  17.707  2.674   1.00 44.24 ? 106 HOH A O   1 
HETATM 1237 O O   . HOH C 2 .  ? -0.232  16.967  2.579   1.00 56.35 ? 107 HOH A O   1 
HETATM 1238 O O   . HOH C 2 .  ? -4.412  -13.932 9.413   1.00 42.09 ? 108 HOH A O   1 
HETATM 1239 O O   . HOH C 2 .  ? -12.636 13.243  11.372  1.00 47.13 ? 109 HOH A O   1 
HETATM 1240 O O   . HOH C 2 .  ? -5.478  16.405  3.069   1.00 36.79 ? 110 HOH A O   1 
HETATM 1241 O O   . HOH C 2 .  ? -1.156  8.428   7.069   1.00 21.84 ? 111 HOH A O   1 
HETATM 1242 O O   . HOH C 2 .  ? 7.228   2.288   17.914  1.00 42.48 ? 112 HOH A O   1 
HETATM 1243 O O   . HOH C 2 .  ? -5.168  -2.673  6.331   1.00 45.41 ? 113 HOH A O   1 
HETATM 1244 O O   . HOH C 2 .  ? -2.864  15.432  4.298   1.00 40.52 ? 114 HOH A O   1 
HETATM 1245 O O   . HOH C 2 .  ? -15.454 7.184   6.323   1.00 53.32 ? 115 HOH A O   1 
HETATM 1246 O O   . HOH C 2 .  ? -6.993  -3.151  15.979  1.00 38.76 ? 116 HOH A O   1 
HETATM 1247 O O   . HOH C 2 .  ? -2.883  -14.964 5.164   1.00 26.19 ? 117 HOH A O   1 
HETATM 1248 O O   . HOH C 2 .  ? -2.990  -1.642  7.420   1.00 19.97 ? 118 HOH A O   1 
HETATM 1249 O O   . HOH C 2 .  ? -12.498 -15.593 0.901   1.00 45.89 ? 119 HOH A O   1 
HETATM 1250 O O   . HOH C 2 .  ? 7.738   -2.491  17.367  1.00 39.65 ? 120 HOH A O   1 
HETATM 1251 O O   . HOH C 2 .  ? -2.223  -13.938 19.273  1.00 56.35 ? 121 HOH A O   1 
HETATM 1252 O O   . HOH C 2 .  ? -7.513  18.592  7.909   1.00 43.10 ? 122 HOH A O   1 
HETATM 1253 O O   . HOH C 2 .  ? 3.990   -11.013 17.826  1.00 39.46 ? 123 HOH A O   1 
HETATM 1254 O O   . HOH C 2 .  ? -11.499 -1.585  9.999   1.00 41.59 ? 124 HOH A O   1 
HETATM 1255 O O   . HOH C 2 .  ? 12.183  7.644   9.632   1.00 44.15 ? 125 HOH A O   1 
HETATM 1256 O O   . HOH C 2 .  ? -13.791 8.368   4.557   1.00 50.28 ? 126 HOH A O   1 
HETATM 1257 O O   . HOH C 2 .  ? -9.966  -12.434 4.380   1.00 51.14 ? 127 HOH A O   1 
HETATM 1258 O O   . HOH C 2 .  ? 7.390   -7.057  8.881   1.00 24.21 ? 128 HOH A O   1 
HETATM 1259 O O   . HOH C 2 .  ? 3.927   5.767   11.993  1.00 25.11 ? 129 HOH A O   1 
HETATM 1260 O O   . HOH C 2 .  ? -1.603  0.208   22.696  1.00 22.52 ? 130 HOH A O   1 
HETATM 1261 O O   . HOH C 2 .  ? -1.330  -9.583  25.133  1.00 53.81 ? 131 HOH A O   1 
HETATM 1262 O O   . HOH C 2 .  ? 5.208   9.981   1.843   1.00 43.33 ? 132 HOH A O   1 
HETATM 1263 O O   . HOH C 2 .  ? 4.260   14.727  16.479  1.00 41.44 ? 133 HOH A O   1 
HETATM 1264 O O   . HOH C 2 .  ? -4.190  0.110   23.320  1.00 32.49 ? 134 HOH A O   1 
HETATM 1265 O O   . HOH C 2 .  ? -5.936  -3.369  13.597  1.00 27.74 ? 135 HOH A O   1 
HETATM 1266 O O   . HOH C 2 .  ? 0.517   -13.775 -10.699 1.00 67.45 ? 136 HOH A O   1 
HETATM 1267 O O   . HOH C 2 .  ? -5.506  -2.843  -0.642  1.00 39.10 ? 137 HOH A O   1 
HETATM 1268 O O   . HOH C 2 .  ? 6.226   0.625   10.900  1.00 25.35 ? 138 HOH A O   1 
HETATM 1269 O O   . HOH C 2 .  ? 7.433   8.912   15.946  1.00 37.33 ? 139 HOH A O   1 
HETATM 1270 O O   . HOH C 2 .  ? -8.564  -13.575 -4.740  1.00 43.28 ? 140 HOH A O   1 
HETATM 1271 O O   . HOH C 2 .  ? -6.219  2.108   23.851  1.00 41.63 ? 141 HOH A O   1 
HETATM 1272 O O   . HOH C 2 .  ? 8.493   -11.951 11.581  1.00 36.15 ? 142 HOH A O   1 
HETATM 1273 O O   . HOH C 2 .  ? 0.639   -11.603 11.978  1.00 25.49 ? 143 HOH A O   1 
HETATM 1274 O O   . HOH C 2 .  ? 1.676   -7.010  24.384  1.00 48.16 ? 144 HOH A O   1 
HETATM 1275 O O   . HOH C 2 .  ? -8.363  -3.992  11.679  1.00 42.99 ? 145 HOH A O   1 
HETATM 1276 O O   . HOH C 2 .  ? -4.504  12.846  11.251  1.00 26.95 ? 146 HOH A O   1 
HETATM 1277 O O   . HOH C 2 .  ? 5.713   0.356   23.205  1.00 27.51 ? 147 HOH A O   1 
HETATM 1278 O O   . HOH C 2 .  ? -8.751  -2.941  9.316   1.00 28.23 ? 148 HOH A O   1 
HETATM 1279 O O   . HOH C 2 .  ? -5.379  11.831  20.524  1.00 21.59 ? 149 HOH A O   1 
HETATM 1280 O O   . HOH C 2 .  ? -4.534  22.581  5.476   1.00 56.29 ? 150 HOH A O   1 
HETATM 1281 O O   . HOH C 2 .  ? 6.125   -1.420  25.289  1.00 35.97 ? 151 HOH A O   1 
HETATM 1282 O O   . HOH C 2 .  ? -2.401  -16.012 10.519  1.00 44.94 ? 152 HOH A O   1 
HETATM 1283 O O   . HOH C 2 .  ? 8.326   -6.686  21.997  1.00 49.45 ? 153 HOH A O   1 
HETATM 1284 O O   . HOH C 2 .  ? -13.575 3.292   -0.558  1.00 61.16 ? 154 HOH A O   1 
HETATM 1285 O O   . HOH C 2 .  ? -12.076 -2.355  7.509   1.00 74.58 ? 155 HOH A O   1 
HETATM 1286 O O   . HOH C 2 .  ? -3.613  -11.216 23.249  1.00 51.23 ? 156 HOH A O   1 
HETATM 1287 O O   . HOH C 2 .  ? -13.513 -4.764  7.136   1.00 62.48 ? 157 HOH A O   1 
HETATM 1288 O O   . HOH C 2 .  ? 3.964   -2.744  26.707  1.00 46.10 ? 158 HOH A O   1 
HETATM 1289 O O   . HOH C 2 .  ? 11.044  9.867   10.681  1.00 58.49 ? 159 HOH A O   1 
HETATM 1290 O O   . HOH C 2 .  ? 3.379   12.392  7.890   1.00 29.73 ? 160 HOH A O   1 
HETATM 1291 O O   . HOH C 2 .  ? 3.717   7.380   14.225  1.00 25.01 ? 161 HOH A O   1 
HETATM 1292 O O   . HOH C 2 .  ? -11.082 16.869  14.188  1.00 59.33 ? 162 HOH A O   1 
HETATM 1293 O O   . HOH C 2 .  ? -7.526  -4.488  7.065   1.00 38.12 ? 163 HOH A O   1 
HETATM 1294 O O   . HOH C 2 .  ? 5.021   -14.542 10.603  1.00 33.92 ? 164 HOH A O   1 
HETATM 1295 O O   . HOH C 2 .  ? -6.065  -0.790  20.943  1.00 36.54 ? 165 HOH A O   1 
HETATM 1296 O O   . HOH C 2 .  ? -14.113 -11.552 0.377   1.00 52.43 ? 166 HOH A O   1 
HETATM 1297 O O   . HOH C 2 .  ? -5.367  -1.624  3.593   1.00 35.21 ? 167 HOH A O   1 
HETATM 1298 O O   . HOH C 2 .  ? 5.962   17.374  9.047   1.00 56.43 ? 168 HOH A O   1 
HETATM 1299 O O   . HOH C 2 .  ? -5.815  -15.141 -13.410 1.00 57.34 ? 169 HOH A O   1 
HETATM 1300 O O   . HOH C 2 .  ? 5.309   12.372  15.271  1.00 37.60 ? 170 HOH A O   1 
HETATM 1301 O O   . HOH C 2 .  ? -3.942  2.792   28.421  1.00 37.49 ? 171 HOH A O   1 
HETATM 1302 O O   . HOH C 2 .  ? 3.082   18.692  9.933   1.00 51.74 ? 172 HOH A O   1 
HETATM 1303 O O   . HOH C 2 .  ? 2.002   -6.747  21.735  1.00 30.11 ? 173 HOH A O   1 
HETATM 1304 O O   . HOH C 2 .  ? -6.254  15.963  17.415  1.00 26.92 ? 174 HOH A O   1 
HETATM 1305 O O   . HOH C 2 .  ? 3.000   12.995  3.783   1.00 44.82 ? 175 HOH A O   1 
HETATM 1306 O O   . HOH C 2 .  ? -6.912  -7.798  16.078  1.00 59.64 ? 176 HOH A O   1 
HETATM 1307 O O   . HOH C 2 .  ? 3.014   18.797  6.765   1.00 63.86 ? 177 HOH A O   1 
HETATM 1308 O O   . HOH C 2 .  ? -13.743 8.098   -0.174  1.00 43.09 ? 178 HOH A O   1 
HETATM 1309 O O   . HOH C 2 .  ? -10.476 14.184  7.278   1.00 42.02 ? 179 HOH A O   1 
HETATM 1310 O O   . HOH C 2 .  ? -14.117 5.769   0.051   1.00 40.41 ? 180 HOH A O   1 
HETATM 1311 O O   . HOH C 2 .  ? -9.467  -13.181 17.192  1.00 64.61 ? 181 HOH A O   1 
HETATM 1312 O O   . HOH C 2 .  ? -5.027  20.580  10.174  1.00 58.01 ? 182 HOH A O   1 
HETATM 1313 O O   . HOH C 2 .  ? 2.744   10.400  2.944   1.00 31.67 ? 183 HOH A O   1 
HETATM 1314 O O   . HOH C 2 .  ? -10.393 -8.115  10.343  1.00 50.10 ? 184 HOH A O   1 
HETATM 1315 O O   . HOH C 2 .  ? -9.583  16.605  7.007   1.00 52.08 ? 185 HOH A O   1 
HETATM 1316 O O   . HOH C 2 .  ? 5.025   10.029  16.589  1.00 27.25 ? 186 HOH A O   1 
HETATM 1317 O O   . HOH C 2 .  ? -12.792 14.835  8.617   1.00 49.79 ? 187 HOH A O   1 
HETATM 1318 O O   . HOH C 2 .  ? 1.592   -11.690 21.473  1.00 52.59 ? 188 HOH A O   1 
HETATM 1319 O O   . HOH C 2 .  ? 0.994   18.382  14.349  1.00 38.09 ? 189 HOH A O   1 
HETATM 1320 O O   . HOH C 2 .  ? 9.451   1.499   13.492  1.00 30.65 ? 190 HOH A O   1 
HETATM 1321 O O   . HOH C 2 .  ? -5.020  -14.707 -15.959 1.00 50.11 ? 191 HOH A O   1 
HETATM 1322 O O   . HOH C 2 .  ? -10.340 2.348   15.678  1.00 35.65 ? 192 HOH A O   1 
HETATM 1323 O O   . HOH C 2 .  ? -8.112  -6.750  10.649  1.00 40.69 ? 193 HOH A O   1 
HETATM 1324 O O   . HOH C 2 .  ? -6.356  0.029   27.047  1.00 49.02 ? 194 HOH A O   1 
HETATM 1325 O O   . HOH C 2 .  ? 0.405   18.771  9.730   1.00 67.03 ? 195 HOH A O   1 
HETATM 1326 O O   . HOH C 2 .  ? -10.083 -6.375  4.907   1.00 45.65 ? 196 HOH A O   1 
HETATM 1327 O O   . HOH C 2 .  ? 8.510   5.034   18.666  1.00 47.37 ? 197 HOH A O   1 
HETATM 1328 O O   . HOH C 2 .  ? 1.860   -14.245 9.832   1.00 47.92 ? 198 HOH A O   1 
HETATM 1329 O O   . HOH C 2 .  ? -11.165 -10.511 11.355  1.00 51.57 ? 199 HOH A O   1 
HETATM 1330 O O   . HOH C 2 .  ? 3.982   14.248  6.165   1.00 60.30 ? 200 HOH A O   1 
HETATM 1331 O O   . HOH C 2 .  ? -8.354  1.637   18.816  1.00 56.70 ? 201 HOH A O   1 
HETATM 1332 O O   . HOH C 2 .  ? 5.155   -2.159  18.707  1.00 37.73 ? 202 HOH A O   1 
HETATM 1333 O O   . HOH C 2 .  ? -1.626  13.723  20.350  1.00 33.95 ? 203 HOH A O   1 
HETATM 1334 O O   . HOH C 2 .  ? -9.814  14.924  3.577   1.00 40.70 ? 204 HOH A O   1 
HETATM 1335 O O   . HOH C 2 .  ? 2.438   -9.336  20.269  1.00 47.41 ? 205 HOH A O   1 
HETATM 1336 O O   . HOH C 2 .  ? -3.825  -13.508 17.419  1.00 49.42 ? 206 HOH A O   1 
HETATM 1337 O O   . HOH C 2 .  ? -5.303  20.109  7.117   1.00 50.10 ? 207 HOH A O   1 
HETATM 1338 O O   . HOH C 2 .  ? -2.001  13.567  24.248  1.00 25.49 ? 208 HOH A O   1 
HETATM 1339 O O   . HOH C 2 .  ? 6.258   -0.960  20.834  1.00 38.24 ? 209 HOH A O   1 
HETATM 1340 O O   . HOH C 2 .  ? -5.208  -9.679  -12.280 1.00 62.11 ? 210 HOH A O   1 
HETATM 1341 O O   . HOH C 2 .  ? -3.831  -17.648 -13.379 1.00 58.66 ? 211 HOH A O   1 
HETATM 1342 O O   . HOH C 2 .  ? -12.377 -14.730 -5.078  1.00 57.63 ? 212 HOH A O   1 
HETATM 1343 O O   . HOH D 2 .  ? 12.264  -0.967  -8.007  1.00 43.59 ? 101 HOH D O   1 
HETATM 1344 O O   . HOH D 2 .  ? -4.796  -4.680  -19.035 1.00 47.43 ? 102 HOH D O   1 
HETATM 1345 O O   . HOH D 2 .  ? -5.804  -7.630  -32.358 1.00 45.44 ? 103 HOH D O   1 
HETATM 1346 O O   . HOH D 2 .  ? -3.275  -9.680  -20.468 1.00 57.71 ? 104 HOH D O   1 
HETATM 1347 O O   . HOH D 2 .  ? 1.592   -3.371  2.004   1.00 25.31 ? 105 HOH D O   1 
HETATM 1348 O O   . HOH D 2 .  ? 15.706  -3.694  -20.522 1.00 53.27 ? 106 HOH D O   1 
HETATM 1349 O O   . HOH D 2 .  ? -4.556  5.629   -2.323  1.00 20.44 ? 107 HOH D O   1 
HETATM 1350 O O   . HOH D 2 .  ? 7.528   6.710   1.404   1.00 24.55 ? 108 HOH D O   1 
HETATM 1351 O O   . HOH D 2 .  ? 9.206   -7.205  -18.247 1.00 27.41 ? 109 HOH D O   1 
HETATM 1352 O O   . HOH D 2 .  ? -1.828  -1.672  -32.438 1.00 40.74 ? 110 HOH D O   1 
HETATM 1353 O O   . HOH D 2 .  ? 8.750   -8.850  5.350   1.00 38.36 ? 111 HOH D O   1 
HETATM 1354 O O   . HOH D 2 .  ? 7.107   2.713   -13.728 1.00 25.03 ? 112 HOH D O   1 
HETATM 1355 O O   . HOH D 2 .  ? -4.352  -8.388  -26.858 1.00 36.73 ? 113 HOH D O   1 
HETATM 1356 O O   . HOH D 2 .  ? 9.035   -5.246  -2.373  1.00 23.24 ? 114 HOH D O   1 
HETATM 1357 O O   . HOH D 2 .  ? 12.014  2.466   -14.359 1.00 31.51 ? 115 HOH D O   1 
HETATM 1358 O O   . HOH D 2 .  ? 9.111   4.283   -7.776  1.00 58.52 ? 116 HOH D O   1 
HETATM 1359 O O   . HOH D 2 .  ? 12.952  -6.168  -21.859 1.00 39.16 ? 117 HOH D O   1 
HETATM 1360 O O   . HOH D 2 .  ? 0.519   -0.988  -14.793 1.00 30.79 ? 119 HOH D O   1 
HETATM 1361 O O   . HOH D 2 .  ? 2.459   -6.407  -10.293 1.00 27.38 ? 120 HOH D O   1 
HETATM 1362 O O   . HOH D 2 .  ? 9.505   -5.671  -23.121 1.00 42.43 ? 121 HOH D O   1 
HETATM 1363 O O   . HOH D 2 .  ? -1.714  -12.050 -18.425 1.00 63.48 ? 122 HOH D O   1 
HETATM 1364 O O   . HOH D 2 .  ? -5.906  -1.077  -20.925 1.00 51.30 ? 124 HOH D O   1 
HETATM 1365 O O   . HOH D 2 .  ? 14.586  7.011   -8.630  1.00 63.55 ? 125 HOH D O   1 
HETATM 1366 O O   . HOH D 2 .  ? -10.231 9.235   0.168   1.00 41.36 ? 126 HOH D O   1 
HETATM 1367 O O   . HOH D 2 .  ? 6.570   7.863   -1.192  1.00 38.79 ? 127 HOH D O   1 
HETATM 1368 O O   . HOH D 2 .  ? 14.350  -10.273 -16.708 1.00 47.82 ? 128 HOH D O   1 
HETATM 1369 O O   . HOH D 2 .  ? -13.482 -0.551  -8.914  1.00 53.50 ? 129 HOH D O   1 
HETATM 1370 O O   . HOH D 2 .  ? -6.254  13.475  -6.086  1.00 64.41 ? 130 HOH D O   1 
HETATM 1371 O O   . HOH D 2 .  ? 12.931  0.634   -18.174 1.00 53.79 ? 131 HOH D O   1 
HETATM 1372 O O   . HOH D 2 .  ? 5.337   0.387   7.344   1.00 31.36 ? 132 HOH D O   1 
HETATM 1373 O O   . HOH D 2 .  ? -7.721  -0.093  2.210   1.00 37.90 ? 133 HOH D O   1 
HETATM 1374 O O   . HOH D 2 .  ? -3.704  4.744   -13.416 1.00 41.52 ? 134 HOH D O   1 
HETATM 1375 O O   . HOH D 2 .  ? -6.033  -8.401  -18.091 1.00 47.81 ? 135 HOH D O   1 
HETATM 1376 O O   . HOH D 2 .  ? 0.660   -2.522  -28.731 1.00 41.03 ? 136 HOH D O   1 
HETATM 1377 O O   . HOH D 2 .  ? 4.779   -12.254 -20.092 1.00 61.35 ? 137 HOH D O   1 
HETATM 1378 O O   . HOH D 2 .  ? -6.946  -6.622  -14.932 1.00 52.24 ? 138 HOH D O   1 
HETATM 1379 O O   . HOH D 2 .  ? -0.055  -0.912  -30.757 1.00 49.83 ? 139 HOH D O   1 
HETATM 1380 O O   . HOH D 2 .  ? 8.061   -7.254  -0.916  1.00 42.46 ? 140 HOH D O   1 
HETATM 1381 O O   . HOH D 2 .  ? -2.981  6.593   -9.600  1.00 39.71 ? 141 HOH D O   1 
HETATM 1382 O O   . HOH D 2 .  ? 10.897  4.564   -5.838  1.00 43.02 ? 142 HOH D O   1 
HETATM 1383 O O   . HOH D 2 .  ? -13.291 12.619  -9.051  1.00 53.34 ? 143 HOH D O   1 
HETATM 1384 O O   . HOH D 2 .  ? -1.352  -2.892  -15.901 1.00 42.58 ? 144 HOH D O   1 
HETATM 1385 O O   . HOH D 2 .  ? 10.605  -13.284 -14.496 1.00 43.69 ? 145 HOH D O   1 
HETATM 1386 O O   . HOH D 2 .  ? 10.473  -9.821  2.102   1.00 48.20 ? 146 HOH D O   1 
HETATM 1387 O O   . HOH D 2 .  ? 6.128   6.293   -7.717  1.00 35.57 ? 147 HOH D O   1 
HETATM 1388 O O   . HOH D 2 .  ? -4.159  -7.989  -10.548 1.00 35.97 ? 148 HOH D O   1 
HETATM 1389 O O   . HOH D 2 .  ? 3.885   -5.405  5.503   1.00 53.10 ? 149 HOH D O   1 
HETATM 1390 O O   . HOH D 2 .  ? 8.744   4.936   -11.807 1.00 45.48 ? 150 HOH D O   1 
HETATM 1391 O O   . HOH D 2 .  ? -11.075 -2.227  5.062   1.00 47.57 ? 151 HOH D O   1 
HETATM 1392 O O   . HOH D 2 .  ? -11.698 5.647   -3.409  1.00 38.80 ? 152 HOH D O   1 
HETATM 1393 O O   . HOH D 2 .  ? 8.577   9.253   -2.664  1.00 45.36 ? 153 HOH D O   1 
HETATM 1394 O O   . HOH D 2 .  ? 14.128  -0.042  -3.637  1.00 28.93 ? 154 HOH D O   1 
HETATM 1395 O O   . HOH D 2 .  ? 13.380  0.701   -6.157  1.00 40.27 ? 155 HOH D O   1 
HETATM 1396 O O   . HOH D 2 .  ? 8.339   -11.420 4.555   1.00 41.90 ? 156 HOH D O   1 
HETATM 1397 O O   . HOH D 2 .  ? 14.898  -1.047  -17.662 1.00 50.33 ? 157 HOH D O   1 
HETATM 1398 O O   . HOH D 2 .  ? -10.415 -0.747  3.167   1.00 72.17 ? 158 HOH D O   1 
HETATM 1399 O O   . HOH D 2 .  ? 10.044  -7.566  3.421   1.00 28.72 ? 159 HOH D O   1 
HETATM 1400 O O   . HOH D 2 .  ? -10.084 -4.161  -0.797  1.00 48.72 ? 160 HOH D O   1 
HETATM 1401 O O   . HOH D 2 .  ? 1.941   -10.160 -15.366 1.00 69.30 ? 161 HOH D O   1 
HETATM 1402 O O   . HOH D 2 .  ? -2.724  -8.810  -14.628 1.00 54.20 ? 162 HOH D O   1 
HETATM 1403 O O   . HOH D 2 .  ? -3.621  -7.578  -7.727  1.00 45.33 ? 163 HOH D O   1 
HETATM 1404 O O   . HOH D 2 .  ? -2.355  -6.779  -12.982 1.00 40.57 ? 164 HOH D O   1 
HETATM 1405 O O   . HOH D 2 .  ? -11.400 0.898   -3.557  1.00 49.42 ? 165 HOH D O   1 
HETATM 1406 O O   . HOH D 2 .  ? 10.571  1.587   -18.776 1.00 47.49 ? 166 HOH D O   1 
HETATM 1407 O O   . HOH D 2 .  ? -10.138 1.965   3.385   1.00 56.19 ? 167 HOH D O   1 
HETATM 1408 O O   . HOH D 2 .  ? -2.070  -10.277 -26.939 1.00 43.16 ? 168 HOH D O   1 
HETATM 1409 O O   . HOH D 2 .  ? -11.782 1.281   -7.811  1.00 57.76 ? 169 HOH D O   1 
HETATM 1410 O O   . HOH D 2 .  ? 15.337  -7.391  -22.262 1.00 59.88 ? 170 HOH D O   1 
HETATM 1411 O O   . HOH D 2 .  ? -12.711 -2.924  -1.201  1.00 63.99 ? 172 HOH D O   1 
HETATM 1412 O O   . HOH D 2 .  ? 14.487  2.806   -11.754 1.00 67.17 ? 173 HOH D O   1 
HETATM 1413 O O   . HOH D 2 .  ? -6.672  -9.236  -20.394 1.00 57.17 ? 174 HOH D O   1 
HETATM 1414 O O   . HOH D 2 .  ? 7.839   3.310   -16.339 1.00 55.09 ? 175 HOH D O   1 
HETATM 1415 O O   . HOH D 2 .  ? -11.034 13.834  -9.711  1.00 50.37 ? 180 HOH D O   1 
HETATM 1416 O O   . HOH D 2 .  ? 2.841   -3.506  4.453   1.00 51.06 ? 183 HOH D O   1 
HETATM 1417 O O   . HOH D 2 .  ? 1.674   7.220   -25.728 1.00 45.22 ? 185 HOH D O   1 
HETATM 1418 O O   . HOH D 2 .  ? 11.042  5.058   -12.574 1.00 53.89 ? 186 HOH D O   1 
# 
